data_4FIP
#
_entry.id   4FIP
#
_cell.length_a   75.973
_cell.length_b   79.975
_cell.length_c   274.259
_cell.angle_alpha   90.00
_cell.angle_beta   90.00
_cell.angle_gamma   90.00
#
_symmetry.space_group_name_H-M   'P 21 21 21'
#
loop_
_entity.id
_entity.type
_entity.pdbx_description
1 polymer 'Ubiquitin carboxyl-terminal hydrolase 8'
2 polymer 'Protein SUS1'
3 polymer 'SAGA-associated factor 11'
4 polymer 'SAGA-associated factor 73'
5 non-polymer 'ZINC ION'
6 water water
#
loop_
_entity_poly.entity_id
_entity_poly.type
_entity_poly.pdbx_seq_one_letter_code
_entity_poly.pdbx_strand_id
1 'polypeptide(L)'
;GAAAAMSICPHIQQVFQNEKSKDGVLKTCNAARYILNHSVPKEKFLNTMKCGTCHEINSGATFMCLQCGFCGCWNHSHFL
SHSKQIGHIFGINSNNGLLFCFKCEDYIGNIDLINDAILAKYWDDVCTKTMVPSMERRDGLSGLINMGNTCFMSSILQCL
IHNPYFIRHSMSQIHSNNCKVRSPDKCFSCALDKIVHELYGALNTKQASSSSTSTNRQTGFIYLLTCAWKINQNLAGYSQ
QDAHEFWQFIINQIHQSYVLDLPNAKEVSRANNKQCECIVHTVFEGSLESSIVCPGCQNNSKTTIDPFLDLSLDIKDKKK
LYECLDSFHKKEQLKDFNYHCGECNSTQDAIKQLGIHKLPSVLVLQLKRFEHLLNGSNRKLDDFIEFPTYLNMKNYCSTK
EKDKHSENGKVPDIIYELIGIVSHKGTVNEGHYIAFCKISGGQWFKFNDSMVSSISQEEVLKEQAYLLFYTIRQVN
;
A,E
2 'polypeptide(L)'
;MTMDTAQLKSQIQQYLVESGNYELISNELKARLLQEGWVDKVKDLTKSEMNINESTNFTQILSTVEPKALEMVSDSTRET
VLKQIREFLEEIVDTQ
;
B,F
3 'polypeptide(L)' MTEETITIDSISNGILNNLLTTLIQDIVARETTQQQLLKTRYPDLRSYYFDPNGSLDINGLQKQQESSQYIH C,G
4 'polypeptide(L)'
;MRSGDAEIKGIKPKVIEEYSLSQGSGPSNDSWKSLMSSAKDTPLQYDHMNRESLKKYFNPNAQLIEDPLDKPIQYRVCEK
CGKPLALTAIVDHLEN
;
D,H
#
loop_
_chem_comp.id
_chem_comp.type
_chem_comp.name
_chem_comp.formula
ZN non-polymer 'ZINC ION' 'Zn 2'
#
# COMPACT_ATOMS: atom_id res chain seq x y z
N ALA A 5 -12.20 -45.69 -9.57
CA ALA A 5 -12.03 -44.46 -10.38
C ALA A 5 -13.11 -44.41 -11.47
N MET A 6 -13.51 -43.20 -11.85
CA MET A 6 -14.56 -42.97 -12.86
C MET A 6 -14.18 -43.47 -14.28
N SER A 7 -15.13 -44.06 -15.01
CA SER A 7 -14.87 -44.69 -16.32
C SER A 7 -15.37 -43.93 -17.58
N ILE A 8 -14.90 -44.39 -18.74
CA ILE A 8 -15.09 -43.77 -20.04
C ILE A 8 -15.84 -44.71 -20.98
N CYS A 9 -16.76 -44.19 -21.78
CA CYS A 9 -17.51 -45.02 -22.72
C CYS A 9 -16.59 -45.94 -23.52
N PRO A 10 -16.65 -47.25 -23.27
CA PRO A 10 -15.78 -48.17 -24.04
C PRO A 10 -16.05 -48.19 -25.55
N HIS A 11 -17.30 -47.95 -25.92
CA HIS A 11 -17.68 -47.91 -27.34
C HIS A 11 -17.02 -46.77 -28.04
N ILE A 12 -17.04 -45.58 -27.44
CA ILE A 12 -16.43 -44.46 -28.12
C ILE A 12 -14.91 -44.63 -28.15
N GLN A 13 -14.32 -45.28 -27.16
CA GLN A 13 -12.88 -45.52 -27.14
C GLN A 13 -12.55 -46.53 -28.21
N GLN A 14 -13.47 -47.47 -28.36
CA GLN A 14 -13.38 -48.52 -29.34
C GLN A 14 -13.30 -47.91 -30.74
N VAL A 15 -14.20 -46.96 -31.02
CA VAL A 15 -14.22 -46.22 -32.28
C VAL A 15 -12.91 -45.47 -32.55
N PHE A 16 -12.29 -44.93 -31.50
CA PHE A 16 -11.13 -44.05 -31.60
C PHE A 16 -9.80 -44.79 -31.68
N GLN A 17 -9.83 -46.11 -31.68
CA GLN A 17 -8.62 -46.85 -31.97
C GLN A 17 -8.28 -46.61 -33.42
N ASN A 18 -9.31 -46.41 -34.24
CA ASN A 18 -9.14 -46.14 -35.65
C ASN A 18 -9.02 -44.63 -35.84
N GLU A 19 -8.12 -44.19 -36.71
CA GLU A 19 -7.77 -42.77 -36.82
C GLU A 19 -8.83 -42.03 -37.60
N LYS A 20 -9.07 -42.51 -38.82
CA LYS A 20 -10.15 -42.04 -39.67
C LYS A 20 -11.52 -41.98 -38.94
N SER A 21 -11.92 -43.09 -38.33
CA SER A 21 -13.18 -43.11 -37.62
C SER A 21 -13.21 -42.01 -36.58
N LYS A 22 -12.12 -41.84 -35.84
CA LYS A 22 -12.00 -40.76 -34.84
C LYS A 22 -12.20 -39.38 -35.46
N ASP A 23 -11.38 -39.04 -36.46
CA ASP A 23 -11.53 -37.77 -37.14
C ASP A 23 -12.95 -37.52 -37.63
N GLY A 24 -13.55 -38.52 -38.24
CA GLY A 24 -14.93 -38.41 -38.71
C GLY A 24 -15.96 -38.07 -37.65
N VAL A 25 -15.87 -38.73 -36.49
CA VAL A 25 -16.71 -38.38 -35.33
C VAL A 25 -16.58 -36.90 -34.91
N LEU A 26 -15.35 -36.41 -34.92
CA LEU A 26 -15.14 -35.06 -34.54
C LEU A 26 -15.58 -34.09 -35.62
N LYS A 27 -15.50 -34.46 -36.89
CA LYS A 27 -16.06 -33.56 -37.87
C LYS A 27 -17.55 -33.47 -37.64
N THR A 28 -18.21 -34.60 -37.45
CA THR A 28 -19.64 -34.60 -37.26
C THR A 28 -20.03 -33.87 -35.99
N CYS A 29 -19.21 -33.99 -34.94
CA CYS A 29 -19.51 -33.25 -33.72
C CYS A 29 -19.43 -31.73 -33.92
N ASN A 30 -18.42 -31.27 -34.65
CA ASN A 30 -18.34 -29.83 -34.92
C ASN A 30 -19.48 -29.37 -35.81
N ALA A 31 -19.77 -30.12 -36.87
CA ALA A 31 -20.83 -29.73 -37.79
C ALA A 31 -22.21 -29.62 -37.10
N ALA A 32 -22.49 -30.51 -36.15
CA ALA A 32 -23.79 -30.51 -35.50
C ALA A 32 -23.85 -29.34 -34.54
N ARG A 33 -22.74 -29.06 -33.88
CA ARG A 33 -22.71 -27.92 -32.97
C ARG A 33 -22.74 -26.63 -33.76
N TYR A 34 -22.10 -26.67 -34.92
CA TYR A 34 -22.11 -25.52 -35.81
C TYR A 34 -23.52 -25.21 -36.23
N ILE A 35 -24.21 -26.22 -36.72
CA ILE A 35 -25.58 -26.04 -37.14
C ILE A 35 -26.47 -25.51 -36.02
N LEU A 36 -26.26 -25.99 -34.81
CA LEU A 36 -27.12 -25.61 -33.69
C LEU A 36 -26.88 -24.17 -33.30
N ASN A 37 -25.67 -23.70 -33.51
CA ASN A 37 -25.31 -22.30 -33.28
C ASN A 37 -25.58 -21.38 -34.49
N HIS A 38 -25.88 -21.93 -35.66
CA HIS A 38 -26.11 -21.10 -36.85
C HIS A 38 -27.42 -21.38 -37.60
N SER A 39 -28.51 -21.43 -36.82
CA SER A 39 -29.77 -21.89 -37.29
C SER A 39 -30.88 -21.11 -36.61
N VAL A 40 -31.83 -20.60 -37.41
CA VAL A 40 -32.86 -19.71 -36.86
C VAL A 40 -33.83 -20.60 -36.11
N PRO A 41 -34.48 -20.06 -35.07
CA PRO A 41 -35.37 -20.88 -34.23
C PRO A 41 -36.27 -21.85 -35.00
N LYS A 42 -36.93 -21.35 -36.03
CA LYS A 42 -37.89 -22.14 -36.79
C LYS A 42 -37.21 -23.30 -37.51
N GLU A 43 -35.98 -23.09 -37.94
CA GLU A 43 -35.29 -24.14 -38.68
C GLU A 43 -34.64 -25.13 -37.68
N LYS A 44 -34.42 -24.65 -36.46
CA LYS A 44 -33.91 -25.46 -35.37
C LYS A 44 -35.02 -26.37 -34.89
N PHE A 45 -36.19 -25.80 -34.61
CA PHE A 45 -37.29 -26.62 -34.19
C PHE A 45 -37.66 -27.67 -35.24
N LEU A 46 -37.62 -27.34 -36.53
CA LEU A 46 -38.19 -28.29 -37.54
C LEU A 46 -37.20 -29.35 -37.97
N ASN A 47 -35.92 -29.05 -37.96
CA ASN A 47 -34.94 -29.99 -38.46
C ASN A 47 -34.00 -30.66 -37.46
N THR A 48 -33.88 -30.12 -36.25
CA THR A 48 -33.12 -30.77 -35.18
C THR A 48 -33.91 -31.11 -33.92
N MET A 49 -35.20 -30.77 -33.83
CA MET A 49 -35.99 -31.11 -32.62
C MET A 49 -37.29 -31.79 -33.01
N LYS A 50 -37.27 -32.42 -34.18
CA LYS A 50 -38.43 -33.08 -34.72
C LYS A 50 -38.04 -34.52 -34.94
N CYS A 51 -38.76 -35.37 -34.24
CA CYS A 51 -38.49 -36.79 -34.25
C CYS A 51 -38.74 -37.31 -35.66
N GLY A 52 -37.79 -38.05 -36.22
CA GLY A 52 -37.94 -38.61 -37.54
C GLY A 52 -39.03 -39.65 -37.57
N THR A 53 -39.24 -40.36 -36.45
CA THR A 53 -40.24 -41.42 -36.34
C THR A 53 -41.67 -40.93 -36.00
N CYS A 54 -41.83 -40.08 -34.99
CA CYS A 54 -43.18 -39.66 -34.57
C CYS A 54 -43.55 -38.25 -35.00
N HIS A 55 -42.59 -37.53 -35.59
CA HIS A 55 -42.80 -36.21 -36.20
C HIS A 55 -43.17 -35.13 -35.22
N GLU A 56 -43.10 -35.42 -33.91
CA GLU A 56 -43.39 -34.45 -32.85
C GLU A 56 -42.17 -33.53 -32.57
N ILE A 57 -42.49 -32.34 -32.10
CA ILE A 57 -41.46 -31.39 -31.69
C ILE A 57 -41.28 -31.42 -30.18
N ASN A 58 -40.05 -31.70 -29.75
CA ASN A 58 -39.68 -31.70 -28.34
C ASN A 58 -40.33 -32.81 -27.50
N SER A 59 -40.41 -34.01 -28.07
CA SER A 59 -40.88 -35.15 -27.33
C SER A 59 -39.76 -35.52 -26.38
N GLY A 60 -39.43 -34.61 -25.47
CA GLY A 60 -38.13 -34.64 -24.78
C GLY A 60 -36.97 -34.15 -25.66
N ALA A 61 -35.75 -34.36 -25.20
CA ALA A 61 -34.58 -34.09 -26.02
C ALA A 61 -34.75 -34.81 -27.33
N THR A 62 -34.26 -34.22 -28.41
CA THR A 62 -34.16 -34.92 -29.66
C THR A 62 -32.68 -35.08 -29.91
N PHE A 63 -32.24 -36.22 -30.43
CA PHE A 63 -30.80 -36.48 -30.66
C PHE A 63 -30.50 -36.54 -32.12
N MET A 64 -29.42 -35.89 -32.54
CA MET A 64 -28.99 -35.88 -33.96
C MET A 64 -28.02 -37.02 -34.16
N CYS A 65 -28.30 -37.92 -35.09
CA CYS A 65 -27.53 -39.17 -35.15
C CYS A 65 -26.15 -38.79 -35.54
N LEU A 66 -25.17 -39.47 -34.99
CA LEU A 66 -23.79 -39.13 -35.31
C LEU A 66 -23.37 -39.73 -36.65
N GLN A 67 -24.18 -40.61 -37.23
CA GLN A 67 -23.76 -41.40 -38.40
C GLN A 67 -24.68 -41.30 -39.66
N CYS A 68 -25.90 -40.81 -39.46
CA CYS A 68 -26.79 -40.39 -40.56
C CYS A 68 -27.50 -39.10 -40.10
N GLY A 69 -28.41 -38.59 -40.89
CA GLY A 69 -29.12 -37.38 -40.53
C GLY A 69 -30.36 -37.55 -39.67
N PHE A 70 -30.60 -38.75 -39.20
CA PHE A 70 -31.79 -39.03 -38.41
C PHE A 70 -31.80 -38.23 -37.11
N CYS A 71 -32.96 -37.64 -36.78
CA CYS A 71 -33.24 -37.09 -35.45
C CYS A 71 -34.31 -37.87 -34.74
N GLY A 72 -34.06 -38.26 -33.49
CA GLY A 72 -35.06 -39.07 -32.74
C GLY A 72 -35.30 -38.69 -31.31
N CYS A 73 -36.56 -38.73 -30.88
CA CYS A 73 -36.97 -38.30 -29.53
C CYS A 73 -36.57 -39.24 -28.46
N TRP A 74 -36.61 -38.75 -27.22
CA TRP A 74 -36.32 -39.51 -26.02
C TRP A 74 -37.56 -40.08 -25.44
N ASN A 75 -38.61 -39.28 -25.31
CA ASN A 75 -39.79 -39.73 -24.55
C ASN A 75 -40.48 -41.02 -25.05
N HIS A 76 -40.50 -41.25 -26.36
CA HIS A 76 -41.05 -42.48 -26.97
C HIS A 76 -39.93 -43.40 -27.42
N SER A 77 -38.69 -43.06 -27.09
CA SER A 77 -37.55 -43.91 -27.34
C SER A 77 -37.22 -44.13 -28.79
N HIS A 78 -37.42 -43.13 -29.61
CA HIS A 78 -37.15 -43.29 -31.02
C HIS A 78 -35.72 -43.27 -31.41
N PHE A 79 -34.84 -42.63 -30.67
CA PHE A 79 -33.41 -42.82 -31.00
C PHE A 79 -32.94 -44.22 -30.60
N LEU A 80 -33.42 -44.71 -29.44
CA LEU A 80 -33.09 -46.06 -28.97
C LEU A 80 -33.45 -47.01 -30.09
N SER A 81 -34.67 -46.93 -30.59
CA SER A 81 -35.07 -47.80 -31.66
C SER A 81 -34.14 -47.63 -32.86
N HIS A 82 -33.82 -46.39 -33.22
CA HIS A 82 -32.88 -46.18 -34.31
C HIS A 82 -31.58 -46.92 -34.08
N SER A 83 -31.08 -46.88 -32.86
CA SER A 83 -29.79 -47.48 -32.49
C SER A 83 -29.84 -49.02 -32.57
N LYS A 84 -31.00 -49.58 -32.25
CA LYS A 84 -31.23 -51.02 -32.30
C LYS A 84 -31.46 -51.51 -33.73
N GLN A 85 -32.10 -50.70 -34.57
CA GLN A 85 -32.51 -51.10 -35.90
C GLN A 85 -31.41 -51.01 -36.92
N ILE A 86 -30.37 -50.23 -36.65
CA ILE A 86 -29.32 -49.98 -37.63
C ILE A 86 -27.92 -49.80 -37.00
N GLY A 87 -27.84 -49.88 -35.68
CA GLY A 87 -26.59 -49.94 -34.98
C GLY A 87 -25.88 -48.62 -34.84
N HIS A 88 -26.59 -47.50 -34.91
CA HIS A 88 -25.95 -46.19 -34.80
C HIS A 88 -26.17 -45.76 -33.40
N ILE A 89 -25.20 -45.95 -32.51
CA ILE A 89 -25.48 -45.86 -31.05
C ILE A 89 -25.25 -44.49 -30.46
N PHE A 90 -24.68 -43.57 -31.25
CA PHE A 90 -24.30 -42.22 -30.76
C PHE A 90 -25.17 -41.11 -31.33
N GLY A 91 -25.59 -40.20 -30.48
CA GLY A 91 -26.32 -39.04 -30.93
C GLY A 91 -26.05 -37.81 -30.10
N ILE A 92 -26.42 -36.64 -30.64
CA ILE A 92 -26.14 -35.35 -30.02
C ILE A 92 -27.40 -34.62 -29.59
N ASN A 93 -27.46 -34.17 -28.32
CA ASN A 93 -28.65 -33.48 -27.82
C ASN A 93 -28.72 -32.16 -28.56
N SER A 94 -29.84 -31.89 -29.19
CA SER A 94 -29.95 -30.69 -30.03
C SER A 94 -30.19 -29.41 -29.22
N ASN A 95 -30.47 -29.53 -27.92
CA ASN A 95 -30.52 -28.39 -27.02
C ASN A 95 -29.16 -28.01 -26.47
N ASN A 96 -28.18 -28.90 -26.47
CA ASN A 96 -26.92 -28.58 -25.80
C ASN A 96 -25.62 -29.08 -26.47
N GLY A 97 -25.72 -29.84 -27.55
CA GLY A 97 -24.53 -30.31 -28.25
C GLY A 97 -23.79 -31.46 -27.58
N LEU A 98 -24.36 -31.97 -26.49
CA LEU A 98 -23.76 -33.05 -25.71
C LEU A 98 -24.01 -34.39 -26.36
N LEU A 99 -22.97 -35.22 -26.39
CA LEU A 99 -22.99 -36.50 -27.13
C LEU A 99 -23.48 -37.59 -26.21
N PHE A 100 -24.41 -38.40 -26.65
CA PHE A 100 -25.01 -39.44 -25.79
C PHE A 100 -24.67 -40.81 -26.35
N CYS A 101 -24.49 -41.81 -25.49
CA CYS A 101 -24.23 -43.20 -25.94
C CYS A 101 -25.41 -44.03 -25.55
N PHE A 102 -26.11 -44.58 -26.53
CA PHE A 102 -27.34 -45.32 -26.21
C PHE A 102 -27.14 -46.78 -25.80
N LYS A 103 -25.90 -47.24 -25.84
CA LYS A 103 -25.54 -48.51 -25.19
C LYS A 103 -25.11 -48.27 -23.75
N CYS A 104 -24.32 -47.23 -23.48
CA CYS A 104 -24.03 -46.86 -22.09
C CYS A 104 -25.23 -46.27 -21.38
N GLU A 105 -26.28 -45.89 -22.11
CA GLU A 105 -27.41 -45.15 -21.55
C GLU A 105 -27.01 -43.87 -20.82
N ASP A 106 -25.94 -43.20 -21.25
CA ASP A 106 -25.39 -42.04 -20.53
C ASP A 106 -24.63 -41.13 -21.50
N TYR A 107 -24.34 -39.89 -21.11
CA TYR A 107 -23.56 -38.94 -21.93
C TYR A 107 -22.04 -39.17 -21.78
N ILE A 108 -21.33 -38.88 -22.85
CA ILE A 108 -19.88 -38.88 -22.85
C ILE A 108 -19.46 -37.45 -22.55
N GLY A 109 -19.37 -37.13 -21.27
CA GLY A 109 -19.00 -35.78 -20.83
C GLY A 109 -17.55 -35.62 -20.36
N ASN A 110 -16.85 -36.73 -20.14
CA ASN A 110 -15.50 -36.70 -19.60
C ASN A 110 -14.38 -36.97 -20.60
N ILE A 111 -14.56 -36.68 -21.87
CA ILE A 111 -13.45 -36.74 -22.80
C ILE A 111 -13.13 -35.35 -23.37
N ASP A 112 -11.95 -34.87 -23.01
CA ASP A 112 -11.50 -33.56 -23.38
C ASP A 112 -11.53 -33.29 -24.90
N LEU A 113 -11.11 -34.21 -25.73
CA LEU A 113 -11.07 -33.94 -27.15
C LEU A 113 -12.49 -33.75 -27.70
N ILE A 114 -13.43 -34.59 -27.31
CA ILE A 114 -14.86 -34.32 -27.68
C ILE A 114 -15.42 -33.01 -27.10
N ASN A 115 -15.31 -32.79 -25.79
CA ASN A 115 -15.73 -31.49 -25.25
C ASN A 115 -15.13 -30.31 -26.01
N ASP A 116 -13.84 -30.40 -26.32
CA ASP A 116 -13.07 -29.31 -26.92
C ASP A 116 -12.76 -29.55 -28.41
N ALA A 117 -13.76 -30.05 -29.13
CA ALA A 117 -13.56 -30.58 -30.47
C ALA A 117 -13.14 -29.53 -31.47
N ILE A 118 -13.29 -28.26 -31.11
CA ILE A 118 -12.95 -27.21 -32.05
C ILE A 118 -11.44 -27.19 -32.26
N LEU A 119 -10.69 -27.85 -31.39
CA LEU A 119 -9.24 -27.90 -31.49
C LEU A 119 -8.77 -29.25 -32.03
N ALA A 120 -9.67 -29.99 -32.68
CA ALA A 120 -9.37 -31.36 -33.18
C ALA A 120 -8.16 -31.37 -34.06
N LYS A 121 -8.04 -30.38 -34.93
CA LYS A 121 -6.96 -30.36 -35.90
C LYS A 121 -5.57 -30.24 -35.22
N TYR A 122 -5.51 -29.71 -34.02
CA TYR A 122 -4.24 -29.46 -33.35
C TYR A 122 -4.12 -30.14 -32.01
N TRP A 123 -4.87 -31.21 -31.82
CA TRP A 123 -4.91 -31.86 -30.50
C TRP A 123 -3.58 -32.31 -29.97
N ASP A 124 -2.67 -32.73 -30.84
CA ASP A 124 -1.40 -33.30 -30.39
C ASP A 124 -0.62 -32.28 -29.61
N ASP A 125 -0.58 -31.08 -30.16
CA ASP A 125 0.02 -29.97 -29.45
C ASP A 125 -0.76 -29.61 -28.19
N VAL A 126 -2.05 -29.41 -28.35
CA VAL A 126 -2.88 -28.98 -27.26
C VAL A 126 -2.71 -29.88 -26.05
N CYS A 127 -2.79 -31.19 -26.24
CA CYS A 127 -2.74 -32.07 -25.07
C CYS A 127 -1.33 -32.35 -24.62
N THR A 128 -0.31 -32.06 -25.43
CA THR A 128 1.09 -32.22 -24.98
C THR A 128 1.60 -30.91 -24.39
N LYS A 129 1.28 -29.78 -24.99
CA LYS A 129 1.86 -28.50 -24.56
C LYS A 129 0.98 -27.67 -23.59
N THR A 130 -0.18 -28.19 -23.21
CA THR A 130 -0.97 -27.51 -22.20
C THR A 130 -1.64 -28.58 -21.38
N MET A 131 -1.89 -28.24 -20.14
CA MET A 131 -2.49 -29.15 -19.15
C MET A 131 -3.86 -28.64 -18.69
N VAL A 132 -4.68 -29.52 -18.11
CA VAL A 132 -5.96 -29.11 -17.51
C VAL A 132 -5.68 -28.24 -16.33
N PRO A 133 -6.66 -27.40 -15.92
CA PRO A 133 -6.54 -26.65 -14.68
C PRO A 133 -6.43 -27.55 -13.47
N SER A 134 -5.47 -27.21 -12.61
CA SER A 134 -5.41 -27.83 -11.31
C SER A 134 -6.72 -27.61 -10.57
N MET A 135 -7.03 -28.57 -9.73
CA MET A 135 -8.27 -28.61 -8.99
C MET A 135 -8.42 -27.38 -8.14
N GLU A 136 -7.32 -26.87 -7.58
CA GLU A 136 -7.36 -25.78 -6.60
C GLU A 136 -7.55 -24.40 -7.22
N ARG A 137 -7.13 -24.24 -8.48
CA ARG A 137 -7.18 -22.96 -9.19
C ARG A 137 -8.35 -22.87 -10.17
N ARG A 138 -9.08 -23.94 -10.38
CA ARG A 138 -9.99 -24.03 -11.52
C ARG A 138 -11.08 -22.98 -11.54
N ASP A 139 -11.42 -22.48 -10.36
CA ASP A 139 -12.46 -21.46 -10.26
C ASP A 139 -11.87 -20.11 -9.86
N GLY A 140 -10.54 -20.00 -9.81
CA GLY A 140 -9.91 -18.73 -9.42
C GLY A 140 -10.10 -18.24 -7.99
N LEU A 141 -10.50 -19.13 -7.08
CA LEU A 141 -10.83 -18.75 -5.71
C LEU A 141 -9.58 -18.57 -4.86
N SER A 142 -9.35 -17.33 -4.43
CA SER A 142 -8.16 -16.94 -3.69
C SER A 142 -8.44 -15.60 -3.02
N GLY A 143 -7.96 -15.43 -1.79
CA GLY A 143 -8.00 -14.12 -1.13
C GLY A 143 -6.95 -13.27 -1.81
N LEU A 144 -7.04 -11.97 -1.65
CA LEU A 144 -6.03 -11.10 -2.22
C LEU A 144 -5.19 -10.47 -1.11
N ILE A 145 -3.88 -10.69 -1.29
CA ILE A 145 -2.82 -10.30 -0.40
C ILE A 145 -2.49 -8.82 -0.56
N ASN A 146 -2.81 -7.97 0.42
CA ASN A 146 -2.42 -6.56 0.30
C ASN A 146 -0.95 -6.34 0.73
N MET A 147 -0.53 -5.11 1.02
CA MET A 147 0.87 -4.85 1.48
C MET A 147 1.01 -5.13 2.98
N GLY A 148 -0.11 -5.15 3.69
CA GLY A 148 -0.16 -5.17 5.15
C GLY A 148 -0.29 -3.74 5.59
N ASN A 149 -0.38 -3.51 6.90
CA ASN A 149 -0.32 -2.14 7.43
C ASN A 149 1.10 -1.67 7.49
N THR A 150 1.30 -0.40 7.23
CA THR A 150 2.65 0.10 6.93
C THR A 150 3.32 0.96 8.02
N CYS A 151 2.70 1.06 9.20
CA CYS A 151 3.26 1.85 10.29
C CYS A 151 4.61 1.35 10.85
N PHE A 152 4.89 0.06 10.73
CA PHE A 152 6.23 -0.44 11.03
C PHE A 152 7.32 0.13 10.12
N MET A 153 6.94 0.81 9.04
CA MET A 153 7.89 1.52 8.19
C MET A 153 7.83 3.01 8.45
N SER A 154 6.61 3.57 8.41
CA SER A 154 6.35 4.95 8.80
C SER A 154 7.25 5.32 9.93
N SER A 155 7.08 4.58 11.02
CA SER A 155 7.58 4.92 12.30
C SER A 155 9.10 4.90 12.34
N ILE A 156 9.72 3.94 11.64
CA ILE A 156 11.18 3.98 11.49
C ILE A 156 11.61 5.16 10.62
N LEU A 157 10.89 5.39 9.53
CA LEU A 157 11.19 6.50 8.65
C LEU A 157 11.17 7.88 9.32
N GLN A 158 10.26 8.09 10.27
CA GLN A 158 10.22 9.35 11.00
C GLN A 158 11.47 9.56 11.84
N CYS A 159 11.92 8.50 12.46
CA CYS A 159 13.16 8.51 13.22
C CYS A 159 14.31 8.80 12.27
N LEU A 160 14.41 8.10 11.16
CA LEU A 160 15.50 8.39 10.23
C LEU A 160 15.57 9.81 9.71
N ILE A 161 14.43 10.43 9.42
CA ILE A 161 14.38 11.80 8.93
C ILE A 161 14.30 12.87 10.05
N HIS A 162 14.38 12.46 11.31
CA HIS A 162 14.68 13.45 12.32
C HIS A 162 16.03 13.14 12.91
N ASN A 163 16.78 12.25 12.27
CA ASN A 163 18.13 12.03 12.65
C ASN A 163 19.15 13.01 12.00
N PRO A 164 19.84 13.80 12.82
CA PRO A 164 20.73 14.84 12.37
C PRO A 164 21.87 14.35 11.51
N TYR A 165 22.42 13.20 11.79
CA TYR A 165 23.46 12.66 10.88
C TYR A 165 22.90 12.32 9.50
N PHE A 166 21.71 11.71 9.47
CA PHE A 166 21.10 11.34 8.19
C PHE A 166 20.57 12.52 7.39
N ILE A 167 19.90 13.45 8.06
CA ILE A 167 19.50 14.68 7.42
C ILE A 167 20.69 15.42 6.81
N ARG A 168 21.75 15.59 7.58
CA ARG A 168 22.92 16.27 7.07
C ARG A 168 23.39 15.59 5.81
N HIS A 169 23.38 14.26 5.84
CA HIS A 169 23.91 13.46 4.75
C HIS A 169 23.04 13.57 3.52
N SER A 170 21.74 13.37 3.72
CA SER A 170 20.77 13.59 2.66
C SER A 170 20.93 14.97 2.04
N MET A 171 20.89 15.99 2.87
CA MET A 171 20.97 17.40 2.42
C MET A 171 22.31 17.80 1.75
N SER A 172 23.34 16.98 1.88
CA SER A 172 24.62 17.25 1.25
C SER A 172 24.64 16.82 -0.24
N GLN A 173 23.57 16.18 -0.69
CA GLN A 173 23.45 15.81 -2.10
C GLN A 173 24.44 14.73 -2.53
N ILE A 174 25.10 14.09 -1.57
CA ILE A 174 26.15 13.14 -1.88
C ILE A 174 25.65 11.96 -2.70
N HIS A 175 24.46 11.46 -2.37
CA HIS A 175 23.89 10.37 -3.14
C HIS A 175 23.43 10.90 -4.46
N SER A 176 22.73 12.02 -4.42
CA SER A 176 22.30 12.65 -5.63
C SER A 176 23.50 12.84 -6.54
N ASN A 177 24.60 13.32 -6.01
CA ASN A 177 25.82 13.51 -6.81
C ASN A 177 26.38 12.24 -7.39
N ASN A 178 26.20 11.11 -6.73
CA ASN A 178 26.81 9.86 -7.18
C ASN A 178 25.85 8.82 -7.80
N CYS A 179 24.54 8.96 -7.61
CA CYS A 179 23.61 7.90 -8.06
C CYS A 179 23.66 7.75 -9.58
N LYS A 180 23.56 6.50 -10.03
CA LYS A 180 23.57 6.19 -11.45
C LYS A 180 22.17 5.92 -12.01
N VAL A 181 21.23 5.46 -11.18
CA VAL A 181 19.81 5.33 -11.58
C VAL A 181 19.11 6.68 -11.71
N ARG A 182 19.30 7.57 -10.73
CA ARG A 182 18.68 8.90 -10.74
C ARG A 182 17.15 8.88 -10.87
N SER A 183 16.48 7.89 -10.26
CA SER A 183 15.01 7.96 -10.15
C SER A 183 14.44 7.15 -8.98
N PRO A 184 13.41 7.70 -8.31
CA PRO A 184 12.82 7.19 -7.08
C PRO A 184 12.13 5.82 -7.15
N ASP A 185 11.44 5.51 -8.24
CA ASP A 185 10.74 4.22 -8.34
C ASP A 185 11.71 3.04 -8.51
N LYS A 186 12.92 3.33 -8.97
CA LYS A 186 13.94 2.31 -9.21
C LYS A 186 15.02 2.22 -8.13
N CYS A 187 15.47 3.37 -7.60
CA CYS A 187 16.54 3.41 -6.55
C CYS A 187 16.00 3.81 -5.18
N PHE A 188 16.38 3.03 -4.17
CA PHE A 188 15.79 3.15 -2.84
C PHE A 188 16.26 4.44 -2.19
N SER A 189 17.54 4.76 -2.36
CA SER A 189 18.12 5.94 -1.75
C SER A 189 17.60 7.20 -2.41
N CYS A 190 17.41 7.13 -3.71
CA CYS A 190 16.70 8.19 -4.35
C CYS A 190 15.34 8.40 -3.66
N ALA A 191 14.61 7.34 -3.39
CA ALA A 191 13.32 7.50 -2.72
C ALA A 191 13.49 8.09 -1.33
N LEU A 192 14.50 7.66 -0.57
CA LEU A 192 14.74 8.29 0.75
C LEU A 192 14.99 9.76 0.55
N ASP A 193 15.79 10.11 -0.45
CA ASP A 193 16.12 11.51 -0.67
C ASP A 193 14.90 12.35 -1.03
N LYS A 194 13.93 11.72 -1.68
CA LYS A 194 12.70 12.38 -2.05
C LYS A 194 11.82 12.69 -0.83
N ILE A 195 11.77 11.75 0.12
CA ILE A 195 11.08 12.03 1.36
C ILE A 195 11.62 13.31 2.00
N VAL A 196 12.94 13.40 2.12
CA VAL A 196 13.57 14.59 2.67
C VAL A 196 13.16 15.90 1.99
N HIS A 197 13.22 15.88 0.67
CA HIS A 197 12.85 16.99 -0.20
C HIS A 197 11.40 17.39 0.06
N GLU A 198 10.46 16.45 0.04
CA GLU A 198 9.05 16.79 0.35
C GLU A 198 8.87 17.34 1.75
N LEU A 199 9.59 16.78 2.71
CA LEU A 199 9.37 17.19 4.08
C LEU A 199 10.03 18.53 4.41
N TYR A 200 11.23 18.74 3.92
CA TYR A 200 11.97 19.94 4.30
C TYR A 200 11.97 21.03 3.19
N GLY A 201 12.05 20.63 1.92
CA GLY A 201 12.11 21.57 0.82
C GLY A 201 10.75 21.99 0.31
N ALA A 202 10.58 21.87 -1.01
CA ALA A 202 9.46 22.48 -1.75
C ALA A 202 8.94 21.67 -2.95
N LEU A 203 7.88 22.19 -3.56
CA LEU A 203 7.16 21.51 -4.67
C LEU A 203 7.73 21.78 -6.11
N ASN A 204 7.55 23.00 -6.64
CA ASN A 204 8.06 23.41 -7.98
C ASN A 204 8.00 22.33 -9.08
N THR A 215 0.72 16.52 -4.48
CA THR A 215 0.82 17.70 -3.61
C THR A 215 0.67 17.34 -2.12
N ASN A 216 0.34 16.09 -1.84
CA ASN A 216 0.54 15.56 -0.49
C ASN A 216 2.00 15.21 -0.42
N ARG A 217 2.60 15.37 0.75
CA ARG A 217 4.01 15.08 0.86
C ARG A 217 4.14 13.59 1.07
N GLN A 218 3.70 12.83 0.09
CA GLN A 218 3.46 11.41 0.26
C GLN A 218 4.10 10.56 -0.84
N THR A 219 4.43 11.20 -1.97
CA THR A 219 5.12 10.57 -3.09
C THR A 219 6.40 9.83 -2.69
N GLY A 220 7.18 10.45 -1.80
CA GLY A 220 8.44 9.88 -1.38
C GLY A 220 8.12 8.56 -0.76
N PHE A 221 7.19 8.62 0.17
CA PHE A 221 6.81 7.46 0.96
C PHE A 221 6.27 6.34 0.10
N ILE A 222 5.55 6.68 -0.96
CA ILE A 222 4.89 5.68 -1.76
C ILE A 222 5.92 5.03 -2.66
N TYR A 223 6.72 5.86 -3.34
CA TYR A 223 7.86 5.35 -4.08
C TYR A 223 8.75 4.46 -3.20
N LEU A 224 8.89 4.79 -1.91
CA LEU A 224 9.75 4.00 -0.99
C LEU A 224 9.15 2.65 -0.58
N LEU A 225 7.87 2.63 -0.26
CA LEU A 225 7.16 1.39 0.02
C LEU A 225 7.34 0.42 -1.12
N THR A 226 7.05 0.92 -2.31
CA THR A 226 7.20 0.21 -3.57
C THR A 226 8.62 -0.34 -3.83
N CYS A 227 9.62 0.54 -3.80
CA CYS A 227 11.02 0.11 -3.91
C CYS A 227 11.37 -0.96 -2.90
N ALA A 228 10.77 -0.89 -1.72
CA ALA A 228 11.10 -1.85 -0.65
C ALA A 228 10.63 -3.25 -1.02
N TRP A 229 9.40 -3.34 -1.49
CA TRP A 229 8.81 -4.61 -1.79
C TRP A 229 9.34 -5.24 -3.06
N LYS A 230 9.59 -4.43 -4.08
CA LYS A 230 10.27 -4.92 -5.27
C LYS A 230 11.57 -5.60 -4.89
N ILE A 231 12.38 -4.92 -4.05
CA ILE A 231 13.65 -5.46 -3.56
C ILE A 231 13.43 -6.73 -2.72
N ASN A 232 12.41 -6.72 -1.87
CA ASN A 232 12.12 -7.84 -0.98
C ASN A 232 10.64 -8.18 -0.85
N GLN A 233 10.21 -9.13 -1.67
CA GLN A 233 8.85 -9.68 -1.66
C GLN A 233 8.44 -10.16 -0.25
N ASN A 234 7.33 -9.60 0.29
CA ASN A 234 6.78 -10.10 1.57
C ASN A 234 5.43 -9.47 1.96
N GLN A 241 6.16 -7.15 9.08
CA GLN A 241 5.63 -7.20 10.45
C GLN A 241 6.52 -6.34 11.37
N ASP A 242 7.84 -6.59 11.40
CA ASP A 242 8.76 -6.05 12.49
C ASP A 242 9.53 -4.72 12.21
N ALA A 243 9.15 -3.65 12.92
CA ALA A 243 9.86 -2.35 12.77
C ALA A 243 11.40 -2.50 12.81
N HIS A 244 11.89 -3.22 13.82
CA HIS A 244 13.32 -3.51 13.96
C HIS A 244 13.84 -4.17 12.73
N GLU A 245 13.09 -5.12 12.11
CA GLU A 245 13.59 -5.75 10.86
C GLU A 245 13.66 -4.68 9.76
N PHE A 246 12.69 -3.78 9.73
CA PHE A 246 12.71 -2.74 8.71
C PHE A 246 13.88 -1.74 8.92
N TRP A 247 14.22 -1.47 10.17
CA TRP A 247 15.40 -0.69 10.46
C TRP A 247 16.63 -1.33 9.88
N GLN A 248 16.74 -2.63 10.02
CA GLN A 248 17.92 -3.31 9.53
C GLN A 248 17.88 -3.32 8.03
N PHE A 249 16.68 -3.36 7.49
CA PHE A 249 16.54 -3.44 6.07
C PHE A 249 17.01 -2.13 5.43
N ILE A 250 16.48 -1.02 5.93
CA ILE A 250 16.83 0.30 5.45
C ILE A 250 18.33 0.52 5.51
N ILE A 251 18.92 0.22 6.65
CA ILE A 251 20.32 0.55 6.80
C ILE A 251 21.17 -0.28 5.81
N ASN A 252 20.79 -1.52 5.51
CA ASN A 252 21.54 -2.34 4.56
C ASN A 252 21.45 -1.77 3.18
N GLN A 253 20.25 -1.33 2.80
CA GLN A 253 20.04 -0.69 1.50
C GLN A 253 20.91 0.51 1.36
N ILE A 254 21.02 1.30 2.42
CA ILE A 254 21.87 2.51 2.38
C ILE A 254 23.32 2.13 2.16
N HIS A 255 23.80 1.15 2.90
CA HIS A 255 25.14 0.64 2.71
C HIS A 255 25.27 0.06 1.34
N GLN A 256 24.27 -0.72 0.91
CA GLN A 256 24.38 -1.42 -0.36
C GLN A 256 24.60 -0.42 -1.50
N SER A 257 24.01 0.75 -1.35
CA SER A 257 24.04 1.77 -2.38
C SER A 257 25.31 2.62 -2.36
N TYR A 258 25.98 2.71 -1.21
CA TYR A 258 27.34 3.26 -1.18
C TYR A 258 28.31 2.33 -1.94
N VAL A 259 28.20 1.02 -1.70
CA VAL A 259 29.08 0.04 -2.34
C VAL A 259 28.87 0.05 -3.86
N LEU A 260 27.61 0.16 -4.28
CA LEU A 260 27.23 0.09 -5.70
C LEU A 260 27.86 1.26 -6.49
N ASP A 261 27.98 2.45 -5.89
CA ASP A 261 28.45 3.60 -6.66
C ASP A 261 29.87 4.00 -6.28
N LEU A 262 30.69 2.98 -6.15
CA LEU A 262 32.09 3.10 -5.74
C LEU A 262 32.91 2.71 -6.98
N PRO A 263 34.11 3.30 -7.16
CA PRO A 263 34.86 3.16 -8.44
C PRO A 263 35.40 1.77 -8.85
N ASN A 264 35.34 0.78 -7.98
CA ASN A 264 36.29 -0.32 -8.03
C ASN A 264 35.67 -1.73 -7.91
N ALA A 265 36.54 -2.74 -7.79
CA ALA A 265 36.18 -4.06 -7.28
C ALA A 265 37.03 -4.44 -6.04
N LYS A 266 38.20 -3.81 -5.87
CA LYS A 266 38.99 -3.97 -4.65
C LYS A 266 38.33 -3.24 -3.48
N GLU A 267 37.72 -2.11 -3.78
CA GLU A 267 37.07 -1.30 -2.75
C GLU A 267 35.71 -1.89 -2.36
N VAL A 268 35.07 -2.65 -3.24
CA VAL A 268 33.80 -3.29 -2.89
C VAL A 268 34.02 -4.24 -1.71
N SER A 269 35.12 -4.97 -1.75
CA SER A 269 35.44 -5.96 -0.70
C SER A 269 35.89 -5.32 0.61
N ARG A 270 36.87 -4.40 0.54
CA ARG A 270 37.35 -3.71 1.74
C ARG A 270 36.22 -3.01 2.48
N ALA A 271 35.30 -2.41 1.73
CA ALA A 271 34.10 -1.78 2.30
C ALA A 271 33.07 -2.78 2.83
N ASN A 272 32.99 -3.95 2.21
CA ASN A 272 31.97 -4.93 2.59
C ASN A 272 32.47 -5.96 3.58
N ASN A 273 33.78 -6.01 3.79
CA ASN A 273 34.39 -6.99 4.70
C ASN A 273 35.25 -6.35 5.80
N LYS A 274 36.01 -5.29 5.51
CA LYS A 274 36.88 -4.66 6.53
C LYS A 274 36.33 -3.32 7.09
N GLN A 275 36.51 -2.21 6.35
CA GLN A 275 36.09 -0.87 6.83
C GLN A 275 35.26 -0.07 5.80
N CYS A 276 34.06 0.36 6.18
CA CYS A 276 33.20 1.08 5.24
C CYS A 276 33.05 2.51 5.69
N GLU A 277 33.06 3.42 4.74
CA GLU A 277 32.87 4.85 5.01
C GLU A 277 31.46 5.34 4.67
N CYS A 278 30.48 4.44 4.55
CA CYS A 278 29.11 4.89 4.39
C CYS A 278 28.54 5.53 5.65
N ILE A 279 27.47 6.26 5.45
CA ILE A 279 26.82 6.97 6.53
C ILE A 279 26.38 5.99 7.61
N VAL A 280 25.88 4.83 7.19
CA VAL A 280 25.45 3.83 8.14
C VAL A 280 26.62 3.41 9.00
N HIS A 281 27.69 3.01 8.33
CA HIS A 281 28.80 2.47 9.11
C HIS A 281 29.57 3.52 9.92
N THR A 282 29.60 4.78 9.50
CA THR A 282 30.30 5.80 10.26
C THR A 282 29.41 6.49 11.29
N VAL A 283 28.14 6.05 11.43
CA VAL A 283 27.34 6.57 12.53
C VAL A 283 26.66 5.57 13.45
N PHE A 284 26.27 4.38 12.98
CA PHE A 284 25.53 3.43 13.84
C PHE A 284 26.31 2.23 14.31
N GLU A 285 27.57 2.09 13.88
CA GLU A 285 28.33 0.85 14.17
C GLU A 285 29.19 0.96 15.39
N GLY A 286 29.03 0.00 16.29
CA GLY A 286 29.96 -0.19 17.41
C GLY A 286 30.63 -1.53 17.29
N SER A 287 31.38 -1.92 18.33
CA SER A 287 32.05 -3.22 18.38
C SER A 287 31.85 -3.79 19.77
N LEU A 288 31.41 -5.05 19.82
CA LEU A 288 31.40 -5.82 21.06
C LEU A 288 32.67 -6.61 21.25
N GLU A 289 33.13 -6.67 22.50
CA GLU A 289 34.18 -7.60 22.94
C GLU A 289 33.48 -8.76 23.64
N SER A 290 33.65 -9.96 23.08
CA SER A 290 33.15 -11.17 23.69
C SER A 290 34.37 -11.92 24.20
N SER A 291 34.52 -11.97 25.53
CA SER A 291 35.65 -12.62 26.16
C SER A 291 35.22 -13.96 26.74
N ILE A 292 35.90 -15.03 26.37
CA ILE A 292 35.68 -16.31 26.98
C ILE A 292 36.91 -16.62 27.82
N VAL A 293 36.77 -16.56 29.15
CA VAL A 293 37.88 -16.89 30.09
C VAL A 293 37.75 -18.32 30.66
N CYS A 294 38.88 -18.93 31.04
CA CYS A 294 38.87 -20.11 31.92
C CYS A 294 38.84 -19.55 33.35
N PRO A 295 37.90 -20.03 34.21
CA PRO A 295 37.76 -19.53 35.61
C PRO A 295 38.78 -20.13 36.58
N GLY A 296 39.29 -21.31 36.22
CA GLY A 296 40.47 -21.87 36.89
C GLY A 296 41.74 -21.08 36.60
N CYS A 297 42.19 -21.08 35.35
CA CYS A 297 43.53 -20.63 35.07
C CYS A 297 43.67 -19.19 34.55
N GLN A 298 42.63 -18.69 33.88
CA GLN A 298 42.54 -17.30 33.35
C GLN A 298 42.95 -17.10 31.88
N ASN A 299 43.16 -18.20 31.17
CA ASN A 299 43.33 -18.18 29.71
C ASN A 299 42.23 -17.35 29.02
N ASN A 300 42.66 -16.30 28.32
CA ASN A 300 41.78 -15.36 27.64
C ASN A 300 41.57 -15.72 26.19
N SER A 301 41.78 -16.98 25.84
CA SER A 301 41.47 -17.46 24.51
C SER A 301 40.16 -18.23 24.55
N LYS A 302 39.23 -17.91 23.65
CA LYS A 302 39.39 -16.86 22.67
C LYS A 302 38.42 -15.72 22.94
N THR A 303 38.81 -14.52 22.54
CA THR A 303 37.93 -13.39 22.59
C THR A 303 37.87 -12.76 21.21
N THR A 304 36.68 -12.30 20.85
CA THR A 304 36.38 -11.85 19.52
C THR A 304 35.89 -10.40 19.57
N ILE A 305 36.08 -9.70 18.46
CA ILE A 305 35.58 -8.34 18.31
C ILE A 305 34.65 -8.29 17.11
N ASP A 306 33.34 -8.26 17.41
CA ASP A 306 32.28 -8.30 16.39
C ASP A 306 31.47 -6.99 16.31
N PRO A 307 31.27 -6.49 15.10
CA PRO A 307 30.50 -5.26 15.01
C PRO A 307 29.05 -5.44 15.44
N PHE A 308 28.34 -4.33 15.58
CA PHE A 308 26.88 -4.30 15.82
C PHE A 308 26.33 -2.97 15.38
N LEU A 309 25.08 -2.96 14.91
CA LEU A 309 24.40 -1.74 14.52
C LEU A 309 23.27 -1.38 15.48
N ASP A 310 23.04 -2.21 16.47
CA ASP A 310 22.01 -1.99 17.45
C ASP A 310 22.32 -2.95 18.60
N LEU A 311 21.71 -2.78 19.76
CA LEU A 311 21.83 -3.79 20.79
C LEU A 311 20.46 -4.27 21.20
N SER A 312 20.28 -5.57 21.29
CA SER A 312 19.03 -6.16 21.70
C SER A 312 19.12 -6.59 23.15
N LEU A 313 18.28 -6.00 23.96
CA LEU A 313 18.30 -6.14 25.40
C LEU A 313 17.12 -6.98 25.90
N ASP A 314 17.36 -7.75 26.94
CA ASP A 314 16.31 -8.55 27.53
C ASP A 314 15.63 -7.70 28.55
N ILE A 315 14.36 -7.92 28.74
CA ILE A 315 13.62 -7.09 29.67
C ILE A 315 12.79 -7.86 30.70
N LYS A 316 12.69 -9.19 30.59
CA LYS A 316 11.90 -9.94 31.55
C LYS A 316 12.39 -9.58 32.94
N ASP A 317 11.46 -9.25 33.80
CA ASP A 317 11.72 -9.04 35.23
C ASP A 317 12.52 -7.78 35.55
N LYS A 318 12.69 -6.90 34.57
CA LYS A 318 13.41 -5.65 34.76
C LYS A 318 12.46 -4.47 34.74
N LYS A 319 12.74 -3.46 35.54
CA LYS A 319 11.96 -2.25 35.55
C LYS A 319 12.73 -1.03 34.96
N LYS A 320 14.07 -1.10 34.80
CA LYS A 320 14.90 0.04 34.35
C LYS A 320 15.85 -0.35 33.23
N LEU A 321 16.13 0.56 32.31
CA LEU A 321 17.06 0.30 31.19
C LEU A 321 18.49 -0.01 31.65
N TYR A 322 18.94 0.67 32.70
CA TYR A 322 20.26 0.34 33.26
C TYR A 322 20.30 -1.11 33.77
N GLU A 323 19.20 -1.62 34.33
CA GLU A 323 19.13 -3.03 34.70
C GLU A 323 19.27 -3.92 33.46
N CYS A 324 18.66 -3.50 32.35
CA CYS A 324 18.77 -4.29 31.14
C CYS A 324 20.20 -4.30 30.63
N LEU A 325 20.83 -3.14 30.56
CA LEU A 325 22.22 -3.06 30.12
C LEU A 325 23.16 -3.87 31.03
N ASP A 326 22.92 -3.82 32.35
CA ASP A 326 23.70 -4.59 33.34
C ASP A 326 23.69 -6.07 33.02
N SER A 327 22.50 -6.60 32.76
CA SER A 327 22.31 -8.01 32.43
C SER A 327 23.05 -8.40 31.17
N PHE A 328 23.03 -7.51 30.21
CA PHE A 328 23.68 -7.76 28.96
C PHE A 328 25.23 -7.77 29.09
N HIS A 329 25.78 -7.04 30.07
CA HIS A 329 27.21 -6.93 30.31
C HIS A 329 27.55 -7.62 31.60
N LYS A 330 26.89 -8.75 31.87
CA LYS A 330 27.18 -9.52 33.07
C LYS A 330 27.85 -10.82 32.65
N LYS A 331 28.60 -11.39 33.58
CA LYS A 331 29.38 -12.59 33.30
C LYS A 331 28.47 -13.84 33.31
N GLU A 332 28.37 -14.52 32.17
CA GLU A 332 27.51 -15.70 32.00
C GLU A 332 28.26 -16.98 32.40
N GLN A 333 27.72 -18.14 32.02
CA GLN A 333 28.48 -19.39 31.99
C GLN A 333 28.21 -20.18 30.72
N LEU A 334 29.27 -20.63 30.08
CA LEU A 334 29.18 -21.49 28.90
C LEU A 334 29.22 -22.96 29.32
N LYS A 335 28.05 -23.60 29.33
CA LYS A 335 27.98 -25.06 29.43
C LYS A 335 27.90 -25.56 27.99
N ASP A 336 29.10 -25.74 27.42
CA ASP A 336 29.32 -26.36 26.12
C ASP A 336 30.22 -27.59 26.40
N PHE A 337 29.58 -28.74 26.66
CA PHE A 337 30.23 -30.00 27.06
C PHE A 337 31.36 -30.39 26.11
N ASN A 338 32.04 -31.50 26.46
CA ASN A 338 33.22 -31.99 25.76
C ASN A 338 34.31 -30.91 25.65
N TYR A 339 34.41 -30.08 26.69
CA TYR A 339 35.34 -28.94 26.75
C TYR A 339 36.42 -29.18 27.81
N HIS A 340 37.67 -28.87 27.47
CA HIS A 340 38.68 -28.63 28.47
C HIS A 340 39.53 -27.46 28.08
N CYS A 341 40.11 -26.82 29.08
CA CYS A 341 40.91 -25.61 28.89
C CYS A 341 42.22 -25.96 28.23
N GLY A 342 42.76 -25.00 27.48
CA GLY A 342 44.06 -25.16 26.83
C GLY A 342 45.23 -25.34 27.79
N GLU A 343 45.55 -24.31 28.55
CA GLU A 343 46.74 -24.36 29.40
C GLU A 343 46.61 -25.28 30.62
N CYS A 344 45.41 -25.47 31.18
CA CYS A 344 45.25 -26.17 32.49
C CYS A 344 44.34 -27.43 32.54
N ASN A 345 43.74 -27.82 31.42
CA ASN A 345 42.92 -29.05 31.32
C ASN A 345 41.66 -29.16 32.20
N SER A 346 41.18 -28.02 32.71
CA SER A 346 39.95 -27.97 33.49
C SER A 346 38.77 -28.11 32.56
N THR A 347 37.87 -29.05 32.83
CA THR A 347 36.63 -29.15 32.08
C THR A 347 35.56 -28.17 32.67
N GLN A 348 35.93 -27.49 33.76
CA GLN A 348 35.10 -26.46 34.42
C GLN A 348 34.46 -25.48 33.44
N ASP A 349 33.30 -24.93 33.82
CA ASP A 349 32.52 -24.09 32.91
C ASP A 349 33.24 -22.76 32.65
N ALA A 350 33.34 -22.43 31.35
CA ALA A 350 34.00 -21.21 30.87
C ALA A 350 33.12 -19.98 31.10
N ILE A 351 33.74 -18.90 31.60
CA ILE A 351 33.06 -17.62 31.79
C ILE A 351 33.12 -16.76 30.50
N LYS A 352 31.95 -16.29 30.08
CA LYS A 352 31.80 -15.35 28.98
C LYS A 352 31.31 -14.00 29.53
N GLN A 353 31.94 -12.90 29.11
CA GLN A 353 31.35 -11.56 29.30
C GLN A 353 31.31 -10.79 28.00
N LEU A 354 30.21 -10.03 27.81
CA LEU A 354 30.07 -9.09 26.68
C LEU A 354 30.37 -7.68 27.19
N GLY A 355 31.12 -6.93 26.39
CA GLY A 355 31.60 -5.59 26.74
C GLY A 355 31.79 -4.72 25.49
N ILE A 356 31.58 -3.41 25.63
CA ILE A 356 31.66 -2.55 24.45
C ILE A 356 33.10 -2.14 24.20
N HIS A 357 33.54 -2.31 22.96
CA HIS A 357 34.89 -2.00 22.56
C HIS A 357 34.92 -0.69 21.81
N LYS A 358 33.98 -0.48 20.92
CA LYS A 358 33.78 0.78 20.26
C LYS A 358 32.29 1.19 20.32
N LEU A 359 32.02 2.43 20.69
CA LEU A 359 30.67 2.98 20.67
C LEU A 359 30.34 3.62 19.34
N PRO A 360 29.04 3.66 18.97
CA PRO A 360 28.64 4.41 17.80
C PRO A 360 28.28 5.88 18.17
N SER A 361 28.27 6.73 17.14
CA SER A 361 27.76 8.09 17.29
C SER A 361 26.28 8.08 17.64
N VAL A 362 25.57 7.08 17.15
CA VAL A 362 24.17 6.90 17.45
C VAL A 362 23.92 5.47 17.90
N LEU A 363 23.50 5.32 19.16
CA LEU A 363 23.25 4.06 19.75
C LEU A 363 21.74 3.77 19.67
N VAL A 364 21.42 2.65 19.02
CA VAL A 364 20.06 2.19 18.78
C VAL A 364 19.83 0.97 19.69
N LEU A 365 19.01 1.13 20.70
CA LEU A 365 18.75 0.00 21.58
C LEU A 365 17.43 -0.61 21.14
N GLN A 366 17.33 -1.94 21.17
CA GLN A 366 16.04 -2.64 20.96
C GLN A 366 15.68 -3.39 22.20
N LEU A 367 14.46 -3.18 22.67
CA LEU A 367 13.95 -3.92 23.83
C LEU A 367 13.18 -5.17 23.35
N LYS A 368 13.78 -6.35 23.49
CA LYS A 368 13.10 -7.57 23.07
C LYS A 368 11.71 -7.70 23.73
N ARG A 369 10.67 -7.42 22.95
CA ARG A 369 9.25 -7.49 23.41
C ARG A 369 8.39 -8.51 22.69
N PHE A 370 8.89 -9.05 21.60
CA PHE A 370 8.22 -10.05 20.86
C PHE A 370 8.92 -11.41 21.00
N GLU A 371 8.45 -12.26 21.93
CA GLU A 371 8.83 -13.67 21.97
C GLU A 371 8.12 -14.41 20.83
N HIS A 372 8.86 -14.95 19.89
CA HIS A 372 8.27 -15.88 18.93
C HIS A 372 8.41 -17.23 19.55
N LEU A 373 7.29 -17.95 19.67
CA LEU A 373 7.25 -19.27 20.26
C LEU A 373 7.07 -20.28 19.13
N LEU A 374 6.94 -21.56 19.46
CA LEU A 374 6.84 -22.62 18.42
C LEU A 374 5.43 -22.62 17.76
N ASN A 375 5.28 -23.43 16.72
CA ASN A 375 4.06 -23.48 15.93
C ASN A 375 3.81 -22.08 15.42
N GLY A 376 2.69 -21.46 15.75
CA GLY A 376 2.51 -20.05 15.36
C GLY A 376 2.46 -19.12 16.54
N SER A 377 2.83 -19.62 17.69
CA SER A 377 2.50 -18.91 18.89
C SER A 377 3.45 -17.75 19.04
N ASN A 378 3.06 -16.81 19.89
CA ASN A 378 3.87 -15.65 20.21
C ASN A 378 3.38 -14.92 21.45
N ARG A 379 4.12 -13.88 21.84
CA ARG A 379 3.85 -13.19 23.07
C ARG A 379 4.47 -11.81 23.04
N LYS A 380 3.72 -10.85 23.56
CA LYS A 380 4.18 -9.50 23.69
C LYS A 380 4.45 -9.23 25.15
N LEU A 381 5.66 -8.76 25.46
CA LEU A 381 5.97 -8.29 26.81
C LEU A 381 5.59 -6.81 26.87
N ASP A 382 4.60 -6.45 27.67
CA ASP A 382 4.15 -5.06 27.80
C ASP A 382 4.82 -4.28 28.98
N ASP A 383 5.64 -4.98 29.78
CA ASP A 383 6.50 -4.37 30.82
C ASP A 383 6.94 -2.93 30.52
N PHE A 384 6.70 -2.02 31.45
CA PHE A 384 7.25 -0.68 31.32
C PHE A 384 8.73 -0.75 31.70
N ILE A 385 9.60 -0.11 30.92
CA ILE A 385 11.01 0.01 31.29
C ILE A 385 11.38 1.49 31.33
N GLU A 386 11.80 2.00 32.49
CA GLU A 386 12.39 3.34 32.63
C GLU A 386 13.57 3.51 31.70
N PHE A 387 13.53 4.55 30.86
CA PHE A 387 14.67 4.94 30.07
C PHE A 387 15.01 6.40 30.36
N PRO A 388 16.30 6.72 30.50
CA PRO A 388 16.64 8.12 30.75
C PRO A 388 16.74 8.95 29.46
N THR A 389 16.63 10.28 29.62
CA THR A 389 16.74 11.21 28.52
C THR A 389 18.22 11.39 28.24
N TYR A 390 19.04 11.23 29.27
CA TYR A 390 20.49 11.19 29.11
C TYR A 390 21.04 9.88 29.67
N LEU A 391 21.74 9.12 28.83
CA LEU A 391 22.19 7.77 29.22
C LEU A 391 23.69 7.71 29.19
N ASN A 392 24.28 7.17 30.24
CA ASN A 392 25.72 7.15 30.39
C ASN A 392 26.25 5.74 30.25
N MET A 393 27.15 5.53 29.32
CA MET A 393 27.56 4.18 28.95
C MET A 393 28.91 3.76 29.50
N LYS A 394 29.48 4.53 30.43
CA LYS A 394 30.85 4.25 30.88
C LYS A 394 30.97 2.84 31.47
N ASN A 395 29.97 2.42 32.24
CA ASN A 395 30.01 1.13 32.88
C ASN A 395 29.93 -0.06 31.95
N TYR A 396 29.64 0.12 30.66
CA TYR A 396 29.47 -1.03 29.77
C TYR A 396 30.61 -1.20 28.76
N CYS A 397 31.69 -0.45 28.97
CA CYS A 397 32.87 -0.48 28.11
C CYS A 397 34.02 -1.23 28.78
N SER A 398 34.84 -1.94 28.01
CA SER A 398 36.06 -2.62 28.52
C SER A 398 37.19 -1.60 28.68
N THR A 399 38.39 -2.03 29.10
CA THR A 399 39.55 -1.11 29.43
C THR A 399 39.62 0.18 28.59
N SER A 406 42.80 -1.95 37.80
CA SER A 406 44.08 -1.77 38.48
C SER A 406 44.69 -0.40 38.12
N GLU A 407 45.26 -0.30 36.91
CA GLU A 407 45.75 0.98 36.36
C GLU A 407 44.55 1.89 36.06
N ASN A 408 44.74 3.20 36.16
CA ASN A 408 43.64 4.14 35.89
C ASN A 408 43.36 4.29 34.38
N GLY A 409 42.71 3.26 33.84
CA GLY A 409 41.93 3.36 32.61
C GLY A 409 40.47 3.19 33.02
N LYS A 410 40.10 3.82 34.14
CA LYS A 410 38.72 3.94 34.60
C LYS A 410 37.97 4.80 33.61
N VAL A 411 36.83 4.33 33.16
CA VAL A 411 36.17 4.88 31.99
C VAL A 411 35.48 6.21 32.32
N PRO A 412 35.75 7.26 31.54
CA PRO A 412 35.15 8.59 31.75
C PRO A 412 33.69 8.63 31.33
N ASP A 413 32.98 9.68 31.70
CA ASP A 413 31.60 9.81 31.32
C ASP A 413 31.41 9.84 29.81
N ILE A 414 30.52 9.03 29.28
CA ILE A 414 30.20 9.07 27.86
C ILE A 414 28.69 9.13 27.76
N ILE A 415 28.17 10.33 27.59
CA ILE A 415 26.75 10.57 27.76
C ILE A 415 26.04 10.82 26.43
N TYR A 416 25.01 10.00 26.17
CA TYR A 416 24.14 10.16 25.01
C TYR A 416 22.85 10.86 25.40
N GLU A 417 22.13 11.41 24.43
CA GLU A 417 20.83 12.06 24.66
C GLU A 417 19.74 11.35 23.85
N LEU A 418 18.59 11.11 24.49
CA LEU A 418 17.47 10.52 23.80
C LEU A 418 16.93 11.49 22.77
N ILE A 419 16.87 11.05 21.51
CA ILE A 419 16.25 11.82 20.45
C ILE A 419 15.04 11.13 19.76
N GLY A 420 14.89 9.83 19.92
CA GLY A 420 13.78 9.12 19.26
C GLY A 420 13.37 7.85 19.99
N ILE A 421 12.07 7.58 20.04
CA ILE A 421 11.55 6.31 20.55
C ILE A 421 10.58 5.74 19.51
N VAL A 422 10.56 4.43 19.37
CA VAL A 422 9.46 3.78 18.66
C VAL A 422 8.71 2.90 19.64
N SER A 423 7.39 3.05 19.68
CA SER A 423 6.57 2.29 20.62
C SER A 423 5.56 1.41 19.89
N HIS A 424 5.18 0.32 20.53
CA HIS A 424 4.21 -0.62 19.94
C HIS A 424 3.06 -0.86 20.88
N LYS A 425 1.84 -0.78 20.35
CA LYS A 425 0.64 -1.12 21.13
C LYS A 425 -0.11 -2.26 20.43
N GLY A 426 -0.72 -3.12 21.25
CA GLY A 426 -1.46 -4.30 20.78
C GLY A 426 -0.67 -5.59 20.96
N THR A 427 -1.19 -6.65 20.35
CA THR A 427 -0.56 -7.97 20.38
C THR A 427 0.50 -7.99 19.31
N VAL A 428 1.20 -9.12 19.17
CA VAL A 428 2.26 -9.27 18.18
C VAL A 428 1.73 -9.35 16.76
N ASN A 429 0.67 -10.14 16.55
CA ASN A 429 0.12 -10.38 15.20
C ASN A 429 -0.49 -9.12 14.58
N GLU A 430 -1.71 -8.77 15.00
CA GLU A 430 -2.22 -7.42 14.81
C GLU A 430 -1.39 -6.59 15.77
N GLY A 431 -1.21 -5.29 15.52
CA GLY A 431 -0.39 -4.45 16.40
C GLY A 431 0.08 -3.19 15.70
N HIS A 432 0.00 -2.06 16.39
CA HIS A 432 0.24 -0.73 15.82
C HIS A 432 1.53 -0.07 16.35
N TYR A 433 2.29 0.63 15.49
CA TYR A 433 3.51 1.38 15.92
C TYR A 433 3.39 2.92 15.96
N ILE A 434 4.12 3.56 16.85
CA ILE A 434 4.12 5.02 16.94
C ILE A 434 5.58 5.47 17.11
N ALA A 435 5.95 6.56 16.44
CA ALA A 435 7.27 7.20 16.62
C ALA A 435 7.19 8.44 17.48
N PHE A 436 8.19 8.64 18.32
CA PHE A 436 8.41 9.91 18.96
C PHE A 436 9.75 10.50 18.50
N CYS A 437 9.80 11.79 18.27
CA CYS A 437 11.05 12.43 17.86
C CYS A 437 11.24 13.80 18.53
N LYS A 438 12.43 14.04 19.06
CA LYS A 438 12.78 15.33 19.59
C LYS A 438 13.38 16.16 18.46
N ILE A 439 12.86 17.38 18.24
CA ILE A 439 13.43 18.29 17.22
C ILE A 439 14.30 19.39 17.85
N SER A 440 14.90 20.24 17.03
CA SER A 440 15.69 21.32 17.58
C SER A 440 14.92 22.13 18.63
N GLY A 441 15.54 22.38 19.76
CA GLY A 441 14.91 23.16 20.81
C GLY A 441 14.27 22.27 21.82
N GLY A 442 14.34 20.96 21.58
CA GLY A 442 13.95 19.98 22.57
C GLY A 442 12.45 19.84 22.68
N GLN A 443 11.77 20.02 21.56
CA GLN A 443 10.34 19.75 21.50
C GLN A 443 10.14 18.34 20.95
N TRP A 444 9.22 17.59 21.55
CA TRP A 444 8.83 16.25 21.09
C TRP A 444 7.55 16.23 20.32
N PHE A 445 7.51 15.41 19.28
CA PHE A 445 6.29 15.18 18.51
C PHE A 445 5.97 13.69 18.44
N LYS A 446 4.67 13.37 18.51
CA LYS A 446 4.14 11.99 18.44
C LYS A 446 3.61 11.79 17.03
N PHE A 447 4.13 10.80 16.30
CA PHE A 447 3.74 10.58 14.90
C PHE A 447 2.92 9.31 14.73
N ASN A 448 1.62 9.50 14.63
CA ASN A 448 0.67 8.42 14.55
C ASN A 448 0.12 8.39 13.14
N ASP A 449 0.90 7.73 12.27
CA ASP A 449 0.70 7.77 10.81
C ASP A 449 0.56 9.19 10.29
N SER A 450 -0.63 9.62 9.92
CA SER A 450 -0.79 10.98 9.40
C SER A 450 -0.93 12.01 10.48
N MET A 451 -1.41 11.64 11.66
CA MET A 451 -1.48 12.62 12.73
C MET A 451 -0.09 12.88 13.39
N VAL A 452 0.32 14.15 13.38
CA VAL A 452 1.53 14.61 14.03
C VAL A 452 1.16 15.63 15.12
N SER A 453 1.38 15.30 16.37
CA SER A 453 1.02 16.17 17.48
C SER A 453 2.23 16.40 18.37
N SER A 454 2.23 17.49 19.12
CA SER A 454 3.30 17.78 20.08
C SER A 454 2.99 17.09 21.38
N ILE A 455 3.98 16.96 22.24
CA ILE A 455 3.91 16.03 23.35
C ILE A 455 5.01 16.41 24.35
N SER A 456 4.70 16.35 25.64
CA SER A 456 5.66 16.74 26.67
C SER A 456 6.65 15.61 26.90
N GLN A 457 7.84 15.98 27.36
CA GLN A 457 8.86 15.03 27.70
C GLN A 457 8.31 14.14 28.81
N GLU A 458 7.84 14.72 29.90
CA GLU A 458 7.18 13.95 30.95
C GLU A 458 6.41 12.76 30.36
N GLU A 459 5.55 13.05 29.37
CA GLU A 459 4.64 12.05 28.79
C GLU A 459 5.31 11.07 27.86
N VAL A 460 6.29 11.53 27.08
CA VAL A 460 7.11 10.62 26.23
C VAL A 460 7.90 9.64 27.04
N LEU A 461 8.40 10.09 28.17
CA LEU A 461 9.14 9.26 29.10
C LEU A 461 8.27 8.20 29.82
N LYS A 462 6.95 8.22 29.62
CA LYS A 462 6.06 7.21 30.19
C LYS A 462 5.76 6.12 29.18
N GLU A 463 6.07 6.32 27.91
CA GLU A 463 5.82 5.31 26.90
C GLU A 463 6.49 3.94 27.15
N GLN A 464 5.88 2.92 26.56
CA GLN A 464 6.47 1.61 26.36
C GLN A 464 7.45 1.64 25.18
N ALA A 465 8.73 1.93 25.45
CA ALA A 465 9.73 1.94 24.36
C ALA A 465 9.96 0.54 23.74
N TYR A 466 10.10 0.48 22.43
CA TYR A 466 10.56 -0.73 21.78
C TYR A 466 11.91 -0.48 21.10
N LEU A 467 12.07 0.63 20.37
CA LEU A 467 13.39 1.07 19.90
C LEU A 467 13.70 2.40 20.57
N LEU A 468 14.92 2.56 21.08
CA LEU A 468 15.36 3.84 21.59
C LEU A 468 16.52 4.27 20.73
N PHE A 469 16.56 5.55 20.46
CA PHE A 469 17.55 6.16 19.60
C PHE A 469 18.30 7.22 20.40
N TYR A 470 19.60 6.98 20.61
CA TYR A 470 20.42 7.83 21.48
C TYR A 470 21.57 8.39 20.65
N THR A 471 21.78 9.71 20.71
CA THR A 471 22.81 10.39 19.95
C THR A 471 23.86 10.91 20.90
N ILE A 472 25.15 10.75 20.53
CA ILE A 472 26.26 11.05 21.45
C ILE A 472 26.33 12.53 21.78
N ARG A 473 26.40 12.87 23.06
CA ARG A 473 26.29 14.26 23.48
C ARG A 473 27.51 14.78 24.17
N GLN A 474 28.02 14.02 25.13
CA GLN A 474 29.22 14.41 25.84
C GLN A 474 30.13 13.24 26.14
N VAL A 475 31.44 13.43 25.91
CA VAL A 475 32.43 12.44 26.29
C VAL A 475 33.62 13.12 26.94
N ASN A 476 33.89 12.77 28.20
CA ASN A 476 35.00 13.35 28.96
C ASN A 476 36.32 12.60 28.77
N ALA B 6 -55.66 -40.26 -34.65
CA ALA B 6 -54.73 -39.31 -33.97
C ALA B 6 -53.70 -38.78 -34.97
N GLN B 7 -52.42 -38.72 -34.56
CA GLN B 7 -51.24 -38.27 -35.38
C GLN B 7 -51.36 -36.88 -36.02
N LEU B 8 -52.15 -36.02 -35.39
CA LEU B 8 -52.29 -34.63 -35.79
C LEU B 8 -51.72 -33.74 -34.71
N LYS B 9 -51.08 -34.34 -33.70
CA LYS B 9 -50.43 -33.53 -32.67
C LYS B 9 -49.28 -32.77 -33.32
N SER B 10 -48.55 -33.47 -34.18
CA SER B 10 -47.39 -32.93 -34.85
C SER B 10 -47.81 -31.90 -35.86
N GLN B 11 -48.83 -32.25 -36.64
CA GLN B 11 -49.48 -31.31 -37.58
C GLN B 11 -49.75 -29.98 -36.87
N ILE B 12 -50.35 -29.99 -35.67
CA ILE B 12 -50.64 -28.72 -34.95
C ILE B 12 -49.36 -28.05 -34.39
N GLN B 13 -48.35 -28.86 -34.08
CA GLN B 13 -47.06 -28.33 -33.64
C GLN B 13 -46.27 -27.73 -34.78
N GLN B 14 -46.37 -28.33 -35.95
CA GLN B 14 -45.80 -27.75 -37.16
C GLN B 14 -46.40 -26.37 -37.36
N TYR B 15 -47.72 -26.25 -37.18
CA TYR B 15 -48.37 -24.96 -37.35
C TYR B 15 -47.74 -23.92 -36.47
N LEU B 16 -47.77 -24.19 -35.17
CA LEU B 16 -47.26 -23.25 -34.16
C LEU B 16 -45.85 -22.84 -34.48
N VAL B 17 -45.00 -23.81 -34.78
CA VAL B 17 -43.65 -23.48 -35.10
C VAL B 17 -43.61 -22.49 -36.25
N GLU B 18 -44.36 -22.73 -37.32
CA GLU B 18 -44.25 -21.86 -38.50
C GLU B 18 -44.97 -20.52 -38.39
N SER B 19 -45.93 -20.41 -37.48
CA SER B 19 -46.60 -19.14 -37.24
C SER B 19 -45.83 -18.29 -36.26
N GLY B 20 -44.76 -18.83 -35.68
CA GLY B 20 -43.93 -18.10 -34.74
C GLY B 20 -44.40 -18.17 -33.29
N ASN B 21 -45.56 -18.77 -33.06
CA ASN B 21 -46.13 -18.81 -31.72
C ASN B 21 -45.54 -19.94 -30.85
N TYR B 22 -44.79 -20.85 -31.47
CA TYR B 22 -44.07 -21.83 -30.68
C TYR B 22 -42.89 -21.14 -29.99
N GLU B 23 -42.00 -20.47 -30.74
CA GLU B 23 -41.02 -19.55 -30.11
C GLU B 23 -41.64 -18.83 -28.89
N LEU B 24 -42.75 -18.12 -29.10
CA LEU B 24 -43.41 -17.33 -28.04
C LEU B 24 -43.76 -18.20 -26.82
N ILE B 25 -44.51 -19.26 -27.04
CA ILE B 25 -44.91 -20.07 -25.90
C ILE B 25 -43.67 -20.50 -25.16
N SER B 26 -42.73 -21.03 -25.94
CA SER B 26 -41.52 -21.62 -25.43
C SER B 26 -40.70 -20.59 -24.66
N ASN B 27 -40.57 -19.39 -25.21
CA ASN B 27 -39.79 -18.38 -24.56
C ASN B 27 -40.45 -17.85 -23.33
N GLU B 28 -41.74 -17.62 -23.40
CA GLU B 28 -42.47 -17.14 -22.21
C GLU B 28 -42.34 -18.15 -21.07
N LEU B 29 -42.31 -19.44 -21.41
CA LEU B 29 -42.16 -20.49 -20.40
C LEU B 29 -40.76 -20.48 -19.75
N LYS B 30 -39.70 -20.55 -20.53
CA LYS B 30 -38.34 -20.43 -19.96
C LYS B 30 -38.26 -19.16 -19.13
N ALA B 31 -38.81 -18.06 -19.63
CA ALA B 31 -38.79 -16.81 -18.89
C ALA B 31 -39.45 -16.90 -17.50
N ARG B 32 -40.69 -17.39 -17.41
CA ARG B 32 -41.35 -17.61 -16.12
C ARG B 32 -40.56 -18.50 -15.17
N LEU B 33 -40.06 -19.59 -15.72
CA LEU B 33 -39.50 -20.66 -14.90
C LEU B 33 -38.24 -20.18 -14.23
N LEU B 34 -37.49 -19.38 -14.97
CA LEU B 34 -36.25 -18.79 -14.48
C LEU B 34 -36.53 -17.87 -13.33
N GLN B 35 -37.47 -16.95 -13.55
CA GLN B 35 -37.75 -15.92 -12.57
C GLN B 35 -38.43 -16.44 -11.29
N GLU B 36 -39.21 -17.52 -11.39
CA GLU B 36 -39.75 -18.14 -10.19
C GLU B 36 -38.77 -19.09 -9.49
N GLY B 37 -37.54 -19.19 -9.99
CA GLY B 37 -36.50 -19.93 -9.29
C GLY B 37 -36.39 -21.38 -9.69
N TRP B 38 -37.28 -21.81 -10.57
CA TRP B 38 -37.42 -23.21 -10.90
C TRP B 38 -36.19 -23.81 -11.53
N VAL B 39 -35.54 -23.06 -12.41
CA VAL B 39 -34.39 -23.61 -13.11
C VAL B 39 -33.37 -23.98 -12.07
N ASP B 40 -33.21 -23.10 -11.08
CA ASP B 40 -32.24 -23.29 -10.01
C ASP B 40 -32.60 -24.45 -9.11
N LYS B 41 -33.88 -24.56 -8.78
CA LYS B 41 -34.36 -25.69 -7.98
C LYS B 41 -34.08 -27.04 -8.67
N VAL B 42 -34.33 -27.10 -9.96
CA VAL B 42 -34.09 -28.32 -10.69
C VAL B 42 -32.60 -28.64 -10.71
N LYS B 43 -31.74 -27.67 -11.00
CA LYS B 43 -30.29 -27.88 -10.99
C LYS B 43 -29.81 -28.47 -9.66
N ASP B 44 -30.35 -27.94 -8.56
CA ASP B 44 -29.94 -28.35 -7.21
C ASP B 44 -30.50 -29.74 -6.87
N LEU B 45 -31.74 -29.98 -7.28
CA LEU B 45 -32.34 -31.29 -7.17
C LEU B 45 -31.49 -32.33 -7.88
N THR B 46 -30.94 -31.95 -9.02
CA THR B 46 -30.11 -32.87 -9.78
C THR B 46 -28.86 -33.15 -8.98
N LYS B 47 -28.26 -32.10 -8.45
CA LYS B 47 -27.00 -32.29 -7.75
C LYS B 47 -27.23 -33.17 -6.50
N SER B 48 -28.32 -32.91 -5.78
CA SER B 48 -28.72 -33.70 -4.60
C SER B 48 -28.99 -35.17 -4.88
N GLU B 49 -29.66 -35.47 -6.00
CA GLU B 49 -29.88 -36.87 -6.40
C GLU B 49 -28.60 -37.53 -6.84
N MET B 50 -27.66 -36.78 -7.43
CA MET B 50 -26.35 -37.34 -7.76
C MET B 50 -25.64 -37.77 -6.51
N ASN B 51 -25.86 -37.02 -5.43
CA ASN B 51 -25.18 -37.30 -4.18
C ASN B 51 -25.83 -38.47 -3.49
N ILE B 52 -27.14 -38.36 -3.33
CA ILE B 52 -27.94 -39.37 -2.67
C ILE B 52 -27.77 -40.73 -3.31
N ASN B 53 -27.65 -40.77 -4.65
CA ASN B 53 -27.49 -42.03 -5.40
C ASN B 53 -26.07 -42.38 -5.82
N GLU B 54 -25.08 -41.54 -5.47
CA GLU B 54 -23.68 -41.80 -5.79
C GLU B 54 -23.47 -42.10 -7.28
N SER B 55 -24.20 -41.39 -8.14
CA SER B 55 -24.17 -41.67 -9.54
C SER B 55 -24.19 -40.39 -10.33
N THR B 56 -23.63 -40.43 -11.52
CA THR B 56 -23.74 -39.36 -12.54
C THR B 56 -24.38 -39.86 -13.85
N ASN B 57 -24.86 -41.10 -13.85
CA ASN B 57 -25.47 -41.70 -15.03
C ASN B 57 -26.79 -40.99 -15.34
N PHE B 58 -26.86 -40.37 -16.53
CA PHE B 58 -28.03 -39.58 -16.92
C PHE B 58 -29.39 -40.28 -16.71
N THR B 59 -29.55 -41.47 -17.26
CA THR B 59 -30.84 -42.15 -17.27
C THR B 59 -31.38 -42.39 -15.86
N GLN B 60 -30.49 -42.89 -15.03
CA GLN B 60 -30.81 -43.17 -13.65
C GLN B 60 -31.23 -41.91 -12.91
N ILE B 61 -30.46 -40.85 -13.06
CA ILE B 61 -30.71 -39.60 -12.33
C ILE B 61 -31.98 -38.93 -12.85
N LEU B 62 -32.13 -38.92 -14.19
CA LEU B 62 -33.33 -38.41 -14.84
C LEU B 62 -34.58 -38.97 -14.24
N SER B 63 -34.57 -40.26 -13.94
CA SER B 63 -35.79 -40.97 -13.56
C SER B 63 -36.29 -40.56 -12.20
N THR B 64 -35.39 -40.07 -11.37
CA THR B 64 -35.76 -39.58 -10.04
C THR B 64 -35.98 -38.05 -10.05
N VAL B 65 -35.35 -37.34 -10.99
CA VAL B 65 -35.48 -35.91 -11.00
C VAL B 65 -36.73 -35.49 -11.75
N GLU B 66 -37.03 -36.17 -12.86
CA GLU B 66 -38.00 -35.66 -13.82
C GLU B 66 -39.41 -35.52 -13.26
N PRO B 67 -39.87 -36.54 -12.52
CA PRO B 67 -41.20 -36.43 -11.95
C PRO B 67 -41.29 -35.31 -10.88
N LYS B 68 -40.25 -35.13 -10.08
CA LYS B 68 -40.22 -34.09 -9.06
C LYS B 68 -40.09 -32.69 -9.67
N ALA B 69 -39.45 -32.57 -10.83
CA ALA B 69 -39.35 -31.29 -11.50
C ALA B 69 -40.69 -30.93 -12.11
N LEU B 70 -41.44 -31.90 -12.60
CA LEU B 70 -42.77 -31.58 -13.13
C LEU B 70 -43.75 -31.21 -11.97
N GLU B 71 -43.62 -31.89 -10.85
CA GLU B 71 -44.41 -31.57 -9.67
C GLU B 71 -44.09 -30.15 -9.19
N MET B 72 -42.89 -29.68 -9.51
CA MET B 72 -42.38 -28.40 -8.99
C MET B 72 -42.83 -27.13 -9.71
N VAL B 73 -43.40 -27.19 -10.92
CA VAL B 73 -43.77 -25.93 -11.61
C VAL B 73 -44.97 -25.34 -10.88
N SER B 74 -45.02 -24.02 -10.73
CA SER B 74 -46.08 -23.35 -9.93
C SER B 74 -47.41 -23.54 -10.61
N ASP B 75 -48.50 -23.44 -9.86
CA ASP B 75 -49.82 -23.27 -10.50
C ASP B 75 -49.85 -22.13 -11.52
N SER B 76 -49.44 -20.93 -11.12
CA SER B 76 -49.46 -19.77 -12.02
C SER B 76 -48.86 -20.04 -13.37
N THR B 77 -47.65 -20.57 -13.39
CA THR B 77 -46.96 -20.76 -14.65
C THR B 77 -47.76 -21.72 -15.49
N ARG B 78 -48.12 -22.84 -14.87
CA ARG B 78 -48.95 -23.89 -15.46
C ARG B 78 -50.30 -23.40 -15.99
N GLU B 79 -51.07 -22.66 -15.18
CA GLU B 79 -52.38 -22.15 -15.64
C GLU B 79 -52.19 -21.17 -16.77
N THR B 80 -51.26 -20.23 -16.60
CA THR B 80 -51.02 -19.15 -17.56
C THR B 80 -50.55 -19.63 -18.91
N VAL B 81 -49.56 -20.53 -18.92
CA VAL B 81 -49.01 -21.01 -20.16
C VAL B 81 -50.06 -21.86 -20.87
N LEU B 82 -50.68 -22.80 -20.16
CA LEU B 82 -51.76 -23.61 -20.74
C LEU B 82 -52.81 -22.69 -21.41
N LYS B 83 -53.28 -21.71 -20.64
CA LYS B 83 -54.24 -20.73 -21.15
C LYS B 83 -53.76 -20.20 -22.50
N GLN B 84 -52.50 -19.76 -22.51
CA GLN B 84 -51.90 -19.20 -23.70
C GLN B 84 -51.89 -20.21 -24.85
N ILE B 85 -51.58 -21.47 -24.55
CA ILE B 85 -51.58 -22.53 -25.59
C ILE B 85 -52.97 -22.79 -26.15
N ARG B 86 -53.91 -23.16 -25.28
CA ARG B 86 -55.31 -23.23 -25.68
C ARG B 86 -55.72 -22.05 -26.59
N GLU B 87 -55.42 -20.84 -26.18
CA GLU B 87 -55.76 -19.64 -26.98
C GLU B 87 -55.27 -19.76 -28.43
N PHE B 88 -53.99 -20.08 -28.64
CA PHE B 88 -53.43 -20.18 -29.99
C PHE B 88 -53.99 -21.36 -30.75
N LEU B 89 -54.45 -22.37 -30.01
CA LEU B 89 -55.06 -23.58 -30.58
C LEU B 89 -56.41 -23.26 -31.16
N GLU B 90 -57.26 -22.64 -30.35
CA GLU B 90 -58.66 -22.35 -30.72
C GLU B 90 -58.76 -21.51 -32.00
N GLU B 91 -57.69 -20.84 -32.37
CA GLU B 91 -57.63 -20.12 -33.65
C GLU B 91 -57.41 -21.01 -34.88
N ILE B 92 -57.16 -22.31 -34.70
CA ILE B 92 -56.85 -23.20 -35.83
C ILE B 92 -57.46 -24.62 -35.84
N VAL B 93 -58.27 -24.97 -34.83
CA VAL B 93 -58.95 -26.27 -34.80
C VAL B 93 -60.46 -26.17 -34.81
N ASP B 94 -61.06 -27.28 -35.24
CA ASP B 94 -62.50 -27.44 -35.25
C ASP B 94 -62.90 -28.62 -34.37
N THR B 95 -64.00 -28.41 -33.66
CA THR B 95 -64.54 -29.35 -32.68
C THR B 95 -65.83 -30.02 -33.19
N THR C 5 -62.17 -38.41 -27.95
CA THR C 5 -60.95 -39.07 -27.41
C THR C 5 -59.95 -38.01 -26.99
N ILE C 6 -59.76 -37.01 -27.85
CA ILE C 6 -58.66 -36.03 -27.80
C ILE C 6 -59.12 -34.56 -27.68
N THR C 7 -59.06 -34.01 -26.46
CA THR C 7 -59.55 -32.64 -26.17
C THR C 7 -58.50 -31.53 -26.41
N ILE C 8 -58.96 -30.27 -26.38
CA ILE C 8 -58.07 -29.09 -26.44
C ILE C 8 -57.22 -29.02 -25.17
N ASP C 9 -57.87 -29.15 -24.01
CA ASP C 9 -57.18 -29.29 -22.71
C ASP C 9 -56.08 -30.34 -22.80
N SER C 10 -56.39 -31.49 -23.41
CA SER C 10 -55.45 -32.62 -23.38
C SER C 10 -54.26 -32.37 -24.28
N ILE C 11 -54.50 -31.99 -25.52
CA ILE C 11 -53.37 -31.82 -26.40
C ILE C 11 -52.64 -30.52 -26.07
N SER C 12 -53.24 -29.67 -25.24
CA SER C 12 -52.52 -28.52 -24.71
C SER C 12 -51.48 -29.03 -23.74
N ASN C 13 -51.86 -30.02 -22.95
CA ASN C 13 -50.99 -30.57 -21.93
C ASN C 13 -49.86 -31.41 -22.50
N GLY C 14 -50.10 -32.03 -23.63
CA GLY C 14 -49.04 -32.74 -24.35
C GLY C 14 -47.94 -31.77 -24.75
N ILE C 15 -48.34 -30.60 -25.26
CA ILE C 15 -47.40 -29.61 -25.75
C ILE C 15 -46.57 -28.99 -24.64
N LEU C 16 -47.23 -28.72 -23.49
CA LEU C 16 -46.55 -28.21 -22.28
C LEU C 16 -45.64 -29.28 -21.73
N ASN C 17 -46.16 -30.49 -21.60
CA ASN C 17 -45.36 -31.62 -21.20
C ASN C 17 -44.10 -31.78 -22.05
N ASN C 18 -44.22 -31.54 -23.35
CA ASN C 18 -43.08 -31.71 -24.20
C ASN C 18 -42.05 -30.64 -23.88
N LEU C 19 -42.51 -29.40 -23.81
CA LEU C 19 -41.61 -28.31 -23.47
C LEU C 19 -40.90 -28.54 -22.12
N LEU C 20 -41.65 -28.89 -21.06
CA LEU C 20 -41.09 -29.09 -19.71
C LEU C 20 -40.06 -30.19 -19.69
N THR C 21 -40.46 -31.40 -20.14
CA THR C 21 -39.58 -32.56 -20.15
C THR C 21 -38.31 -32.29 -20.97
N THR C 22 -38.44 -31.59 -22.10
CA THR C 22 -37.28 -31.16 -22.89
C THR C 22 -36.36 -30.29 -22.02
N LEU C 23 -36.95 -29.27 -21.43
CA LEU C 23 -36.17 -28.35 -20.60
C LEU C 23 -35.51 -29.09 -19.42
N ILE C 24 -36.29 -29.90 -18.68
CA ILE C 24 -35.71 -30.72 -17.61
C ILE C 24 -34.54 -31.60 -18.10
N GLN C 25 -34.75 -32.30 -19.20
CA GLN C 25 -33.75 -33.22 -19.72
C GLN C 25 -32.49 -32.47 -20.16
N ASP C 26 -32.65 -31.20 -20.53
CA ASP C 26 -31.48 -30.39 -20.86
C ASP C 26 -30.71 -29.94 -19.59
N ILE C 27 -31.43 -29.41 -18.60
CA ILE C 27 -30.80 -29.05 -17.33
C ILE C 27 -30.02 -30.27 -16.79
N VAL C 28 -30.71 -31.39 -16.64
CA VAL C 28 -30.08 -32.63 -16.08
C VAL C 28 -28.81 -33.07 -16.87
N ALA C 29 -28.83 -32.97 -18.21
CA ALA C 29 -27.69 -33.42 -19.05
C ALA C 29 -26.46 -32.55 -18.79
N ARG C 30 -26.66 -31.25 -18.65
CA ARG C 30 -25.59 -30.33 -18.34
C ARG C 30 -25.04 -30.55 -16.95
N GLU C 31 -25.90 -30.88 -15.98
CA GLU C 31 -25.41 -31.19 -14.63
C GLU C 31 -24.68 -32.52 -14.54
N THR C 32 -25.29 -33.57 -15.12
CA THR C 32 -24.67 -34.89 -14.97
C THR C 32 -23.33 -34.90 -15.66
N THR C 33 -23.28 -34.41 -16.90
CA THR C 33 -22.02 -34.42 -17.65
C THR C 33 -20.94 -33.62 -16.91
N GLN C 34 -21.36 -32.53 -16.30
CA GLN C 34 -20.43 -31.59 -15.68
C GLN C 34 -19.76 -32.25 -14.49
N GLN C 35 -20.54 -32.95 -13.69
CA GLN C 35 -20.07 -33.59 -12.47
C GLN C 35 -19.20 -34.76 -12.84
N GLN C 36 -19.53 -35.33 -13.99
CA GLN C 36 -18.83 -36.45 -14.50
C GLN C 36 -17.49 -35.99 -15.00
N LEU C 37 -17.43 -34.82 -15.60
CA LEU C 37 -16.11 -34.29 -15.94
C LEU C 37 -15.27 -34.02 -14.68
N LEU C 38 -15.88 -33.45 -13.63
CA LEU C 38 -15.12 -33.16 -12.40
C LEU C 38 -14.60 -34.44 -11.75
N LYS C 39 -15.42 -35.48 -11.65
CA LYS C 39 -14.94 -36.72 -11.01
C LYS C 39 -13.84 -37.45 -11.85
N THR C 40 -13.83 -37.29 -13.15
CA THR C 40 -12.82 -37.97 -13.93
C THR C 40 -11.52 -37.21 -13.87
N ARG C 41 -11.61 -35.90 -14.03
CA ARG C 41 -10.45 -35.01 -14.03
C ARG C 41 -9.75 -34.89 -12.67
N TYR C 42 -10.51 -35.04 -11.59
CA TYR C 42 -9.97 -34.92 -10.23
C TYR C 42 -10.48 -36.04 -9.27
N PRO C 43 -9.80 -37.21 -9.26
CA PRO C 43 -10.05 -38.32 -8.31
C PRO C 43 -10.43 -37.95 -6.87
N ASP C 44 -9.72 -36.98 -6.29
CA ASP C 44 -10.06 -36.45 -4.96
C ASP C 44 -10.84 -35.14 -5.09
N LEU C 45 -11.90 -34.99 -4.28
CA LEU C 45 -12.65 -33.72 -4.16
C LEU C 45 -13.21 -33.55 -2.75
N ASP D 5 -62.44 -30.11 -22.16
CA ASP D 5 -63.88 -29.83 -22.43
C ASP D 5 -64.20 -30.05 -23.89
N ALA D 6 -63.49 -29.38 -24.78
CA ALA D 6 -63.77 -29.49 -26.23
C ALA D 6 -63.46 -30.88 -26.78
N GLU D 7 -63.92 -31.15 -28.00
CA GLU D 7 -63.42 -32.25 -28.82
C GLU D 7 -62.64 -31.61 -29.97
N ILE D 8 -61.97 -32.40 -30.80
CA ILE D 8 -61.26 -31.85 -31.96
C ILE D 8 -61.61 -32.61 -33.21
N GLY D 10 -60.82 -32.22 -36.03
CA GLY D 10 -59.80 -32.03 -37.04
C GLY D 10 -59.24 -30.61 -37.01
N ILE D 11 -58.39 -30.30 -37.99
CA ILE D 11 -57.72 -28.99 -38.13
C ILE D 11 -58.30 -28.14 -39.25
N LYS D 12 -58.59 -26.87 -38.94
CA LYS D 12 -59.22 -25.93 -39.89
C LYS D 12 -58.66 -26.04 -41.31
N PRO D 13 -59.54 -26.29 -42.31
CA PRO D 13 -59.13 -26.50 -43.71
C PRO D 13 -58.45 -25.28 -44.33
N LYS D 14 -58.84 -24.08 -43.90
CA LYS D 14 -58.22 -22.86 -44.37
C LYS D 14 -56.75 -22.79 -43.92
N VAL D 15 -56.49 -23.14 -42.67
CA VAL D 15 -55.15 -23.02 -42.12
C VAL D 15 -54.22 -24.10 -42.68
N ILE D 16 -54.76 -25.30 -42.96
CA ILE D 16 -53.98 -26.38 -43.61
C ILE D 16 -53.39 -25.93 -44.93
N GLU D 17 -54.26 -25.35 -45.74
CA GLU D 17 -53.90 -24.87 -47.07
C GLU D 17 -52.85 -23.77 -46.98
N GLU D 18 -52.90 -23.00 -45.89
CA GLU D 18 -51.90 -21.95 -45.69
C GLU D 18 -50.47 -22.48 -45.39
N TYR D 19 -50.31 -23.75 -44.97
CA TYR D 19 -48.97 -24.36 -44.81
C TYR D 19 -48.90 -25.86 -45.19
N SER D 20 -49.58 -26.70 -44.41
CA SER D 20 -49.25 -28.15 -44.25
C SER D 20 -49.31 -29.07 -45.50
N LEU D 21 -48.96 -30.36 -45.31
CA LEU D 21 -48.99 -31.36 -46.39
C LEU D 21 -50.42 -31.75 -46.80
N GLY D 24 -42.58 -30.62 -47.08
CA GLY D 24 -42.23 -31.74 -46.21
C GLY D 24 -43.23 -32.90 -46.25
N SER D 25 -42.87 -34.04 -45.61
CA SER D 25 -41.56 -34.20 -44.95
C SER D 25 -40.49 -34.72 -45.91
N GLY D 26 -39.25 -34.25 -45.72
CA GLY D 26 -38.07 -34.81 -46.38
C GLY D 26 -37.63 -36.10 -45.71
N PRO D 27 -36.60 -36.76 -46.26
CA PRO D 27 -36.15 -38.04 -45.73
C PRO D 27 -35.65 -37.90 -44.31
N SER D 28 -35.93 -38.91 -43.48
CA SER D 28 -35.57 -38.80 -42.07
C SER D 28 -34.04 -38.86 -41.89
N ASN D 29 -33.37 -39.75 -42.62
CA ASN D 29 -31.90 -39.90 -42.55
C ASN D 29 -31.03 -38.72 -43.08
N ASP D 30 -31.62 -37.67 -43.69
CA ASP D 30 -30.84 -36.44 -44.05
C ASP D 30 -31.19 -35.20 -43.19
N SER D 31 -32.34 -35.29 -42.53
CA SER D 31 -32.91 -34.20 -41.72
C SER D 31 -31.92 -33.10 -41.23
N TRP D 32 -31.04 -33.44 -40.29
CA TRP D 32 -30.17 -32.44 -39.68
C TRP D 32 -29.02 -32.03 -40.54
N LYS D 33 -28.51 -32.94 -41.37
CA LYS D 33 -27.38 -32.58 -42.23
C LYS D 33 -27.83 -31.49 -43.17
N SER D 34 -29.12 -31.54 -43.50
CA SER D 34 -29.71 -30.67 -44.52
C SER D 34 -29.51 -29.19 -44.26
N LEU D 35 -29.32 -28.82 -43.01
CA LEU D 35 -29.13 -27.44 -42.63
C LEU D 35 -27.72 -26.89 -42.84
N MET D 36 -26.74 -27.75 -43.09
CA MET D 36 -25.37 -27.24 -43.17
C MET D 36 -25.25 -26.08 -44.15
N SER D 37 -25.88 -26.20 -45.31
CA SER D 37 -25.72 -25.17 -46.34
C SER D 37 -26.18 -23.77 -45.92
N SER D 38 -27.38 -23.65 -45.33
CA SER D 38 -27.85 -22.33 -44.92
C SER D 38 -27.23 -21.88 -43.58
N ALA D 39 -26.84 -22.82 -42.74
CA ALA D 39 -26.09 -22.47 -41.52
C ALA D 39 -24.86 -21.66 -41.91
N LYS D 40 -24.17 -22.08 -42.98
CA LYS D 40 -22.97 -21.38 -43.52
C LYS D 40 -23.27 -19.92 -43.81
N ASP D 41 -24.45 -19.66 -44.37
CA ASP D 41 -24.90 -18.28 -44.61
C ASP D 41 -25.54 -17.62 -43.41
N THR D 42 -25.67 -18.32 -42.28
CA THR D 42 -26.39 -17.77 -41.14
C THR D 42 -25.43 -17.29 -40.03
N PRO D 43 -25.74 -16.15 -39.42
CA PRO D 43 -24.93 -15.59 -38.34
C PRO D 43 -25.27 -16.20 -36.99
N LEU D 44 -24.43 -15.90 -36.01
CA LEU D 44 -24.40 -16.61 -34.75
C LEU D 44 -25.75 -16.43 -34.07
N GLN D 45 -26.32 -17.52 -33.58
CA GLN D 45 -27.63 -17.51 -32.93
C GLN D 45 -27.52 -18.03 -31.50
N TYR D 46 -28.29 -17.46 -30.60
CA TYR D 46 -28.29 -17.95 -29.21
C TYR D 46 -29.63 -18.59 -28.94
N ASP D 47 -29.68 -19.52 -27.99
CA ASP D 47 -30.93 -20.22 -27.73
C ASP D 47 -31.97 -19.31 -27.11
N HIS D 48 -31.60 -18.54 -26.09
CA HIS D 48 -32.56 -17.70 -25.39
C HIS D 48 -32.16 -16.27 -25.39
N MET D 49 -31.59 -15.86 -26.54
CA MET D 49 -31.36 -14.48 -26.89
C MET D 49 -31.78 -14.25 -28.33
N ASN D 50 -32.95 -13.63 -28.44
CA ASN D 50 -33.66 -13.39 -29.68
C ASN D 50 -32.94 -12.42 -30.53
N ARG D 51 -32.74 -12.71 -31.80
CA ARG D 51 -31.83 -11.86 -32.56
C ARG D 51 -32.32 -10.43 -32.69
N GLU D 52 -33.57 -10.25 -33.08
CA GLU D 52 -34.10 -8.92 -33.38
C GLU D 52 -34.27 -8.08 -32.11
N SER D 53 -34.47 -8.72 -30.96
CA SER D 53 -34.42 -7.97 -29.71
C SER D 53 -32.98 -7.55 -29.30
N LEU D 54 -31.97 -8.40 -29.54
CA LEU D 54 -30.56 -7.96 -29.35
C LEU D 54 -30.24 -6.74 -30.22
N LYS D 55 -30.68 -6.77 -31.46
CA LYS D 55 -30.48 -5.63 -32.33
C LYS D 55 -31.19 -4.38 -31.79
N LYS D 56 -32.44 -4.51 -31.33
CA LYS D 56 -33.18 -3.34 -30.86
C LYS D 56 -32.54 -2.80 -29.60
N TYR D 57 -32.24 -3.65 -28.61
CA TYR D 57 -31.96 -3.20 -27.23
C TYR D 57 -30.49 -3.30 -26.69
N PHE D 58 -29.56 -3.77 -27.52
CA PHE D 58 -28.20 -3.97 -27.05
C PHE D 58 -27.27 -3.34 -28.04
N ASN D 59 -26.04 -3.08 -27.64
CA ASN D 59 -25.14 -2.38 -28.56
C ASN D 59 -24.83 -3.35 -29.67
N PRO D 60 -24.56 -2.85 -30.88
CA PRO D 60 -24.46 -3.85 -31.96
C PRO D 60 -23.18 -4.71 -31.94
N ASN D 61 -22.08 -4.18 -31.45
CA ASN D 61 -20.87 -5.00 -31.26
C ASN D 61 -20.75 -5.53 -29.81
N ALA D 62 -21.88 -5.66 -29.09
CA ALA D 62 -21.91 -6.20 -27.74
C ALA D 62 -21.37 -7.63 -27.71
N GLN D 63 -20.65 -7.96 -26.63
CA GLN D 63 -20.17 -9.29 -26.41
C GLN D 63 -21.29 -10.05 -25.75
N LEU D 64 -21.43 -11.30 -26.13
CA LEU D 64 -22.44 -12.10 -25.52
C LEU D 64 -21.92 -13.50 -25.32
N ILE D 65 -22.00 -13.93 -24.06
CA ILE D 65 -21.84 -15.28 -23.64
C ILE D 65 -23.18 -15.72 -23.12
N GLU D 66 -23.81 -16.67 -23.80
CA GLU D 66 -25.07 -17.20 -23.29
C GLU D 66 -24.82 -18.10 -22.08
N ASP D 67 -25.61 -17.89 -21.01
CA ASP D 67 -25.61 -18.79 -19.87
C ASP D 67 -24.18 -18.97 -19.45
N PRO D 68 -23.58 -17.91 -18.93
CA PRO D 68 -22.15 -17.92 -18.65
C PRO D 68 -21.76 -18.72 -17.42
N LEU D 69 -22.65 -18.84 -16.44
CA LEU D 69 -22.29 -19.52 -15.20
C LEU D 69 -22.77 -20.96 -15.24
N ASP D 70 -23.36 -21.35 -16.37
CA ASP D 70 -23.84 -22.69 -16.57
C ASP D 70 -22.75 -23.73 -16.39
N LYS D 71 -21.61 -23.57 -17.05
CA LYS D 71 -20.48 -24.49 -16.92
C LYS D 71 -19.22 -23.73 -16.53
N PRO D 72 -18.27 -24.41 -15.91
CA PRO D 72 -17.09 -23.68 -15.48
C PRO D 72 -16.24 -23.27 -16.66
N ILE D 73 -15.27 -22.39 -16.42
CA ILE D 73 -14.50 -21.77 -17.51
C ILE D 73 -13.80 -22.85 -18.27
N GLN D 74 -13.69 -22.67 -19.57
CA GLN D 74 -13.07 -23.66 -20.42
C GLN D 74 -11.71 -23.07 -20.73
N TYR D 75 -10.70 -23.54 -19.99
CA TYR D 75 -9.37 -23.15 -20.29
C TYR D 75 -8.36 -24.29 -20.14
N ARG D 76 -7.14 -24.00 -20.54
CA ARG D 76 -6.02 -24.89 -20.37
C ARG D 76 -4.83 -24.02 -19.97
N VAL D 77 -3.84 -24.61 -19.30
CA VAL D 77 -2.71 -23.87 -18.74
C VAL D 77 -1.48 -24.26 -19.53
N CYS D 78 -0.69 -23.29 -19.94
CA CYS D 78 0.51 -23.49 -20.76
C CYS D 78 1.55 -24.24 -19.94
N GLU D 79 2.19 -25.25 -20.51
CA GLU D 79 3.31 -25.93 -19.81
C GLU D 79 4.60 -25.12 -19.62
N LYS D 80 5.00 -24.26 -20.55
CA LYS D 80 6.17 -23.40 -20.35
C LYS D 80 5.84 -22.27 -19.35
N CYS D 81 4.91 -21.36 -19.69
CA CYS D 81 4.68 -20.14 -18.86
C CYS D 81 3.69 -20.30 -17.69
N GLY D 82 2.85 -21.32 -17.74
CA GLY D 82 1.77 -21.48 -16.76
C GLY D 82 0.56 -20.53 -16.91
N LYS D 83 0.39 -19.89 -18.08
CA LYS D 83 -0.78 -19.03 -18.29
C LYS D 83 -2.10 -19.77 -18.59
N PRO D 84 -3.21 -19.26 -18.03
CA PRO D 84 -4.54 -19.72 -18.42
C PRO D 84 -4.90 -19.14 -19.76
N LEU D 85 -5.23 -20.02 -20.71
CA LEU D 85 -5.50 -19.72 -22.11
C LEU D 85 -6.93 -20.16 -22.50
N ALA D 86 -7.72 -19.27 -23.10
CA ALA D 86 -9.03 -19.69 -23.62
C ALA D 86 -8.78 -20.65 -24.76
N LEU D 87 -9.67 -21.61 -24.94
CA LEU D 87 -9.45 -22.63 -25.94
C LEU D 87 -9.11 -21.97 -27.29
N THR D 88 -9.82 -20.91 -27.64
CA THR D 88 -9.59 -20.26 -28.90
C THR D 88 -8.27 -19.52 -29.04
N ALA D 89 -7.49 -19.42 -27.96
CA ALA D 89 -6.24 -18.69 -27.93
C ALA D 89 -5.01 -19.60 -27.87
N ILE D 90 -5.22 -20.85 -27.51
CA ILE D 90 -4.14 -21.79 -27.31
C ILE D 90 -3.24 -21.91 -28.50
N VAL D 91 -3.79 -22.18 -29.67
CA VAL D 91 -2.97 -22.43 -30.84
C VAL D 91 -2.05 -21.29 -31.25
N ASP D 92 -2.58 -20.08 -31.27
CA ASP D 92 -1.72 -18.90 -31.46
C ASP D 92 -0.60 -18.83 -30.41
N HIS D 93 -0.96 -18.83 -29.12
CA HIS D 93 0.02 -18.84 -28.03
C HIS D 93 1.14 -19.77 -28.31
N LEU D 94 0.84 -20.96 -28.82
CA LEU D 94 1.88 -21.99 -28.96
C LEU D 94 2.90 -21.73 -30.05
N GLU D 95 2.48 -21.29 -31.24
CA GLU D 95 3.41 -21.22 -32.40
C GLU D 95 4.78 -20.56 -32.10
N MET E 6 10.98 41.90 13.84
CA MET E 6 11.84 42.77 14.68
C MET E 6 12.80 43.59 13.80
N SER E 7 13.69 44.37 14.41
CA SER E 7 14.67 45.13 13.64
C SER E 7 16.08 44.52 13.79
N ILE E 8 17.07 45.18 13.21
CA ILE E 8 18.44 44.68 13.14
C ILE E 8 19.38 45.70 13.74
N CYS E 9 20.56 45.23 14.15
CA CYS E 9 21.56 46.13 14.67
C CYS E 9 21.92 47.20 13.64
N PRO E 10 21.58 48.48 13.92
CA PRO E 10 21.87 49.57 12.99
C PRO E 10 23.37 49.79 12.86
N HIS E 11 24.10 49.55 13.94
CA HIS E 11 25.57 49.70 13.95
C HIS E 11 26.25 48.77 12.96
N ILE E 12 25.80 47.52 12.90
CA ILE E 12 26.37 46.60 11.92
C ILE E 12 25.87 46.88 10.49
N GLN E 13 24.61 47.26 10.36
CA GLN E 13 23.98 47.67 9.08
C GLN E 13 24.78 48.79 8.46
N GLN E 14 25.14 49.74 9.33
CA GLN E 14 25.98 50.85 8.97
C GLN E 14 27.25 50.34 8.31
N VAL E 15 28.03 49.59 9.06
CA VAL E 15 29.34 49.15 8.60
C VAL E 15 29.22 48.41 7.28
N PHE E 16 28.09 47.73 7.08
CA PHE E 16 27.85 46.93 5.86
C PHE E 16 27.56 47.75 4.57
N GLN E 17 27.39 49.05 4.73
CA GLN E 17 27.19 49.92 3.59
C GLN E 17 28.51 50.07 2.81
N ASN E 18 29.63 50.11 3.53
CA ASN E 18 30.95 50.00 2.89
C ASN E 18 31.27 48.52 2.61
N GLU E 19 31.32 48.12 1.34
CA GLU E 19 31.50 46.70 0.95
C GLU E 19 32.92 46.12 1.00
N LYS E 20 33.92 46.93 1.35
CA LYS E 20 35.28 46.42 1.62
C LYS E 20 35.43 46.06 3.10
N SER E 21 34.71 46.79 3.96
CA SER E 21 34.70 46.55 5.40
C SER E 21 33.63 45.51 5.81
N LYS E 22 32.64 45.30 4.95
CA LYS E 22 31.74 44.16 5.04
C LYS E 22 32.58 42.89 4.86
N ASP E 23 33.28 42.77 3.74
CA ASP E 23 34.16 41.62 3.53
C ASP E 23 35.22 41.48 4.65
N GLY E 24 35.53 42.60 5.29
CA GLY E 24 36.41 42.62 6.45
C GLY E 24 35.87 41.90 7.67
N VAL E 25 34.64 42.18 8.06
CA VAL E 25 34.12 41.60 9.29
C VAL E 25 33.74 40.13 9.07
N LEU E 26 33.30 39.79 7.86
CA LEU E 26 33.07 38.39 7.47
C LEU E 26 34.37 37.57 7.49
N LYS E 27 35.43 38.11 6.90
CA LYS E 27 36.70 37.41 6.92
C LYS E 27 37.10 37.13 8.37
N THR E 28 36.89 38.11 9.24
CA THR E 28 37.19 38.03 10.68
C THR E 28 36.25 37.11 11.48
N CYS E 29 34.99 37.08 11.11
CA CYS E 29 34.10 36.14 11.73
C CYS E 29 34.60 34.73 11.46
N ASN E 30 34.84 34.42 10.19
CA ASN E 30 35.30 33.10 9.82
C ASN E 30 36.66 32.76 10.47
N ALA E 31 37.64 33.63 10.32
CA ALA E 31 38.94 33.41 10.99
C ALA E 31 38.73 32.96 12.44
N ALA E 32 37.91 33.70 13.18
CA ALA E 32 37.62 33.44 14.60
C ALA E 32 37.03 32.06 14.83
N ARG E 33 35.91 31.82 14.18
CA ARG E 33 35.21 30.57 14.30
C ARG E 33 36.09 29.41 13.97
N TYR E 34 36.91 29.60 12.96
CA TYR E 34 37.79 28.54 12.53
C TYR E 34 38.74 28.20 13.69
N ILE E 35 39.31 29.24 14.28
CA ILE E 35 40.21 29.11 15.43
C ILE E 35 39.49 28.42 16.57
N LEU E 36 38.30 28.89 16.89
CA LEU E 36 37.47 28.25 17.89
C LEU E 36 37.29 26.76 17.61
N ASN E 37 37.04 26.37 16.36
CA ASN E 37 36.84 24.95 16.05
C ASN E 37 38.11 24.12 15.91
N HIS E 38 39.26 24.77 16.07
CA HIS E 38 40.56 24.12 15.82
C HIS E 38 41.60 24.57 16.81
N SER E 39 41.23 24.61 18.08
CA SER E 39 42.16 24.91 19.14
C SER E 39 42.05 23.94 20.34
N VAL E 40 43.20 23.45 20.79
CA VAL E 40 43.27 22.47 21.87
C VAL E 40 42.72 23.12 23.11
N PRO E 41 42.02 22.35 23.97
CA PRO E 41 41.39 22.95 25.13
C PRO E 41 42.25 23.95 25.86
N LYS E 42 43.53 23.63 26.09
CA LYS E 42 44.39 24.50 26.90
C LYS E 42 44.69 25.83 26.19
N GLU E 43 45.01 25.74 24.90
CA GLU E 43 45.22 26.92 24.09
C GLU E 43 43.90 27.68 23.93
N LYS E 44 42.80 26.94 23.85
CA LYS E 44 41.51 27.60 23.79
C LYS E 44 41.28 28.35 25.08
N PHE E 45 41.51 27.71 26.22
CA PHE E 45 41.29 28.38 27.48
C PHE E 45 42.20 29.59 27.62
N LEU E 46 43.45 29.45 27.21
CA LEU E 46 44.42 30.45 27.58
C LEU E 46 44.43 31.63 26.62
N ASN E 47 43.94 31.42 25.41
CA ASN E 47 44.11 32.43 24.38
C ASN E 47 42.81 32.92 23.77
N THR E 48 41.67 32.32 24.15
CA THR E 48 40.35 32.84 23.75
C THR E 48 39.40 33.03 24.94
N MET E 49 39.69 32.39 26.07
CA MET E 49 38.87 32.57 27.27
C MET E 49 39.54 33.34 28.43
N LYS E 50 40.79 33.76 28.25
CA LYS E 50 41.50 34.58 29.24
C LYS E 50 41.24 36.08 29.00
N CYS E 51 40.67 36.80 29.98
CA CYS E 51 40.41 38.25 29.84
C CYS E 51 41.66 39.12 29.85
N GLY E 52 41.78 40.08 28.93
CA GLY E 52 42.94 40.97 28.82
C GLY E 52 43.17 41.95 29.98
N THR E 53 42.11 42.63 30.42
CA THR E 53 42.15 43.54 31.57
C THR E 53 42.47 42.85 32.89
N CYS E 54 41.77 41.74 33.19
CA CYS E 54 41.88 41.05 34.50
C CYS E 54 42.62 39.69 34.54
N HIS E 55 42.82 39.08 33.37
CA HIS E 55 43.66 37.85 33.20
C HIS E 55 43.04 36.55 33.70
N GLU E 56 41.76 36.63 34.07
CA GLU E 56 40.98 35.47 34.47
C GLU E 56 40.40 34.71 33.27
N ILE E 57 40.40 33.40 33.41
CA ILE E 57 39.79 32.47 32.47
C ILE E 57 38.35 32.30 32.86
N ASN E 58 37.46 32.43 31.90
CA ASN E 58 36.04 32.27 32.16
C ASN E 58 35.48 33.22 33.21
N SER E 59 35.83 34.51 33.17
CA SER E 59 35.11 35.50 33.98
C SER E 59 33.77 35.78 33.30
N GLY E 60 33.03 34.71 33.04
CA GLY E 60 31.89 34.75 32.10
C GLY E 60 32.29 34.62 30.64
N ALA E 61 31.37 35.00 29.77
CA ALA E 61 31.64 35.02 28.35
C ALA E 61 32.92 35.81 28.16
N THR E 62 33.76 35.33 27.26
CA THR E 62 34.94 36.05 26.85
C THR E 62 34.84 36.32 25.34
N PHE E 63 35.19 37.53 24.92
CA PHE E 63 34.91 37.99 23.57
C PHE E 63 36.17 38.39 22.88
N MET E 64 36.38 37.84 21.70
CA MET E 64 37.45 38.27 20.81
C MET E 64 36.94 39.50 20.07
N CYS E 65 37.62 40.62 20.23
CA CYS E 65 37.30 41.83 19.47
C CYS E 65 37.42 41.56 17.99
N LEU E 66 36.58 42.24 17.23
CA LEU E 66 36.51 42.06 15.79
C LEU E 66 37.60 42.85 15.07
N GLN E 67 38.10 43.90 15.75
CA GLN E 67 39.03 44.88 15.16
C GLN E 67 40.47 44.76 15.63
N CYS E 68 40.71 44.52 16.92
CA CYS E 68 42.05 44.13 17.38
C CYS E 68 42.10 42.67 17.86
N GLY E 69 43.18 42.31 18.56
CA GLY E 69 43.35 40.96 19.10
C GLY E 69 42.95 40.83 20.56
N PHE E 70 42.38 41.88 21.13
CA PHE E 70 41.99 41.93 22.55
C PHE E 70 40.95 40.89 22.91
N CYS E 71 40.99 40.43 24.15
CA CYS E 71 40.00 39.54 24.67
C CYS E 71 39.44 40.09 25.98
N GLY E 72 38.11 40.22 26.07
CA GLY E 72 37.52 40.80 27.28
C GLY E 72 36.49 39.93 27.97
N CYS E 73 36.56 39.79 29.29
CA CYS E 73 35.52 39.10 30.03
C CYS E 73 34.26 39.95 30.08
N TRP E 74 33.21 39.36 30.64
CA TRP E 74 31.90 39.96 30.71
C TRP E 74 31.59 40.42 32.10
N ASN E 75 31.83 39.55 33.07
CA ASN E 75 31.43 39.78 34.45
C ASN E 75 32.04 41.05 35.05
N HIS E 76 33.27 41.41 34.68
CA HIS E 76 33.84 42.71 35.13
C HIS E 76 33.85 43.75 34.04
N SER E 77 32.79 43.74 33.25
CA SER E 77 32.56 44.63 32.12
C SER E 77 33.81 45.06 31.30
N HIS E 78 34.76 44.14 31.20
CA HIS E 78 36.04 44.43 30.57
C HIS E 78 36.03 44.50 29.06
N PHE E 79 35.10 43.83 28.37
CA PHE E 79 34.93 44.15 26.95
C PHE E 79 34.11 45.42 26.77
N LEU E 80 33.11 45.63 27.63
CA LEU E 80 32.35 46.90 27.64
C LEU E 80 33.31 48.07 27.79
N SER E 81 34.29 47.97 28.69
CA SER E 81 35.28 49.04 28.87
C SER E 81 36.15 49.25 27.63
N HIS E 82 36.52 48.17 26.96
CA HIS E 82 37.41 48.24 25.81
C HIS E 82 36.72 48.90 24.67
N SER E 83 35.41 48.71 24.58
CA SER E 83 34.63 49.34 23.54
C SER E 83 34.30 50.79 23.86
N LYS E 84 34.39 51.17 25.12
CA LYS E 84 34.14 52.56 25.50
C LYS E 84 35.08 53.46 24.72
N GLN E 85 36.38 53.30 24.94
CA GLN E 85 37.39 53.81 24.00
C GLN E 85 38.57 52.95 24.33
N ILE E 86 39.25 52.29 23.40
CA ILE E 86 39.31 52.42 21.92
C ILE E 86 38.10 52.61 20.98
N GLY E 87 36.90 52.22 21.38
CA GLY E 87 35.71 52.38 20.50
C GLY E 87 35.29 51.15 19.69
N HIS E 88 36.01 50.02 19.85
CA HIS E 88 35.73 48.75 19.14
C HIS E 88 34.53 48.04 19.72
N ILE E 89 33.38 48.10 19.07
CA ILE E 89 32.11 47.70 19.73
C ILE E 89 31.60 46.28 19.37
N PHE E 90 32.41 45.50 18.66
CA PHE E 90 32.01 44.19 18.20
C PHE E 90 32.91 43.06 18.66
N GLY E 91 32.30 42.07 19.32
CA GLY E 91 33.03 40.92 19.88
C GLY E 91 32.36 39.60 19.55
N ILE E 92 33.18 38.56 19.46
CA ILE E 92 32.72 37.19 19.23
C ILE E 92 32.92 36.36 20.49
N ASN E 93 31.83 35.82 21.03
CA ASN E 93 31.89 34.96 22.21
C ASN E 93 32.65 33.70 21.85
N SER E 94 33.67 33.36 22.64
CA SER E 94 34.57 32.25 22.31
C SER E 94 34.02 30.87 22.68
N ASN E 95 32.93 30.84 23.43
CA ASN E 95 32.18 29.59 23.66
C ASN E 95 31.37 29.12 22.44
N ASN E 96 30.90 30.05 21.59
CA ASN E 96 29.91 29.73 20.56
C ASN E 96 30.02 30.46 19.24
N GLY E 97 30.96 31.36 19.08
CA GLY E 97 31.12 32.07 17.80
C GLY E 97 30.12 33.18 17.50
N LEU E 98 29.17 33.45 18.41
CA LEU E 98 28.12 34.46 18.16
C LEU E 98 28.63 35.90 18.36
N LEU E 99 28.09 36.83 17.56
CA LEU E 99 28.62 38.19 17.46
C LEU E 99 27.79 39.12 18.32
N PHE E 100 28.45 39.84 19.22
CA PHE E 100 27.80 40.74 20.13
C PHE E 100 28.13 42.20 19.80
N CYS E 101 27.09 43.05 19.80
CA CYS E 101 27.25 44.51 19.69
C CYS E 101 27.06 45.15 21.05
N PHE E 102 28.03 45.95 21.45
CA PHE E 102 28.09 46.43 22.81
C PHE E 102 27.37 47.77 23.03
N LYS E 103 26.91 48.40 21.96
CA LYS E 103 25.99 49.53 22.06
C LYS E 103 24.55 49.00 22.04
N CYS E 104 24.30 47.98 21.23
CA CYS E 104 22.99 47.33 21.26
C CYS E 104 22.80 46.55 22.56
N GLU E 105 23.89 46.18 23.24
CA GLU E 105 23.82 45.30 24.43
C GLU E 105 23.18 43.97 24.02
N ASP E 106 23.47 43.51 22.80
CA ASP E 106 22.80 42.33 22.28
C ASP E 106 23.61 41.62 21.21
N TYR E 107 23.20 40.38 20.95
CA TYR E 107 23.81 39.52 19.95
C TYR E 107 23.13 39.77 18.62
N ILE E 108 23.95 39.93 17.58
CA ILE E 108 23.45 40.03 16.22
C ILE E 108 23.18 38.62 15.74
N GLY E 109 21.92 38.21 15.75
CA GLY E 109 21.60 36.83 15.42
C GLY E 109 20.78 36.62 14.19
N ASN E 110 20.24 37.69 13.62
CA ASN E 110 19.27 37.55 12.56
C ASN E 110 19.78 38.09 11.25
N ILE E 111 21.09 38.12 11.06
CA ILE E 111 21.58 38.46 9.72
C ILE E 111 22.12 37.24 9.00
N ASP E 112 21.32 36.70 8.08
CA ASP E 112 21.67 35.45 7.41
C ASP E 112 23.11 35.43 6.95
N LEU E 113 23.63 36.52 6.41
CA LEU E 113 25.03 36.55 5.94
C LEU E 113 26.05 36.30 7.04
N ILE E 114 25.73 36.75 8.24
CA ILE E 114 26.60 36.59 9.39
C ILE E 114 26.45 35.21 9.97
N ASN E 115 25.22 34.73 10.08
CA ASN E 115 25.03 33.34 10.47
C ASN E 115 25.75 32.42 9.49
N ASP E 116 25.69 32.75 8.21
CA ASP E 116 26.14 31.87 7.14
C ASP E 116 27.36 32.46 6.49
N ALA E 117 28.20 33.08 7.30
CA ALA E 117 29.41 33.70 6.80
C ALA E 117 30.28 32.82 5.88
N ILE E 118 30.28 31.50 6.02
CA ILE E 118 31.16 30.66 5.15
C ILE E 118 30.83 30.72 3.64
N LEU E 119 29.66 31.24 3.31
CA LEU E 119 29.22 31.44 1.94
C LEU E 119 29.39 32.91 1.53
N ALA E 120 30.10 33.68 2.36
CA ALA E 120 30.45 35.09 2.06
C ALA E 120 30.74 35.37 0.58
N LYS E 121 31.67 34.61 0.04
CA LYS E 121 32.16 34.83 -1.31
C LYS E 121 31.06 34.74 -2.33
N TYR E 122 30.06 33.90 -2.14
CA TYR E 122 29.10 33.62 -3.20
C TYR E 122 27.74 34.18 -2.88
N TRP E 123 27.69 35.15 -1.99
CA TRP E 123 26.45 35.45 -1.30
C TRP E 123 25.29 35.89 -2.17
N ASP E 124 25.57 36.61 -3.25
CA ASP E 124 24.51 37.19 -4.09
C ASP E 124 23.80 36.14 -4.94
N ASP E 125 24.53 35.11 -5.36
CA ASP E 125 23.96 33.97 -6.07
C ASP E 125 23.10 33.16 -5.12
N VAL E 126 23.52 33.11 -3.87
CA VAL E 126 22.77 32.40 -2.83
C VAL E 126 21.46 33.11 -2.46
N CYS E 127 21.53 34.41 -2.23
CA CYS E 127 20.33 35.23 -1.95
C CYS E 127 19.25 35.17 -3.01
N THR E 128 19.66 35.02 -4.26
CA THR E 128 18.73 35.14 -5.39
C THR E 128 18.31 33.76 -5.98
N LYS E 129 19.18 32.75 -5.86
CA LYS E 129 18.88 31.38 -6.31
C LYS E 129 18.46 30.35 -5.21
N THR E 130 18.48 30.72 -3.93
CA THR E 130 17.91 29.87 -2.88
C THR E 130 17.22 30.73 -1.86
N MET E 131 16.24 30.15 -1.19
CA MET E 131 15.45 30.85 -0.16
C MET E 131 15.60 30.19 1.21
N VAL E 132 15.29 30.92 2.27
CA VAL E 132 15.28 30.33 3.59
C VAL E 132 14.13 29.37 3.60
N PRO E 133 14.18 28.35 4.47
CA PRO E 133 13.12 27.37 4.59
C PRO E 133 11.75 27.96 4.89
N SER E 134 10.73 27.27 4.40
CA SER E 134 9.36 27.58 4.74
C SER E 134 9.12 27.52 6.24
N MET E 135 8.15 28.29 6.74
CA MET E 135 7.86 28.26 8.17
C MET E 135 7.42 26.85 8.62
N GLU E 136 6.66 26.17 7.77
CA GLU E 136 6.03 24.91 8.18
C GLU E 136 6.83 23.69 7.71
N ARG E 137 7.91 23.89 6.97
CA ARG E 137 8.79 22.78 6.59
C ARG E 137 10.09 22.78 7.35
N ARG E 138 10.43 23.85 8.04
CA ARG E 138 11.78 24.00 8.57
C ARG E 138 12.24 22.85 9.49
N ASP E 139 11.29 22.18 10.15
CA ASP E 139 11.59 21.08 11.07
C ASP E 139 11.16 19.70 10.53
N GLY E 140 10.84 19.62 9.24
CA GLY E 140 10.42 18.38 8.61
C GLY E 140 9.17 17.68 9.10
N LEU E 141 8.35 18.35 9.89
CA LEU E 141 7.16 17.70 10.48
C LEU E 141 6.11 17.49 9.39
N SER E 142 5.53 16.27 9.35
CA SER E 142 4.54 15.85 8.36
C SER E 142 4.14 14.45 8.72
N GLY E 143 2.86 14.14 8.60
CA GLY E 143 2.40 12.76 8.73
C GLY E 143 2.76 11.91 7.51
N LEU E 144 2.87 10.60 7.71
CA LEU E 144 2.99 9.64 6.62
C LEU E 144 1.86 8.63 6.76
N ILE E 145 1.20 8.32 5.64
CA ILE E 145 -0.11 7.65 5.67
C ILE E 145 0.03 6.13 5.73
N ASN E 146 -1.00 5.43 6.18
CA ASN E 146 -0.97 3.98 6.26
C ASN E 146 -1.62 3.43 5.02
N MET E 147 -0.95 2.46 4.38
CA MET E 147 -1.39 1.89 3.07
C MET E 147 -2.01 0.48 3.15
N GLY E 148 -2.45 0.08 4.34
CA GLY E 148 -3.24 -1.13 4.50
C GLY E 148 -4.72 -0.91 4.20
N ASN E 149 -5.11 0.29 3.77
CA ASN E 149 -6.47 0.53 3.26
C ASN E 149 -6.64 0.00 1.83
N THR E 150 -7.17 -1.22 1.74
CA THR E 150 -7.18 -1.98 0.48
C THR E 150 -8.55 -2.49 0.02
N CYS E 151 -9.47 -2.73 0.95
CA CYS E 151 -10.64 -3.53 0.60
C CYS E 151 -11.61 -2.87 -0.41
N PHE E 152 -11.44 -1.58 -0.68
CA PHE E 152 -12.28 -0.91 -1.65
C PHE E 152 -11.76 -1.16 -3.05
N MET E 153 -10.48 -1.48 -3.15
CA MET E 153 -9.89 -1.82 -4.42
C MET E 153 -10.07 -3.34 -4.61
N SER E 154 -9.86 -4.11 -3.53
CA SER E 154 -9.83 -5.56 -3.62
C SER E 154 -11.19 -6.19 -3.87
N SER E 155 -12.22 -5.69 -3.19
CA SER E 155 -13.58 -6.20 -3.44
C SER E 155 -13.96 -5.99 -4.90
N ILE E 156 -13.56 -4.88 -5.49
CA ILE E 156 -13.86 -4.65 -6.89
C ILE E 156 -13.16 -5.69 -7.75
N LEU E 157 -11.88 -5.93 -7.45
CA LEU E 157 -11.09 -6.86 -8.26
C LEU E 157 -11.72 -8.26 -8.29
N GLN E 158 -12.16 -8.74 -7.14
CA GLN E 158 -12.86 -10.01 -7.06
C GLN E 158 -14.05 -10.01 -8.00
N CYS E 159 -14.81 -8.92 -8.06
CA CYS E 159 -15.94 -8.92 -8.97
C CYS E 159 -15.45 -9.05 -10.41
N LEU E 160 -14.35 -8.41 -10.73
CA LEU E 160 -13.83 -8.43 -12.09
C LEU E 160 -13.17 -9.78 -12.44
N ILE E 161 -12.50 -10.39 -11.45
CA ILE E 161 -11.83 -11.66 -11.58
C ILE E 161 -12.84 -12.80 -11.71
N HIS E 162 -14.07 -12.55 -11.26
CA HIS E 162 -15.11 -13.59 -11.34
C HIS E 162 -16.17 -13.23 -12.36
N ASN E 163 -15.95 -12.14 -13.11
CA ASN E 163 -16.81 -11.75 -14.23
C ASN E 163 -16.35 -12.46 -15.50
N PRO E 164 -17.25 -13.22 -16.14
CA PRO E 164 -16.90 -14.11 -17.27
C PRO E 164 -16.49 -13.42 -18.54
N TYR E 165 -16.98 -12.21 -18.77
CA TYR E 165 -16.54 -11.43 -19.93
C TYR E 165 -15.09 -10.97 -19.73
N PHE E 166 -14.71 -10.72 -18.48
CA PHE E 166 -13.34 -10.27 -18.23
C PHE E 166 -12.33 -11.42 -18.30
N ILE E 167 -12.63 -12.53 -17.63
CA ILE E 167 -11.80 -13.69 -17.71
C ILE E 167 -11.62 -14.10 -19.17
N ARG E 168 -12.72 -14.17 -19.92
CA ARG E 168 -12.56 -14.55 -21.30
C ARG E 168 -11.54 -13.59 -21.98
N HIS E 169 -11.67 -12.29 -21.70
CA HIS E 169 -10.77 -11.31 -22.31
C HIS E 169 -9.31 -11.55 -21.92
N SER E 170 -9.06 -11.78 -20.64
CA SER E 170 -7.69 -11.91 -20.12
C SER E 170 -7.05 -13.18 -20.66
N MET E 171 -7.77 -14.28 -20.47
CA MET E 171 -7.30 -15.57 -20.85
C MET E 171 -7.26 -15.70 -22.35
N SER E 172 -7.82 -14.76 -23.10
CA SER E 172 -7.68 -14.82 -24.54
C SER E 172 -6.42 -14.09 -25.01
N GLN E 173 -5.64 -13.50 -24.10
CA GLN E 173 -4.32 -12.93 -24.42
C GLN E 173 -4.27 -11.65 -25.28
N ILE E 174 -5.40 -11.00 -25.50
CA ILE E 174 -5.38 -9.83 -26.38
C ILE E 174 -4.35 -8.81 -25.89
N HIS E 175 -4.58 -8.27 -24.71
CA HIS E 175 -3.67 -7.28 -24.20
C HIS E 175 -2.24 -7.75 -24.22
N SER E 176 -1.99 -8.97 -23.79
CA SER E 176 -0.60 -9.45 -23.78
C SER E 176 0.06 -9.47 -25.16
N ASN E 177 -0.73 -9.73 -26.19
CA ASN E 177 -0.22 -9.74 -27.55
C ASN E 177 0.05 -8.34 -28.01
N ASN E 178 -0.65 -7.37 -27.44
CA ASN E 178 -0.59 -5.98 -27.90
C ASN E 178 0.22 -5.00 -27.07
N CYS E 179 0.42 -5.29 -25.79
CA CYS E 179 1.07 -4.33 -24.91
C CYS E 179 2.48 -4.02 -25.39
N LYS E 180 2.84 -2.74 -25.28
CA LYS E 180 4.18 -2.30 -25.59
C LYS E 180 5.09 -2.32 -24.34
N VAL E 181 4.51 -2.09 -23.17
CA VAL E 181 5.24 -2.08 -21.90
C VAL E 181 5.62 -3.46 -21.35
N ARG E 182 4.75 -4.45 -21.47
CA ARG E 182 5.09 -5.84 -21.07
C ARG E 182 5.67 -6.00 -19.65
N SER E 183 5.21 -5.19 -18.72
CA SER E 183 5.72 -5.28 -17.36
C SER E 183 4.62 -5.00 -16.36
N PRO E 184 4.45 -5.93 -15.42
CA PRO E 184 3.43 -5.77 -14.38
C PRO E 184 3.71 -4.65 -13.39
N ASP E 185 4.97 -4.22 -13.22
CA ASP E 185 5.26 -3.07 -12.34
C ASP E 185 5.00 -1.74 -13.04
N LYS E 186 5.21 -1.68 -14.35
CA LYS E 186 4.93 -0.47 -15.13
C LYS E 186 3.46 -0.41 -15.59
N CYS E 187 3.01 -1.40 -16.37
CA CYS E 187 1.62 -1.37 -16.93
C CYS E 187 0.48 -2.02 -16.08
N PHE E 188 -0.59 -1.24 -15.90
CA PHE E 188 -1.73 -1.59 -15.06
C PHE E 188 -2.43 -2.84 -15.56
N SER E 189 -2.71 -2.84 -16.87
CA SER E 189 -3.29 -4.01 -17.54
C SER E 189 -2.42 -5.29 -17.42
N CYS E 190 -1.10 -5.18 -17.56
CA CYS E 190 -0.25 -6.37 -17.38
C CYS E 190 -0.34 -6.91 -15.93
N ALA E 191 -0.60 -6.03 -14.98
CA ALA E 191 -0.81 -6.37 -13.58
C ALA E 191 -2.06 -7.15 -13.38
N LEU E 192 -3.15 -6.78 -14.05
CA LEU E 192 -4.37 -7.57 -13.97
C LEU E 192 -4.16 -8.97 -14.55
N ASP E 193 -3.53 -9.04 -15.73
CA ASP E 193 -3.18 -10.33 -16.37
C ASP E 193 -2.40 -11.25 -15.43
N LYS E 194 -1.46 -10.68 -14.70
CA LYS E 194 -0.78 -11.39 -13.66
C LYS E 194 -1.69 -11.91 -12.56
N ILE E 195 -2.68 -11.14 -12.13
CA ILE E 195 -3.58 -11.62 -11.09
C ILE E 195 -4.30 -12.86 -11.65
N VAL E 196 -4.78 -12.75 -12.88
CA VAL E 196 -5.43 -13.84 -13.56
C VAL E 196 -4.47 -15.01 -13.70
N HIS E 197 -3.22 -14.75 -14.01
CA HIS E 197 -2.25 -15.82 -14.17
C HIS E 197 -2.13 -16.53 -12.87
N GLU E 198 -2.14 -15.78 -11.77
CA GLU E 198 -1.92 -16.37 -10.44
C GLU E 198 -3.11 -17.16 -9.97
N LEU E 199 -4.32 -16.63 -10.16
CA LEU E 199 -5.50 -17.23 -9.58
C LEU E 199 -5.93 -18.47 -10.30
N TYR E 200 -5.70 -18.49 -11.62
CA TYR E 200 -6.27 -19.52 -12.47
C TYR E 200 -5.24 -20.45 -13.07
N GLY E 201 -4.01 -19.98 -13.25
CA GLY E 201 -2.94 -20.77 -13.86
C GLY E 201 -1.96 -21.41 -12.88
N ALA E 202 -0.72 -21.57 -13.33
CA ALA E 202 0.34 -22.29 -12.56
C ALA E 202 1.62 -21.44 -12.56
N LEU E 203 2.41 -21.51 -11.50
CA LEU E 203 3.52 -20.56 -11.38
C LEU E 203 4.86 -21.09 -11.90
N ASN E 204 5.82 -20.16 -12.05
CA ASN E 204 7.07 -20.45 -12.73
C ASN E 204 8.10 -19.35 -12.48
N ARG E 217 2.84 -16.92 -3.10
CA ARG E 217 2.82 -15.46 -3.10
C ARG E 217 2.02 -14.91 -4.28
N GLN E 218 0.88 -14.27 -3.96
CA GLN E 218 0.10 -13.46 -4.91
C GLN E 218 0.66 -12.01 -4.97
N THR E 219 1.64 -11.85 -5.85
CA THR E 219 2.22 -10.55 -6.13
C THR E 219 1.35 -9.73 -7.07
N GLY E 220 0.27 -10.30 -7.57
CA GLY E 220 -0.46 -9.63 -8.62
C GLY E 220 -1.11 -8.38 -8.09
N PHE E 221 -1.70 -8.52 -6.91
CA PHE E 221 -2.36 -7.43 -6.25
C PHE E 221 -1.40 -6.33 -5.85
N ILE E 222 -0.21 -6.70 -5.36
CA ILE E 222 0.78 -5.71 -4.96
C ILE E 222 1.28 -4.93 -6.17
N TYR E 223 1.67 -5.61 -7.25
CA TYR E 223 2.02 -4.92 -8.49
C TYR E 223 0.90 -3.94 -8.89
N LEU E 224 -0.34 -4.43 -8.87
CA LEU E 224 -1.45 -3.58 -9.21
C LEU E 224 -1.55 -2.39 -8.26
N LEU E 225 -1.37 -2.59 -6.96
CA LEU E 225 -1.38 -1.45 -6.05
C LEU E 225 -0.30 -0.43 -6.44
N THR E 226 0.93 -0.90 -6.58
CA THR E 226 2.02 0.03 -6.85
C THR E 226 1.73 0.80 -8.12
N CYS E 227 1.25 0.10 -9.15
CA CYS E 227 0.88 0.81 -10.38
C CYS E 227 -0.13 1.88 -10.03
N ALA E 228 -1.19 1.47 -9.30
CA ALA E 228 -2.29 2.37 -8.88
C ALA E 228 -1.86 3.64 -8.14
N TRP E 229 -1.14 3.46 -7.03
CA TRP E 229 -0.75 4.58 -6.15
C TRP E 229 0.16 5.57 -6.83
N LYS E 230 1.03 5.08 -7.70
CA LYS E 230 1.87 5.94 -8.52
C LYS E 230 1.01 6.78 -9.46
N ILE E 231 0.04 6.16 -10.13
CA ILE E 231 -0.84 6.86 -11.09
C ILE E 231 -1.79 7.84 -10.40
N ASN E 232 -2.14 7.56 -9.15
CA ASN E 232 -3.10 8.38 -8.40
C ASN E 232 -3.07 8.08 -6.90
N GLN E 233 -2.42 8.97 -6.15
CA GLN E 233 -2.10 8.71 -4.76
C GLN E 233 -3.27 8.87 -3.82
N ASN E 234 -4.33 9.54 -4.29
CA ASN E 234 -5.62 9.52 -3.60
C ASN E 234 -6.08 8.09 -3.38
N LEU E 235 -5.61 7.17 -4.22
CA LEU E 235 -5.97 5.77 -4.07
C LEU E 235 -5.30 5.15 -2.86
N ALA E 236 -4.52 5.92 -2.11
CA ALA E 236 -3.78 5.35 -1.00
C ALA E 236 -4.21 5.97 0.32
N GLY E 237 -3.94 5.26 1.41
CA GLY E 237 -4.14 5.77 2.75
C GLY E 237 -5.55 5.47 3.20
N TYR E 238 -5.84 5.78 4.45
CA TYR E 238 -7.20 5.71 4.97
C TYR E 238 -7.84 7.10 4.81
N SER E 239 -8.15 7.46 3.56
CA SER E 239 -8.89 8.67 3.20
C SER E 239 -10.36 8.37 2.89
N GLN E 240 -10.86 7.24 3.40
CA GLN E 240 -12.25 6.78 3.19
C GLN E 240 -12.64 6.59 1.70
N GLN E 241 -11.74 6.08 0.87
CA GLN E 241 -12.01 5.99 -0.58
C GLN E 241 -13.15 5.04 -0.91
N ASP E 242 -13.75 5.28 -2.05
CA ASP E 242 -15.01 4.67 -2.35
C ASP E 242 -14.89 3.56 -3.40
N ALA E 243 -15.49 2.41 -3.11
CA ALA E 243 -15.34 1.23 -3.98
C ALA E 243 -15.81 1.57 -5.39
N HIS E 244 -16.85 2.42 -5.46
CA HIS E 244 -17.37 2.88 -6.74
C HIS E 244 -16.36 3.70 -7.48
N GLU E 245 -15.70 4.61 -6.79
CA GLU E 245 -14.69 5.44 -7.46
C GLU E 245 -13.61 4.55 -8.07
N PHE E 246 -13.24 3.49 -7.35
CA PHE E 246 -12.24 2.56 -7.88
C PHE E 246 -12.75 1.79 -9.11
N TRP E 247 -14.04 1.46 -9.11
CA TRP E 247 -14.65 0.85 -10.27
C TRP E 247 -14.41 1.69 -11.50
N GLN E 248 -14.76 2.97 -11.41
CA GLN E 248 -14.70 3.85 -12.56
C GLN E 248 -13.25 3.97 -12.94
N PHE E 249 -12.42 4.11 -11.92
CA PHE E 249 -10.98 4.26 -12.15
C PHE E 249 -10.46 3.05 -12.92
N ILE E 250 -10.82 1.86 -12.48
CA ILE E 250 -10.24 0.67 -13.08
C ILE E 250 -10.70 0.46 -14.51
N ILE E 251 -11.98 0.66 -14.80
CA ILE E 251 -12.48 0.44 -16.15
C ILE E 251 -11.92 1.51 -17.07
N ASN E 252 -11.63 2.66 -16.50
CA ASN E 252 -11.04 3.70 -17.30
C ASN E 252 -9.62 3.33 -17.75
N GLN E 253 -8.88 2.73 -16.85
CA GLN E 253 -7.54 2.28 -17.17
C GLN E 253 -7.52 1.23 -18.25
N ILE E 254 -8.50 0.33 -18.26
CA ILE E 254 -8.57 -0.69 -19.29
C ILE E 254 -8.85 0.00 -20.61
N HIS E 255 -9.77 0.95 -20.61
CA HIS E 255 -10.03 1.71 -21.83
C HIS E 255 -8.82 2.48 -22.31
N GLN E 256 -8.17 3.18 -21.40
CA GLN E 256 -6.97 3.93 -21.74
C GLN E 256 -5.93 3.01 -22.33
N SER E 257 -5.84 1.79 -21.84
CA SER E 257 -4.88 0.84 -22.40
C SER E 257 -5.25 0.37 -23.82
N TYR E 258 -6.55 0.23 -24.11
CA TYR E 258 -6.99 -0.12 -25.49
C TYR E 258 -6.64 1.01 -26.45
N VAL E 259 -6.91 2.24 -26.01
CA VAL E 259 -6.69 3.40 -26.85
C VAL E 259 -5.20 3.63 -27.15
N LEU E 260 -4.32 3.24 -26.22
CA LEU E 260 -2.85 3.41 -26.35
C LEU E 260 -2.21 2.39 -27.30
N ASP E 261 -2.76 1.17 -27.34
CA ASP E 261 -2.22 0.10 -28.22
C ASP E 261 -2.76 0.13 -29.66
N LEU E 262 -3.71 1.00 -29.95
CA LEU E 262 -4.19 1.21 -31.32
C LEU E 262 -3.07 1.86 -32.12
N PRO E 263 -2.88 1.47 -33.41
CA PRO E 263 -2.01 2.29 -34.28
C PRO E 263 -2.78 3.54 -34.72
N ASN E 264 -2.29 4.72 -34.34
CA ASN E 264 -3.12 5.94 -34.25
C ASN E 264 -4.19 5.84 -33.16
N ASN E 273 -19.29 8.87 -32.09
CA ASN E 273 -18.35 10.00 -32.11
C ASN E 273 -17.54 10.14 -30.80
N LYS E 274 -17.00 9.04 -30.23
CA LYS E 274 -16.95 7.71 -30.88
C LYS E 274 -17.58 6.60 -30.00
N GLN E 275 -17.61 5.37 -30.52
CA GLN E 275 -18.00 4.15 -29.77
C GLN E 275 -16.88 3.08 -29.86
N CYS E 276 -16.35 2.73 -28.70
CA CYS E 276 -15.09 2.01 -28.59
C CYS E 276 -15.27 0.49 -28.67
N GLU E 277 -14.28 -0.20 -29.26
CA GLU E 277 -14.27 -1.66 -29.37
C GLU E 277 -13.57 -2.38 -28.21
N CYS E 278 -13.17 -1.67 -27.17
CA CYS E 278 -12.48 -2.32 -26.07
C CYS E 278 -13.40 -3.15 -25.20
N ILE E 279 -12.79 -3.96 -24.35
CA ILE E 279 -13.56 -4.85 -23.48
C ILE E 279 -14.57 -4.05 -22.68
N VAL E 280 -14.14 -2.97 -22.03
CA VAL E 280 -15.03 -2.18 -21.17
C VAL E 280 -16.25 -1.69 -21.92
N HIS E 281 -16.01 -1.25 -23.16
CA HIS E 281 -17.07 -0.61 -23.96
C HIS E 281 -17.93 -1.54 -24.79
N THR E 282 -17.58 -2.82 -24.83
CA THR E 282 -18.42 -3.80 -25.53
C THR E 282 -19.12 -4.74 -24.52
N VAL E 283 -18.90 -4.52 -23.23
CA VAL E 283 -19.48 -5.35 -22.19
C VAL E 283 -20.34 -4.53 -21.22
N PHE E 284 -19.81 -3.41 -20.70
CA PHE E 284 -20.49 -2.68 -19.60
C PHE E 284 -21.22 -1.40 -19.99
N GLU E 285 -21.12 -1.00 -21.24
CA GLU E 285 -21.72 0.26 -21.62
C GLU E 285 -23.15 0.11 -22.10
N GLY E 286 -23.99 0.97 -21.51
CA GLY E 286 -25.35 1.17 -21.97
C GLY E 286 -25.47 2.58 -22.48
N SER E 287 -26.70 2.98 -22.73
CA SER E 287 -26.96 4.37 -23.03
C SER E 287 -28.38 4.72 -22.59
N LEU E 288 -28.51 5.87 -21.95
CA LEU E 288 -29.79 6.47 -21.68
C LEU E 288 -30.24 7.37 -22.79
N GLU E 289 -31.55 7.51 -22.88
CA GLU E 289 -32.22 8.34 -23.86
C GLU E 289 -33.11 9.26 -23.09
N SER E 290 -32.90 10.56 -23.25
CA SER E 290 -33.86 11.57 -22.78
C SER E 290 -34.51 12.11 -24.03
N SER E 291 -35.83 12.16 -24.06
CA SER E 291 -36.49 12.75 -25.21
C SER E 291 -37.78 13.52 -24.92
N ILE E 292 -38.04 14.44 -25.85
CA ILE E 292 -39.23 15.26 -25.84
C ILE E 292 -40.21 14.57 -26.76
N VAL E 293 -41.34 14.15 -26.20
CA VAL E 293 -42.33 13.39 -26.93
C VAL E 293 -43.62 14.21 -27.04
N CYS E 294 -44.28 14.09 -28.19
CA CYS E 294 -45.54 14.78 -28.41
C CYS E 294 -46.64 13.99 -27.77
N PRO E 295 -47.26 14.52 -26.76
CA PRO E 295 -48.34 13.82 -26.11
C PRO E 295 -49.54 13.55 -26.97
N GLY E 296 -49.54 14.01 -28.21
CA GLY E 296 -50.62 13.73 -29.15
C GLY E 296 -50.32 12.53 -30.02
N CYS E 297 -49.34 12.69 -30.89
CA CYS E 297 -48.97 11.68 -31.87
C CYS E 297 -47.90 10.71 -31.35
N GLN E 298 -47.48 10.89 -30.10
CA GLN E 298 -46.43 10.08 -29.43
C GLN E 298 -45.04 10.02 -30.13
N ASN E 299 -44.80 10.79 -31.20
CA ASN E 299 -43.47 10.76 -31.82
C ASN E 299 -42.46 11.64 -31.10
N ASN E 300 -41.21 11.20 -31.03
CA ASN E 300 -40.21 11.98 -30.29
C ASN E 300 -39.64 13.14 -31.14
N SER E 301 -39.72 14.35 -30.60
CA SER E 301 -39.41 15.58 -31.30
C SER E 301 -37.93 15.93 -31.19
N LYS E 302 -37.36 15.58 -30.03
CA LYS E 302 -35.94 15.74 -29.71
C LYS E 302 -35.50 14.51 -28.93
N THR E 303 -34.27 14.06 -29.13
CA THR E 303 -33.74 12.87 -28.44
C THR E 303 -32.25 13.01 -28.16
N THR E 304 -31.90 13.06 -26.89
CA THR E 304 -30.49 13.13 -26.54
C THR E 304 -30.07 11.79 -25.86
N ILE E 305 -28.98 11.20 -26.32
CA ILE E 305 -28.54 9.87 -25.83
C ILE E 305 -27.26 9.92 -24.98
N ASP E 306 -27.32 9.44 -23.73
CA ASP E 306 -26.15 9.54 -22.83
C ASP E 306 -25.54 8.19 -22.38
N PRO E 307 -24.37 7.82 -22.97
CA PRO E 307 -23.70 6.58 -22.62
C PRO E 307 -23.49 6.46 -21.12
N PHE E 308 -23.41 5.25 -20.59
CA PHE E 308 -23.04 5.06 -19.20
C PHE E 308 -22.32 3.70 -19.03
N LEU E 309 -21.58 3.58 -17.94
CA LEU E 309 -20.87 2.33 -17.58
C LEU E 309 -21.41 1.72 -16.29
N ASP E 310 -22.20 2.47 -15.52
CA ASP E 310 -23.01 1.91 -14.46
C ASP E 310 -24.19 2.85 -14.24
N LEU E 311 -25.13 2.51 -13.36
CA LEU E 311 -26.25 3.38 -13.03
C LEU E 311 -26.29 3.61 -11.53
N SER E 312 -26.58 4.84 -11.12
CA SER E 312 -26.54 5.16 -9.70
C SER E 312 -27.94 5.44 -9.28
N LEU E 313 -28.38 4.81 -8.18
CA LEU E 313 -29.80 4.77 -7.88
C LEU E 313 -30.11 5.31 -6.48
N ASP E 314 -30.97 6.31 -6.39
CA ASP E 314 -31.23 6.88 -5.09
C ASP E 314 -32.09 5.89 -4.34
N ILE E 315 -31.81 5.70 -3.07
CA ILE E 315 -32.54 4.70 -2.30
C ILE E 315 -33.28 5.22 -1.08
N LYS E 316 -33.13 6.52 -0.78
CA LYS E 316 -33.86 7.14 0.32
C LYS E 316 -35.34 6.78 0.25
N ASP E 317 -35.85 6.20 1.35
CA ASP E 317 -37.25 5.85 1.55
C ASP E 317 -37.76 4.67 0.73
N LYS E 318 -36.96 4.19 -0.22
CA LYS E 318 -37.33 3.02 -1.03
C LYS E 318 -37.14 1.74 -0.20
N LYS E 319 -37.52 0.60 -0.76
CA LYS E 319 -37.45 -0.65 -0.01
C LYS E 319 -37.16 -1.86 -0.90
N LYS E 320 -37.18 -1.64 -2.22
CA LYS E 320 -36.99 -2.67 -3.25
C LYS E 320 -36.32 -2.09 -4.49
N LEU E 321 -35.33 -2.78 -5.05
CA LEU E 321 -34.60 -2.29 -6.24
C LEU E 321 -35.46 -1.81 -7.42
N TYR E 322 -36.59 -2.47 -7.70
CA TYR E 322 -37.46 -2.06 -8.81
C TYR E 322 -38.14 -0.69 -8.55
N GLU E 323 -38.36 -0.32 -7.27
CA GLU E 323 -38.83 1.04 -6.93
C GLU E 323 -37.78 2.11 -7.20
N CYS E 324 -36.51 1.73 -7.18
CA CYS E 324 -35.45 2.69 -7.50
C CYS E 324 -35.36 2.84 -8.99
N LEU E 325 -35.32 1.70 -9.70
CA LEU E 325 -35.30 1.74 -11.14
C LEU E 325 -36.51 2.52 -11.66
N ASP E 326 -37.65 2.45 -10.97
CA ASP E 326 -38.87 3.12 -11.46
C ASP E 326 -38.64 4.61 -11.53
N SER E 327 -38.27 5.21 -10.41
CA SER E 327 -38.13 6.67 -10.34
C SER E 327 -37.14 7.13 -11.38
N PHE E 328 -36.21 6.25 -11.71
CA PHE E 328 -35.31 6.46 -12.80
C PHE E 328 -35.99 6.78 -14.16
N HIS E 329 -36.83 5.86 -14.68
CA HIS E 329 -37.56 5.97 -15.99
C HIS E 329 -39.01 6.38 -15.81
N LYS E 330 -39.27 7.66 -16.08
CA LYS E 330 -40.53 8.30 -15.73
C LYS E 330 -40.81 9.44 -16.69
N LYS E 331 -42.06 9.84 -16.74
CA LYS E 331 -42.49 10.91 -17.62
C LYS E 331 -42.67 12.21 -16.83
N GLU E 332 -42.27 13.32 -17.44
CA GLU E 332 -42.36 14.64 -16.83
C GLU E 332 -43.07 15.59 -17.81
N GLN E 333 -44.18 16.16 -17.36
CA GLN E 333 -44.82 17.28 -18.07
C GLN E 333 -43.92 18.52 -17.92
N LEU E 334 -43.25 18.95 -19.00
CA LEU E 334 -42.47 20.19 -19.00
C LEU E 334 -43.41 21.40 -19.05
N LYS E 335 -43.22 22.41 -18.18
CA LYS E 335 -44.13 23.57 -18.17
C LYS E 335 -43.54 24.78 -18.92
N ASP E 336 -42.37 24.61 -19.53
CA ASP E 336 -41.72 25.71 -20.24
C ASP E 336 -41.31 25.32 -21.69
N PHE E 337 -41.93 24.30 -22.28
CA PHE E 337 -41.61 23.82 -23.64
C PHE E 337 -42.92 23.71 -24.44
N ASN E 338 -43.43 24.83 -24.91
CA ASN E 338 -44.61 24.90 -25.71
C ASN E 338 -44.10 24.94 -27.14
N TYR E 339 -44.55 24.07 -28.01
CA TYR E 339 -43.89 23.98 -29.28
C TYR E 339 -44.85 23.44 -30.30
N HIS E 340 -44.43 23.35 -31.56
CA HIS E 340 -45.30 22.94 -32.63
C HIS E 340 -44.91 21.56 -33.10
N CYS E 341 -45.82 20.57 -33.12
CA CYS E 341 -45.46 19.22 -33.63
C CYS E 341 -45.57 19.17 -35.15
N GLY E 342 -44.49 18.77 -35.80
CA GLY E 342 -44.49 18.61 -37.24
C GLY E 342 -45.51 17.56 -37.62
N GLU E 343 -45.37 16.38 -37.03
CA GLU E 343 -46.27 15.27 -37.25
C GLU E 343 -47.75 15.55 -36.96
N CYS E 344 -48.10 16.23 -35.87
CA CYS E 344 -49.53 16.29 -35.45
C CYS E 344 -50.49 16.85 -36.45
N ASN E 345 -50.59 18.16 -36.66
CA ASN E 345 -49.62 19.17 -36.35
C ASN E 345 -50.29 20.23 -35.50
N SER E 346 -49.70 20.48 -34.36
CA SER E 346 -50.43 21.15 -33.35
C SER E 346 -49.46 21.67 -32.33
N THR E 347 -50.00 22.39 -31.35
CA THR E 347 -49.23 22.98 -30.27
C THR E 347 -49.33 22.08 -29.05
N GLN E 348 -48.20 21.83 -28.43
CA GLN E 348 -48.10 20.84 -27.38
C GLN E 348 -47.24 21.40 -26.28
N ASP E 349 -47.51 20.99 -25.05
CA ASP E 349 -46.57 21.16 -23.97
C ASP E 349 -45.87 19.82 -23.86
N ALA E 350 -44.63 19.78 -24.37
CA ALA E 350 -43.85 18.56 -24.53
C ALA E 350 -43.69 17.80 -23.22
N ILE E 351 -43.88 16.47 -23.29
CA ILE E 351 -43.49 15.59 -22.20
C ILE E 351 -41.99 15.20 -22.33
N LYS E 352 -41.30 15.13 -21.20
CA LYS E 352 -39.94 14.61 -21.14
C LYS E 352 -39.98 13.21 -20.57
N GLN E 353 -39.24 12.28 -21.16
CA GLN E 353 -39.08 10.98 -20.55
C GLN E 353 -37.67 10.47 -20.66
N LEU E 354 -37.23 9.80 -19.60
CA LEU E 354 -35.92 9.13 -19.62
C LEU E 354 -36.23 7.63 -19.71
N GLY E 355 -35.28 6.83 -20.18
CA GLY E 355 -35.44 5.39 -20.26
C GLY E 355 -34.18 4.84 -20.91
N ILE E 356 -33.93 3.56 -20.76
CA ILE E 356 -32.71 3.00 -21.32
C ILE E 356 -32.91 2.91 -22.81
N HIS E 357 -31.94 3.41 -23.57
CA HIS E 357 -31.90 3.28 -25.02
C HIS E 357 -31.25 2.00 -25.37
N LYS E 358 -30.28 1.58 -24.56
CA LYS E 358 -29.40 0.45 -24.91
C LYS E 358 -28.89 -0.20 -23.65
N LEU E 359 -29.07 -1.52 -23.51
CA LEU E 359 -28.60 -2.22 -22.31
C LEU E 359 -27.18 -2.85 -22.49
N PRO E 360 -26.41 -2.91 -21.38
CA PRO E 360 -25.09 -3.50 -21.46
C PRO E 360 -25.15 -5.01 -21.30
N SER E 361 -24.10 -5.70 -21.75
CA SER E 361 -24.02 -7.15 -21.55
C SER E 361 -23.94 -7.49 -20.04
N VAL E 362 -23.24 -6.64 -19.30
CA VAL E 362 -23.21 -6.69 -17.82
C VAL E 362 -23.65 -5.35 -17.29
N LEU E 363 -24.71 -5.35 -16.48
CA LEU E 363 -25.30 -4.12 -15.95
C LEU E 363 -24.79 -3.95 -14.55
N VAL E 364 -24.16 -2.80 -14.28
CA VAL E 364 -23.62 -2.53 -12.94
C VAL E 364 -24.43 -1.44 -12.25
N LEU E 365 -24.96 -1.77 -11.09
CA LEU E 365 -25.76 -0.81 -10.34
C LEU E 365 -25.06 -0.40 -9.05
N GLN E 366 -25.09 0.90 -8.78
CA GLN E 366 -24.69 1.46 -7.49
C GLN E 366 -25.94 1.99 -6.77
N LEU E 367 -26.16 1.44 -5.59
CA LEU E 367 -27.09 1.96 -4.64
C LEU E 367 -26.34 3.02 -3.87
N LYS E 368 -26.83 4.26 -3.94
CA LYS E 368 -26.19 5.40 -3.27
C LYS E 368 -26.47 5.40 -1.78
N ARG E 369 -25.42 5.09 -1.01
CA ARG E 369 -25.48 5.03 0.43
C ARG E 369 -24.57 6.06 1.17
N PHE E 370 -23.78 6.86 0.43
CA PHE E 370 -22.79 7.76 1.02
C PHE E 370 -22.99 9.24 0.70
N GLU E 371 -23.13 10.04 1.74
CA GLU E 371 -23.12 11.50 1.62
C GLU E 371 -21.83 11.97 2.27
N HIS E 372 -20.85 12.31 1.43
CA HIS E 372 -19.61 12.97 1.88
C HIS E 372 -19.85 14.43 1.67
N LEU E 373 -20.39 15.09 2.70
CA LEU E 373 -20.89 16.47 2.56
C LEU E 373 -19.72 17.49 2.53
N LEU E 374 -20.03 18.71 2.07
CA LEU E 374 -19.06 19.84 2.11
C LEU E 374 -18.95 20.41 3.53
N ASN E 375 -20.04 20.32 4.30
CA ASN E 375 -19.96 20.24 5.78
C ASN E 375 -19.36 18.85 6.14
N GLY E 376 -18.06 18.84 6.43
CA GLY E 376 -17.21 17.61 6.51
C GLY E 376 -17.76 16.20 6.70
N SER E 377 -18.67 16.02 7.66
CA SER E 377 -19.05 14.67 8.16
C SER E 377 -19.75 13.74 7.15
N ASN E 378 -19.36 12.47 7.19
CA ASN E 378 -19.84 11.45 6.25
C ASN E 378 -20.89 10.51 6.88
N ARG E 379 -22.03 10.36 6.20
CA ARG E 379 -23.09 9.44 6.64
C ARG E 379 -23.23 8.27 5.66
N LYS E 380 -23.47 7.07 6.19
CA LYS E 380 -23.88 5.93 5.38
C LYS E 380 -25.37 5.63 5.61
N LEU E 381 -26.12 5.43 4.53
CA LEU E 381 -27.48 4.92 4.66
C LEU E 381 -27.42 3.43 4.90
N ASP E 382 -28.11 2.98 5.95
CA ASP E 382 -28.13 1.56 6.38
C ASP E 382 -29.14 0.67 5.66
N ASP E 383 -30.17 1.29 5.10
CA ASP E 383 -31.35 0.63 4.52
C ASP E 383 -31.06 -0.69 3.82
N PHE E 384 -31.72 -1.76 4.25
CA PHE E 384 -31.74 -2.98 3.44
C PHE E 384 -32.59 -2.73 2.17
N ILE E 385 -32.07 -3.03 0.99
CA ILE E 385 -32.90 -3.00 -0.23
C ILE E 385 -33.04 -4.39 -0.85
N GLU E 386 -34.26 -4.79 -1.16
CA GLU E 386 -34.52 -6.09 -1.74
C GLU E 386 -34.00 -6.11 -3.17
N PHE E 387 -33.14 -7.07 -3.44
CA PHE E 387 -32.69 -7.31 -4.79
C PHE E 387 -32.87 -8.81 -5.15
N PRO E 388 -33.26 -9.06 -6.42
CA PRO E 388 -33.50 -10.37 -7.00
C PRO E 388 -32.27 -11.03 -7.61
N THR E 389 -32.31 -12.35 -7.63
CA THR E 389 -31.33 -13.14 -8.34
C THR E 389 -31.55 -12.95 -9.85
N TYR E 390 -32.79 -12.90 -10.30
CA TYR E 390 -33.05 -12.56 -11.70
C TYR E 390 -33.77 -11.23 -11.80
N LEU E 391 -33.23 -10.34 -12.64
CA LEU E 391 -33.70 -8.96 -12.75
C LEU E 391 -34.17 -8.72 -14.17
N ASN E 392 -35.45 -8.34 -14.28
CA ASN E 392 -36.11 -8.10 -15.56
C ASN E 392 -36.21 -6.61 -15.83
N MET E 393 -35.48 -6.16 -16.84
CA MET E 393 -35.35 -4.72 -17.15
C MET E 393 -36.31 -4.24 -18.21
N LYS E 394 -37.44 -4.94 -18.40
CA LYS E 394 -38.23 -4.65 -19.59
C LYS E 394 -38.99 -3.35 -19.43
N ASN E 395 -39.45 -3.07 -18.21
CA ASN E 395 -40.24 -1.85 -17.98
C ASN E 395 -39.43 -0.53 -18.12
N TYR E 396 -38.11 -0.61 -18.02
CA TYR E 396 -37.29 0.58 -17.99
C TYR E 396 -36.69 0.88 -19.34
N CYS E 397 -37.20 0.18 -20.35
CA CYS E 397 -36.75 0.39 -21.71
C CYS E 397 -37.76 1.18 -22.56
N SER E 398 -37.22 1.85 -23.56
CA SER E 398 -37.95 2.77 -24.40
C SER E 398 -38.62 2.09 -25.60
N THR E 399 -39.75 2.67 -26.01
CA THR E 399 -40.52 2.28 -27.19
C THR E 399 -41.00 0.83 -27.07
N LYS E 410 -45.02 -4.18 -25.19
CA LYS E 410 -44.33 -4.24 -26.47
C LYS E 410 -42.81 -4.55 -26.33
N VAL E 411 -42.27 -4.49 -25.11
CA VAL E 411 -40.87 -4.83 -24.87
C VAL E 411 -40.80 -6.17 -24.16
N PRO E 412 -40.11 -7.15 -24.78
CA PRO E 412 -40.14 -8.49 -24.23
C PRO E 412 -39.30 -8.55 -22.94
N ASP E 413 -39.27 -9.71 -22.30
CA ASP E 413 -38.48 -9.89 -21.10
C ASP E 413 -37.00 -9.80 -21.46
N ILE E 414 -36.26 -9.01 -20.68
CA ILE E 414 -34.82 -8.92 -20.71
C ILE E 414 -34.36 -9.18 -19.28
N ILE E 415 -33.82 -10.38 -19.07
CA ILE E 415 -33.56 -10.91 -17.74
C ILE E 415 -32.07 -11.15 -17.56
N TYR E 416 -31.54 -10.58 -16.47
CA TYR E 416 -30.13 -10.60 -16.09
C TYR E 416 -30.01 -11.48 -14.87
N GLU E 417 -28.84 -12.07 -14.71
CA GLU E 417 -28.57 -12.93 -13.60
C GLU E 417 -27.57 -12.24 -12.66
N LEU E 418 -27.89 -12.20 -11.38
CA LEU E 418 -27.08 -11.51 -10.41
C LEU E 418 -25.82 -12.32 -10.17
N ILE E 419 -24.64 -11.81 -10.49
CA ILE E 419 -23.42 -12.66 -10.33
C ILE E 419 -22.41 -12.17 -9.28
N GLY E 420 -22.71 -11.01 -8.70
CA GLY E 420 -21.78 -10.35 -7.78
C GLY E 420 -22.32 -9.11 -7.06
N ILE E 421 -21.83 -8.94 -5.84
CA ILE E 421 -22.23 -7.90 -4.91
C ILE E 421 -21.01 -7.31 -4.21
N VAL E 422 -20.96 -6.00 -4.07
CA VAL E 422 -20.01 -5.39 -3.14
C VAL E 422 -20.79 -4.68 -2.05
N SER E 423 -20.45 -5.00 -0.82
CA SER E 423 -21.08 -4.48 0.38
C SER E 423 -20.13 -3.77 1.34
N HIS E 424 -20.68 -2.79 2.04
CA HIS E 424 -19.95 -2.14 3.10
C HIS E 424 -20.52 -2.47 4.45
N LYS E 425 -19.68 -2.88 5.38
CA LYS E 425 -20.06 -2.90 6.79
C LYS E 425 -18.81 -2.52 7.57
N GLY E 426 -18.91 -1.74 8.65
CA GLY E 426 -20.13 -1.13 9.17
C GLY E 426 -19.95 0.37 9.13
N THR E 427 -19.19 0.95 10.07
CA THR E 427 -19.12 2.42 10.18
C THR E 427 -18.31 3.06 9.06
N VAL E 428 -18.67 4.29 8.74
CA VAL E 428 -18.11 5.00 7.58
C VAL E 428 -16.59 5.09 7.55
N ASN E 429 -15.94 5.10 8.70
CA ASN E 429 -14.50 5.33 8.79
C ASN E 429 -13.69 4.14 9.33
N GLU E 430 -14.37 3.20 9.96
CA GLU E 430 -13.73 1.99 10.51
C GLU E 430 -14.33 0.73 9.85
N GLY E 431 -14.91 0.89 8.67
CA GLY E 431 -15.64 -0.21 8.03
C GLY E 431 -14.79 -0.84 6.96
N HIS E 432 -15.28 -1.93 6.39
CA HIS E 432 -14.62 -2.59 5.25
C HIS E 432 -15.62 -3.01 4.21
N TYR E 433 -15.14 -3.09 2.97
CA TYR E 433 -15.96 -3.55 1.86
C TYR E 433 -15.79 -5.04 1.71
N ILE E 434 -16.89 -5.76 1.53
CA ILE E 434 -16.84 -7.20 1.26
C ILE E 434 -17.43 -7.46 -0.13
N ALA E 435 -16.79 -8.36 -0.88
CA ALA E 435 -17.28 -8.75 -2.20
C ALA E 435 -17.92 -10.12 -2.05
N PHE E 436 -18.97 -10.38 -2.86
CA PHE E 436 -19.54 -11.72 -3.06
C PHE E 436 -19.65 -12.01 -4.55
N CYS E 437 -19.44 -13.28 -4.90
CA CYS E 437 -19.44 -13.68 -6.30
C CYS E 437 -20.02 -15.07 -6.48
N LYS E 438 -20.98 -15.18 -7.39
CA LYS E 438 -21.44 -16.47 -7.86
C LYS E 438 -20.36 -17.04 -8.80
N ILE E 439 -19.92 -18.27 -8.56
CA ILE E 439 -19.10 -18.97 -9.56
C ILE E 439 -19.93 -20.07 -10.27
N SER E 440 -19.36 -20.60 -11.35
CA SER E 440 -20.06 -21.58 -12.17
C SER E 440 -20.71 -22.67 -11.29
N GLY E 441 -21.88 -23.11 -11.70
CA GLY E 441 -22.57 -24.13 -10.93
C GLY E 441 -23.38 -23.57 -9.78
N GLY E 442 -23.14 -22.31 -9.41
CA GLY E 442 -24.04 -21.56 -8.53
C GLY E 442 -23.59 -21.32 -7.10
N GLN E 443 -22.35 -21.65 -6.77
CA GLN E 443 -21.85 -21.39 -5.43
C GLN E 443 -21.50 -19.95 -5.32
N TRP E 444 -21.81 -19.38 -4.16
CA TRP E 444 -21.44 -18.04 -3.80
C TRP E 444 -20.28 -18.06 -2.86
N PHE E 445 -19.42 -17.08 -3.02
CA PHE E 445 -18.31 -16.95 -2.15
C PHE E 445 -18.24 -15.53 -1.59
N LYS E 446 -17.70 -15.42 -0.38
CA LYS E 446 -17.55 -14.18 0.35
C LYS E 446 -16.05 -13.90 0.41
N PHE E 447 -15.65 -12.74 -0.10
CA PHE E 447 -14.26 -12.32 -0.12
C PHE E 447 -14.03 -11.14 0.79
N ASN E 448 -13.29 -11.42 1.85
CA ASN E 448 -13.01 -10.52 2.92
C ASN E 448 -11.49 -10.49 3.10
N ASP E 449 -10.79 -9.70 2.26
CA ASP E 449 -9.34 -9.87 2.02
C ASP E 449 -8.54 -10.26 3.28
N SER E 450 -7.89 -11.43 3.34
CA SER E 450 -7.74 -12.42 2.28
C SER E 450 -8.43 -13.73 2.70
N MET E 451 -9.49 -13.65 3.50
CA MET E 451 -10.24 -14.86 3.84
C MET E 451 -11.36 -15.05 2.82
N VAL E 452 -11.31 -16.16 2.06
CA VAL E 452 -12.42 -16.60 1.19
C VAL E 452 -13.27 -17.60 1.96
N SER E 453 -14.59 -17.48 1.87
CA SER E 453 -15.46 -18.47 2.52
C SER E 453 -16.74 -18.72 1.76
N SER E 454 -17.26 -19.93 1.93
CA SER E 454 -18.46 -20.39 1.24
C SER E 454 -19.64 -19.63 1.80
N ILE E 455 -20.74 -19.51 1.06
CA ILE E 455 -21.91 -18.81 1.61
C ILE E 455 -23.19 -19.09 0.83
N SER E 456 -24.28 -19.26 1.54
CA SER E 456 -25.55 -19.62 0.93
C SER E 456 -25.99 -18.43 0.13
N GLN E 457 -26.95 -18.65 -0.76
CA GLN E 457 -27.57 -17.59 -1.52
C GLN E 457 -28.63 -16.92 -0.66
N GLU E 458 -29.22 -17.66 0.26
CA GLU E 458 -30.31 -17.13 1.04
C GLU E 458 -29.78 -16.05 1.92
N GLU E 459 -28.48 -16.19 2.26
CA GLU E 459 -27.72 -15.19 3.04
C GLU E 459 -27.13 -14.07 2.21
N VAL E 460 -26.56 -14.40 1.05
CA VAL E 460 -26.07 -13.36 0.16
C VAL E 460 -27.15 -12.33 -0.11
N LEU E 461 -28.42 -12.79 -0.24
CA LEU E 461 -29.57 -11.89 -0.47
C LEU E 461 -29.93 -11.02 0.75
N LYS E 462 -29.54 -11.45 1.95
CA LYS E 462 -29.76 -10.62 3.15
C LYS E 462 -28.79 -9.40 3.30
N GLU E 463 -27.68 -9.39 2.57
CA GLU E 463 -26.74 -8.24 2.56
C GLU E 463 -27.36 -6.88 2.19
N GLN E 464 -26.83 -5.80 2.74
CA GLN E 464 -27.20 -4.48 2.26
C GLN E 464 -26.25 -4.16 1.13
N ALA E 465 -26.76 -4.20 -0.09
CA ALA E 465 -25.92 -4.14 -1.26
C ALA E 465 -25.51 -2.72 -1.49
N TYR E 466 -24.26 -2.53 -1.87
CA TYR E 466 -23.77 -1.27 -2.33
C TYR E 466 -23.60 -1.31 -3.85
N LEU E 467 -22.83 -2.28 -4.36
CA LEU E 467 -22.78 -2.47 -5.83
C LEU E 467 -23.42 -3.81 -6.17
N LEU E 468 -24.11 -3.88 -7.31
CA LEU E 468 -24.67 -5.15 -7.78
C LEU E 468 -24.27 -5.37 -9.19
N PHE E 469 -23.81 -6.59 -9.49
CA PHE E 469 -23.37 -6.97 -10.84
C PHE E 469 -24.32 -7.98 -11.41
N TYR E 470 -24.85 -7.66 -12.59
CA TYR E 470 -25.86 -8.45 -13.29
C TYR E 470 -25.40 -8.78 -14.71
N THR E 471 -25.64 -10.02 -15.16
CA THR E 471 -25.16 -10.47 -16.47
C THR E 471 -26.29 -11.05 -17.27
N ILE E 472 -26.35 -10.64 -18.54
CA ILE E 472 -27.47 -10.91 -19.40
C ILE E 472 -27.67 -12.39 -19.65
N ARG E 473 -28.88 -12.86 -19.33
CA ARG E 473 -29.20 -14.28 -19.22
C ARG E 473 -30.27 -14.64 -20.24
N GLN E 474 -31.37 -13.88 -20.27
CA GLN E 474 -32.40 -14.18 -21.25
C GLN E 474 -32.92 -12.96 -21.96
N VAL E 475 -32.98 -13.01 -23.29
CA VAL E 475 -33.59 -11.95 -24.09
C VAL E 475 -34.64 -12.53 -25.06
N ASN E 476 -35.92 -12.29 -24.74
CA ASN E 476 -37.07 -12.71 -25.54
C ASN E 476 -37.36 -11.73 -26.65
N ALA F 6 48.64 40.46 46.64
CA ALA F 6 47.47 39.59 46.33
C ALA F 6 47.25 39.59 44.82
N GLN F 7 46.04 39.19 44.41
CA GLN F 7 45.63 39.12 42.99
C GLN F 7 46.48 38.10 42.20
N LEU F 8 46.26 36.83 42.54
CA LEU F 8 46.97 35.70 41.92
C LEU F 8 46.00 34.67 41.38
N LYS F 9 44.74 34.71 41.83
CA LYS F 9 43.63 33.87 41.32
C LYS F 9 43.69 33.50 39.83
N SER F 10 44.12 34.43 38.99
CA SER F 10 44.35 34.20 37.56
C SER F 10 45.48 33.20 37.33
N GLN F 11 46.46 33.24 38.23
CA GLN F 11 47.69 32.47 38.14
C GLN F 11 47.49 31.04 38.67
N ILE F 12 46.55 30.87 39.60
CA ILE F 12 46.08 29.53 39.97
C ILE F 12 45.44 28.91 38.73
N GLN F 13 44.49 29.63 38.17
CA GLN F 13 43.80 29.22 36.95
C GLN F 13 44.78 28.80 35.89
N GLN F 14 45.82 29.60 35.67
CA GLN F 14 46.87 29.25 34.71
C GLN F 14 47.43 27.85 34.96
N TYR F 15 47.75 27.52 36.20
CA TYR F 15 48.39 26.23 36.46
C TYR F 15 47.38 25.07 36.35
N LEU F 16 46.15 25.30 36.76
CA LEU F 16 45.09 24.32 36.53
C LEU F 16 44.97 23.97 35.05
N VAL F 17 44.83 24.99 34.21
CA VAL F 17 44.74 24.76 32.77
C VAL F 17 45.99 24.01 32.31
N GLU F 18 47.15 24.55 32.63
CA GLU F 18 48.42 23.94 32.20
C GLU F 18 48.67 22.50 32.73
N SER F 19 48.18 22.16 33.92
CA SER F 19 48.24 20.77 34.38
C SER F 19 47.19 19.84 33.73
N GLY F 20 46.03 20.40 33.36
CA GLY F 20 44.93 19.62 32.74
C GLY F 20 43.72 19.45 33.64
N ASN F 21 43.83 19.92 34.86
CA ASN F 21 42.77 19.75 35.86
C ASN F 21 41.65 20.74 35.64
N TYR F 22 41.93 21.81 34.88
CA TYR F 22 40.90 22.77 34.58
C TYR F 22 39.83 22.08 33.73
N GLU F 23 40.29 21.39 32.68
CA GLU F 23 39.45 20.49 31.89
C GLU F 23 38.64 19.50 32.75
N LEU F 24 39.34 18.75 33.61
CA LEU F 24 38.65 17.76 34.45
C LEU F 24 37.51 18.43 35.14
N ILE F 25 37.83 19.52 35.82
CA ILE F 25 36.83 20.26 36.58
C ILE F 25 35.65 20.62 35.73
N SER F 26 35.97 21.21 34.57
CA SER F 26 34.99 21.77 33.64
C SER F 26 34.05 20.67 33.17
N ASN F 27 34.63 19.57 32.73
CA ASN F 27 33.87 18.49 32.19
C ASN F 27 33.05 17.73 33.20
N GLU F 28 33.58 17.57 34.41
CA GLU F 28 32.85 16.86 35.45
C GLU F 28 31.63 17.69 35.75
N LEU F 29 31.79 19.00 35.72
CA LEU F 29 30.66 19.87 35.93
C LEU F 29 29.59 19.77 34.85
N LYS F 30 29.96 19.95 33.58
CA LYS F 30 29.00 19.82 32.50
C LYS F 30 28.28 18.44 32.50
N ALA F 31 29.03 17.37 32.74
CA ALA F 31 28.46 16.05 32.76
C ALA F 31 27.40 15.95 33.85
N ARG F 32 27.73 16.48 35.03
CA ARG F 32 26.77 16.47 36.15
C ARG F 32 25.56 17.31 35.89
N LEU F 33 25.75 18.46 35.26
CA LEU F 33 24.66 19.41 35.06
C LEU F 33 23.70 18.89 33.99
N LEU F 34 24.27 18.23 32.99
CA LEU F 34 23.51 17.69 31.90
C LEU F 34 22.59 16.64 32.46
N GLN F 35 23.17 15.69 33.20
CA GLN F 35 22.47 14.50 33.68
C GLN F 35 21.46 14.85 34.72
N GLU F 36 21.72 15.91 35.44
CA GLU F 36 20.78 16.39 36.43
C GLU F 36 19.52 17.01 35.81
N GLY F 37 19.58 17.31 34.50
CA GLY F 37 18.52 18.04 33.81
C GLY F 37 18.64 19.57 33.91
N TRP F 38 19.76 20.04 34.43
CA TRP F 38 19.90 21.45 34.72
C TRP F 38 19.96 22.19 33.45
N VAL F 39 20.80 21.70 32.53
CA VAL F 39 20.96 22.39 31.24
C VAL F 39 19.63 22.66 30.56
N ASP F 40 18.73 21.69 30.63
CA ASP F 40 17.44 21.85 29.99
C ASP F 40 16.50 22.81 30.72
N LYS F 41 16.50 22.76 32.06
CA LYS F 41 15.73 23.72 32.83
C LYS F 41 16.21 25.17 32.55
N VAL F 42 17.51 25.39 32.45
CA VAL F 42 18.01 26.72 32.09
C VAL F 42 17.60 27.12 30.68
N LYS F 43 17.46 26.17 29.77
CA LYS F 43 16.99 26.49 28.42
C LYS F 43 15.51 26.84 28.42
N ASP F 44 14.71 26.03 29.10
CA ASP F 44 13.27 26.24 29.21
C ASP F 44 12.93 27.51 29.99
N LEU F 45 13.66 27.75 31.08
CA LEU F 45 13.56 29.00 31.83
C LEU F 45 13.82 30.22 30.95
N THR F 46 14.86 30.15 30.13
CA THR F 46 15.16 31.22 29.18
C THR F 46 14.01 31.42 28.21
N LYS F 47 13.33 30.34 27.80
CA LYS F 47 12.19 30.50 26.89
C LYS F 47 11.04 31.18 27.61
N SER F 48 10.90 30.84 28.88
CA SER F 48 9.78 31.34 29.68
C SER F 48 9.95 32.83 29.84
N GLU F 49 11.21 33.25 29.99
CA GLU F 49 11.53 34.65 30.22
C GLU F 49 11.41 35.50 28.95
N MET F 50 11.91 35.02 27.82
CA MET F 50 11.68 35.71 26.55
C MET F 50 10.18 35.89 26.36
N ASN F 51 9.41 34.84 26.61
CA ASN F 51 7.99 34.93 26.29
C ASN F 51 7.23 35.92 27.16
N ILE F 52 7.28 35.75 28.49
CA ILE F 52 6.57 36.68 29.40
C ILE F 52 7.10 38.14 29.39
N ASN F 53 8.28 38.38 28.80
CA ASN F 53 8.80 39.77 28.58
C ASN F 53 8.87 40.25 27.10
N GLU F 54 8.07 39.67 26.20
CA GLU F 54 8.01 40.12 24.81
C GLU F 54 9.41 40.48 24.24
N SER F 55 10.45 39.73 24.58
CA SER F 55 11.82 40.17 24.27
C SER F 55 12.84 39.06 24.03
N THR F 56 13.82 39.34 23.17
CA THR F 56 14.98 38.44 22.95
C THR F 56 16.32 39.15 23.19
N ASN F 57 16.29 40.26 23.93
CA ASN F 57 17.49 41.01 24.30
C ASN F 57 18.29 40.24 25.32
N PHE F 58 19.46 39.78 24.90
CA PHE F 58 20.35 39.03 25.76
C PHE F 58 20.52 39.67 27.15
N THR F 59 21.12 40.86 27.19
CA THR F 59 21.47 41.53 28.45
C THR F 59 20.29 41.56 29.41
N GLN F 60 19.10 41.84 28.89
CA GLN F 60 17.90 41.92 29.70
C GLN F 60 17.45 40.55 30.18
N ILE F 61 17.47 39.55 29.31
CA ILE F 61 17.00 38.21 29.69
C ILE F 61 17.97 37.59 30.68
N LEU F 62 19.26 37.70 30.38
CA LEU F 62 20.31 37.31 31.30
C LEU F 62 20.09 37.88 32.70
N SER F 63 19.71 39.15 32.82
CA SER F 63 19.44 39.73 34.15
C SER F 63 18.43 38.86 34.91
N THR F 64 17.39 38.44 34.19
CA THR F 64 16.28 37.69 34.75
C THR F 64 16.57 36.19 34.97
N VAL F 65 17.51 35.63 34.18
CA VAL F 65 17.82 34.18 34.18
C VAL F 65 19.02 33.71 35.04
N GLU F 66 20.19 34.34 34.89
CA GLU F 66 21.42 33.97 35.63
C GLU F 66 21.20 33.73 37.13
N PRO F 67 20.40 34.57 37.79
CA PRO F 67 20.27 34.33 39.24
C PRO F 67 19.45 33.08 39.59
N LYS F 68 18.33 32.86 38.91
CA LYS F 68 17.54 31.65 39.16
C LYS F 68 18.34 30.41 38.72
N ALA F 69 19.18 30.55 37.69
CA ALA F 69 20.00 29.42 37.17
C ALA F 69 21.13 29.01 38.12
N LEU F 70 21.62 29.96 38.92
CA LEU F 70 22.62 29.68 39.92
C LEU F 70 21.98 29.03 41.14
N GLU F 71 20.79 29.50 41.52
CA GLU F 71 20.01 28.91 42.62
C GLU F 71 19.70 27.41 42.35
N MET F 72 19.41 27.08 41.08
CA MET F 72 19.03 25.73 40.69
C MET F 72 20.12 24.64 40.82
N VAL F 73 21.39 24.95 40.52
CA VAL F 73 22.47 23.95 40.63
C VAL F 73 22.39 23.12 41.94
N SER F 74 22.20 21.80 41.79
CA SER F 74 21.91 20.93 42.93
C SER F 74 23.06 20.92 43.88
N ASP F 75 22.72 20.68 45.13
CA ASP F 75 23.66 20.91 46.18
C ASP F 75 24.74 19.85 46.11
N SER F 76 24.41 18.65 45.63
CA SER F 76 25.46 17.63 45.40
C SER F 76 26.43 18.00 44.27
N THR F 77 25.93 18.69 43.25
CA THR F 77 26.85 19.10 42.21
C THR F 77 27.80 20.15 42.74
N ARG F 78 27.27 21.14 43.47
CA ARG F 78 28.08 22.16 44.13
CA ARG F 78 28.12 22.16 44.10
C ARG F 78 29.17 21.51 45.02
N GLU F 79 28.71 20.81 46.06
CA GLU F 79 29.61 20.15 47.01
C GLU F 79 30.65 19.31 46.26
N THR F 80 30.20 18.32 45.48
CA THR F 80 31.13 17.42 44.80
C THR F 80 32.18 18.18 44.02
N VAL F 81 31.71 19.12 43.20
CA VAL F 81 32.60 19.86 42.34
C VAL F 81 33.53 20.82 43.10
N LEU F 82 33.02 21.45 44.15
CA LEU F 82 33.84 22.33 45.01
C LEU F 82 34.86 21.51 45.76
N LYS F 83 34.46 20.33 46.19
CA LYS F 83 35.36 19.38 46.84
C LYS F 83 36.52 18.99 45.93
N GLN F 84 36.24 18.90 44.62
CA GLN F 84 37.25 18.48 43.65
C GLN F 84 38.26 19.59 43.47
N ILE F 85 37.76 20.82 43.47
CA ILE F 85 38.59 22.01 43.29
C ILE F 85 39.42 22.23 44.54
N ARG F 86 38.76 22.17 45.69
CA ARG F 86 39.44 22.10 46.99
C ARG F 86 40.75 21.34 46.86
N GLU F 87 40.68 20.13 46.32
CA GLU F 87 41.80 19.18 46.30
C GLU F 87 42.94 19.56 45.35
N PHE F 88 42.60 19.99 44.14
CA PHE F 88 43.64 20.46 43.20
C PHE F 88 44.41 21.69 43.70
N LEU F 89 43.85 22.43 44.66
CA LEU F 89 44.53 23.57 45.28
C LEU F 89 45.44 23.16 46.45
N GLU F 90 44.96 22.28 47.34
CA GLU F 90 45.83 21.65 48.35
C GLU F 90 47.14 21.19 47.68
N GLU F 91 47.06 20.80 46.41
CA GLU F 91 48.22 20.37 45.64
C GLU F 91 49.26 21.48 45.43
N ILE F 92 48.80 22.64 44.96
CA ILE F 92 49.68 23.76 44.49
C ILE F 92 49.71 25.05 45.34
N VAL F 93 48.68 25.30 46.14
CA VAL F 93 48.67 26.41 47.11
C VAL F 93 49.11 25.88 48.45
N ASP F 94 49.57 26.77 49.34
CA ASP F 94 50.02 26.35 50.68
C ASP F 94 49.45 27.13 51.86
N THR F 95 49.50 26.46 53.01
CA THR F 95 48.71 26.76 54.20
C THR F 95 49.01 28.15 54.74
N GLU G 3 36.36 42.94 46.80
CA GLU G 3 36.23 41.44 46.83
C GLU G 3 36.51 40.85 48.23
N GLU G 4 36.19 39.57 48.39
CA GLU G 4 36.22 38.85 49.67
C GLU G 4 37.63 38.31 49.97
N THR G 5 37.92 38.10 51.25
CA THR G 5 39.27 37.66 51.68
C THR G 5 39.64 36.29 51.08
N ILE G 6 40.80 36.25 50.45
CA ILE G 6 41.15 35.16 49.54
C ILE G 6 41.45 33.82 50.24
N THR G 7 40.45 33.24 50.91
CA THR G 7 40.56 31.89 51.49
C THR G 7 40.64 30.82 50.36
N ILE G 8 40.92 29.56 50.71
CA ILE G 8 40.90 28.44 49.75
C ILE G 8 39.47 28.16 49.32
N ASP G 9 38.52 28.37 50.23
CA ASP G 9 37.09 28.24 49.93
C ASP G 9 36.63 29.44 49.13
N SER G 10 37.45 30.48 49.09
CA SER G 10 37.14 31.70 48.35
C SER G 10 37.43 31.53 46.87
N ILE G 11 38.62 31.07 46.50
CA ILE G 11 38.90 30.95 45.07
C ILE G 11 38.05 29.82 44.47
N SER G 12 37.96 28.71 45.18
CA SER G 12 37.12 27.57 44.83
C SER G 12 35.71 28.01 44.48
N ASN G 13 35.07 28.79 45.33
CA ASN G 13 33.77 29.36 44.98
C ASN G 13 33.86 30.26 43.75
N GLY G 14 34.94 31.00 43.64
CA GLY G 14 35.14 31.89 42.51
C GLY G 14 35.32 31.17 41.19
N ILE G 15 35.91 29.96 41.24
CA ILE G 15 36.21 29.21 40.01
C ILE G 15 35.00 28.47 39.52
N LEU G 16 34.24 27.93 40.46
CA LEU G 16 32.94 27.33 40.18
C LEU G 16 32.01 28.38 39.60
N ASN G 17 31.99 29.53 40.27
CA ASN G 17 31.18 30.65 39.84
C ASN G 17 31.50 31.03 38.40
N ASN G 18 32.77 31.03 38.07
CA ASN G 18 33.19 31.44 36.73
C ASN G 18 32.68 30.46 35.70
N LEU G 19 32.79 29.16 36.00
CA LEU G 19 32.35 28.12 35.07
C LEU G 19 30.84 28.14 34.88
N LEU G 20 30.09 28.29 35.96
CA LEU G 20 28.63 28.32 35.89
C LEU G 20 28.18 29.50 35.04
N THR G 21 28.59 30.69 35.44
CA THR G 21 28.21 31.91 34.73
C THR G 21 28.60 31.84 33.26
N THR G 22 29.85 31.45 32.94
CA THR G 22 30.24 31.31 31.53
C THR G 22 29.26 30.39 30.79
N LEU G 23 28.93 29.28 31.47
CA LEU G 23 28.02 28.28 30.93
C LEU G 23 26.60 28.82 30.79
N ILE G 24 26.05 29.39 31.85
CA ILE G 24 24.72 29.98 31.77
C ILE G 24 24.63 30.95 30.60
N GLN G 25 25.62 31.81 30.47
CA GLN G 25 25.63 32.85 29.44
C GLN G 25 25.70 32.28 28.04
N ASP G 26 26.44 31.18 27.87
CA ASP G 26 26.46 30.43 26.62
C ASP G 26 25.07 29.89 26.28
N ILE G 27 24.43 29.26 27.24
CA ILE G 27 23.11 28.68 27.04
C ILE G 27 22.10 29.79 26.70
N VAL G 28 22.11 30.90 27.45
CA VAL G 28 21.21 32.03 27.18
C VAL G 28 21.50 32.65 25.79
N ALA G 29 22.77 32.83 25.42
CA ALA G 29 23.14 33.42 24.12
C ALA G 29 22.52 32.65 22.97
N ARG G 30 22.66 31.32 23.01
CA ARG G 30 22.11 30.48 21.96
C ARG G 30 20.58 30.45 21.88
N GLU G 31 19.87 30.66 22.99
CA GLU G 31 18.41 30.70 22.94
C GLU G 31 17.86 32.08 22.50
N THR G 32 18.49 33.14 22.94
CA THR G 32 18.07 34.45 22.50
C THR G 32 18.34 34.60 21.00
N THR G 33 19.53 34.25 20.52
CA THR G 33 19.83 34.43 19.10
C THR G 33 18.90 33.60 18.21
N GLN G 34 18.56 32.38 18.61
CA GLN G 34 17.64 31.53 17.82
C GLN G 34 16.25 32.11 17.72
N GLN G 35 15.73 32.59 18.84
CA GLN G 35 14.39 33.21 18.88
C GLN G 35 14.35 34.44 18.02
N GLN G 36 15.37 35.28 18.16
CA GLN G 36 15.53 36.49 17.35
C GLN G 36 15.62 36.25 15.85
N LEU G 37 16.23 35.13 15.43
CA LEU G 37 16.31 34.79 14.03
C LEU G 37 14.97 34.26 13.54
N LEU G 38 14.32 33.43 14.35
CA LEU G 38 13.00 32.91 13.98
C LEU G 38 11.96 34.03 13.96
N LYS G 39 11.95 34.88 14.98
CA LYS G 39 10.99 35.96 15.05
C LYS G 39 11.14 36.96 13.90
N THR G 40 12.33 37.19 13.36
CA THR G 40 12.48 38.18 12.27
C THR G 40 12.29 37.50 10.91
N ARG G 41 12.74 36.25 10.79
CA ARG G 41 12.49 35.47 9.58
C ARG G 41 11.02 35.08 9.30
N TYR G 42 10.26 34.78 10.35
CA TYR G 42 8.88 34.29 10.24
C TYR G 42 7.99 35.15 11.10
N PRO G 43 7.54 36.29 10.56
CA PRO G 43 6.77 37.22 11.37
C PRO G 43 5.56 36.61 12.07
N ASP G 44 4.86 35.68 11.42
CA ASP G 44 3.63 35.11 11.98
C ASP G 44 3.76 33.64 12.41
N LEU G 45 4.59 33.39 13.44
CA LEU G 45 4.80 32.04 13.99
C LEU G 45 3.55 31.46 14.67
N ALA H 6 40.45 28.26 56.25
CA ALA H 6 41.90 28.15 55.88
C ALA H 6 42.25 29.22 54.84
N GLU H 7 43.02 30.25 55.24
CA GLU H 7 43.32 31.44 54.40
C GLU H 7 44.56 31.31 53.48
N ILE H 8 44.38 31.60 52.19
CA ILE H 8 45.43 31.36 51.16
C ILE H 8 46.65 32.24 51.33
N LYS H 9 47.80 31.62 51.62
CA LYS H 9 49.02 32.39 51.84
C LYS H 9 49.89 32.52 50.58
N GLY H 10 49.47 31.94 49.46
CA GLY H 10 50.19 32.11 48.19
C GLY H 10 50.50 30.79 47.52
N ILE H 11 51.06 30.87 46.31
CA ILE H 11 51.48 29.68 45.53
C ILE H 11 52.75 29.05 46.08
N LYS H 12 52.76 27.72 46.17
CA LYS H 12 53.97 26.96 46.51
C LYS H 12 55.07 27.30 45.50
N PRO H 13 56.15 27.97 45.95
CA PRO H 13 57.19 28.35 44.98
C PRO H 13 57.64 27.18 44.12
N LYS H 14 57.80 26.02 44.73
CA LYS H 14 58.19 24.81 44.02
C LYS H 14 57.20 24.39 42.92
N VAL H 15 55.98 24.91 42.94
CA VAL H 15 55.05 24.68 41.81
C VAL H 15 55.35 25.60 40.63
N ILE H 16 55.75 26.84 40.88
CA ILE H 16 56.10 27.79 39.80
C ILE H 16 57.39 27.32 39.08
N GLU H 17 57.66 26.01 39.11
CA GLU H 17 58.82 25.39 38.47
C GLU H 17 58.43 24.60 37.21
N GLU H 18 57.17 24.17 37.13
CA GLU H 18 56.55 23.74 35.87
C GLU H 18 56.52 24.89 34.85
N TYR H 19 56.39 26.12 35.37
CA TYR H 19 56.11 27.36 34.61
C TYR H 19 57.17 27.67 33.55
N SER H 20 56.73 28.30 32.47
CA SER H 20 57.61 28.83 31.41
C SER H 20 56.79 29.70 30.40
N LEU H 21 57.19 30.95 30.20
CA LEU H 21 56.46 31.91 29.33
C LEU H 21 57.41 32.99 28.81
N ASP H 30 49.78 39.43 23.59
CA ASP H 30 49.29 38.24 22.90
C ASP H 30 47.91 38.55 22.32
N SER H 31 47.76 38.32 21.01
CA SER H 31 46.53 38.64 20.28
C SER H 31 45.82 37.39 19.71
N TRP H 32 44.50 37.29 19.87
CA TRP H 32 43.81 36.07 19.46
C TRP H 32 44.09 35.71 18.01
N LYS H 33 44.35 36.70 17.16
CA LYS H 33 44.54 36.45 15.73
C LYS H 33 45.80 35.66 15.39
N SER H 34 46.74 35.58 16.33
CA SER H 34 47.98 34.87 16.06
C SER H 34 47.87 33.40 16.43
N LEU H 35 46.64 32.89 16.54
CA LEU H 35 46.44 31.47 16.80
C LEU H 35 46.25 30.71 15.49
N MET H 36 45.93 31.44 14.41
CA MET H 36 45.72 30.81 13.10
C MET H 36 46.87 29.95 12.62
N SER H 37 48.09 30.21 13.14
CA SER H 37 49.28 29.42 12.83
C SER H 37 49.04 27.97 13.19
N SER H 38 48.79 27.72 14.49
CA SER H 38 48.57 26.36 14.98
C SER H 38 47.18 25.86 14.58
N ALA H 39 46.18 26.75 14.61
CA ALA H 39 44.81 26.37 14.28
C ALA H 39 44.74 25.69 12.91
N LYS H 40 45.44 26.26 11.92
CA LYS H 40 45.44 25.73 10.55
C LYS H 40 46.00 24.33 10.48
N ASP H 41 46.65 23.88 11.55
CA ASP H 41 47.25 22.55 11.61
C ASP H 41 46.75 21.68 12.77
N THR H 42 45.83 22.21 13.57
CA THR H 42 45.01 21.35 14.43
C THR H 42 43.85 20.77 13.58
N PRO H 43 43.47 19.51 13.87
CA PRO H 43 42.24 18.99 13.30
C PRO H 43 41.05 19.33 14.17
N LEU H 44 39.87 19.28 13.57
CA LEU H 44 38.63 19.67 14.18
C LEU H 44 38.50 19.19 15.66
N GLN H 45 38.24 20.12 16.58
CA GLN H 45 38.05 19.83 18.00
C GLN H 45 36.60 20.11 18.35
N TYR H 46 36.13 19.50 19.42
CA TYR H 46 34.77 19.70 19.94
C TYR H 46 34.89 20.26 21.36
N ASP H 47 33.95 21.10 21.75
CA ASP H 47 34.00 21.71 23.08
C ASP H 47 33.88 20.70 24.22
N HIS H 48 33.08 19.64 24.05
CA HIS H 48 32.87 18.74 25.14
C HIS H 48 32.70 17.30 24.71
N MET H 49 33.62 16.92 23.85
CA MET H 49 33.87 15.55 23.54
C MET H 49 35.36 15.48 23.41
N ASN H 50 36.02 15.08 24.48
CA ASN H 50 37.47 14.98 24.54
C ASN H 50 38.13 14.10 23.46
N ARG H 51 39.08 14.68 22.74
CA ARG H 51 39.71 14.00 21.62
C ARG H 51 40.42 12.66 21.94
N GLU H 52 40.90 12.47 23.17
CA GLU H 52 41.55 11.19 23.50
C GLU H 52 40.52 10.10 23.74
N SER H 53 39.47 10.42 24.48
CA SER H 53 38.38 9.47 24.71
C SER H 53 37.65 9.05 23.42
N LEU H 54 37.43 10.02 22.51
CA LEU H 54 36.93 9.76 21.16
C LEU H 54 37.81 8.79 20.40
N LYS H 55 39.10 9.12 20.30
CA LYS H 55 40.12 8.25 19.67
C LYS H 55 40.06 6.82 20.25
N LYS H 56 39.81 6.73 21.56
CA LYS H 56 39.86 5.49 22.33
C LYS H 56 38.56 4.67 22.25
N TYR H 57 37.42 5.27 22.61
CA TYR H 57 36.15 4.56 22.72
C TYR H 57 35.23 4.75 21.52
N PHE H 58 35.63 5.52 20.52
CA PHE H 58 34.80 5.68 19.33
C PHE H 58 35.63 5.20 18.14
N ASN H 59 35.01 4.98 17.01
CA ASN H 59 35.74 4.56 15.81
C ASN H 59 36.60 5.70 15.16
N PRO H 60 37.71 5.34 14.50
CA PRO H 60 38.57 6.37 13.86
C PRO H 60 37.87 7.23 12.80
N ASN H 61 36.81 6.71 12.14
CA ASN H 61 36.04 7.42 11.07
C ASN H 61 34.67 8.01 11.53
N ALA H 62 34.41 7.99 12.84
CA ALA H 62 33.13 8.38 13.40
C ALA H 62 32.69 9.71 12.88
N GLN H 63 31.44 9.87 12.53
CA GLN H 63 30.94 11.20 12.25
C GLN H 63 30.51 11.75 13.56
N LEU H 64 30.64 13.04 13.78
CA LEU H 64 30.14 13.63 15.01
C LEU H 64 29.54 15.00 14.77
N ILE H 65 28.39 15.27 15.41
CA ILE H 65 27.77 16.58 15.42
C ILE H 65 27.54 16.84 16.90
N GLU H 66 28.30 17.80 17.43
CA GLU H 66 28.18 18.19 18.81
C GLU H 66 26.88 18.94 18.97
N ASP H 67 26.20 18.70 20.09
CA ASP H 67 24.94 19.38 20.42
C ASP H 67 24.00 19.51 19.25
N PRO H 68 23.68 18.38 18.61
CA PRO H 68 22.92 18.41 17.37
C PRO H 68 21.47 18.92 17.47
N LEU H 69 20.86 18.96 18.65
CA LEU H 69 19.54 19.57 18.75
C LEU H 69 19.59 21.00 19.31
N ASP H 70 20.80 21.58 19.37
CA ASP H 70 21.00 22.94 19.89
C ASP H 70 20.19 24.00 19.13
N LYS H 71 20.37 24.06 17.82
CA LYS H 71 19.59 24.96 16.96
C LYS H 71 19.04 24.16 15.75
N PRO H 72 18.07 24.73 15.01
CA PRO H 72 17.54 24.02 13.85
C PRO H 72 18.58 23.67 12.79
N ILE H 73 18.21 22.77 11.89
CA ILE H 73 19.11 22.42 10.82
C ILE H 73 19.24 23.70 9.99
N GLN H 74 20.48 24.05 9.68
CA GLN H 74 20.79 25.19 8.88
C GLN H 74 20.84 24.70 7.45
N TYR H 75 19.88 25.19 6.64
CA TYR H 75 19.83 24.88 5.21
C TYR H 75 19.07 25.96 4.43
N ARG H 76 19.06 25.79 3.11
CA ARG H 76 18.36 26.73 2.21
C ARG H 76 17.81 25.91 1.08
N VAL H 77 16.74 26.41 0.48
CA VAL H 77 15.98 25.66 -0.50
C VAL H 77 16.18 26.27 -1.89
N CYS H 78 16.51 25.42 -2.88
CA CYS H 78 16.69 25.85 -4.29
C CYS H 78 15.41 26.44 -4.85
N GLU H 79 15.51 27.58 -5.52
CA GLU H 79 14.33 28.25 -6.08
C GLU H 79 13.74 27.41 -7.19
N LYS H 80 14.58 26.70 -7.94
CA LYS H 80 14.11 25.94 -9.10
C LYS H 80 13.75 24.47 -8.76
N CYS H 81 14.71 23.72 -8.21
CA CYS H 81 14.51 22.33 -7.72
C CYS H 81 13.45 22.23 -6.67
N GLY H 82 13.55 23.10 -5.65
CA GLY H 82 12.83 22.93 -4.37
C GLY H 82 13.58 22.10 -3.32
N LYS H 83 14.72 21.52 -3.71
CA LYS H 83 15.56 20.68 -2.87
C LYS H 83 16.11 21.44 -1.68
N PRO H 84 16.08 20.83 -0.47
CA PRO H 84 16.70 21.48 0.66
C PRO H 84 18.21 21.23 0.61
N LEU H 85 18.99 22.30 0.76
CA LEU H 85 20.44 22.22 0.62
C LEU H 85 21.18 22.62 1.89
N ALA H 86 22.11 21.76 2.29
CA ALA H 86 23.04 22.06 3.34
C ALA H 86 23.92 23.20 2.88
N LEU H 87 24.23 24.15 3.76
CA LEU H 87 25.07 25.32 3.39
C LEU H 87 26.33 24.99 2.59
N THR H 88 27.07 23.96 3.00
CA THR H 88 28.27 23.56 2.27
C THR H 88 27.93 22.82 0.99
N ALA H 89 26.66 22.62 0.71
CA ALA H 89 26.25 21.94 -0.51
C ALA H 89 25.76 22.97 -1.54
N ILE H 90 25.22 24.08 -1.03
CA ILE H 90 24.61 25.08 -1.87
C ILE H 90 25.40 25.45 -3.11
N VAL H 91 26.67 25.85 -2.99
CA VAL H 91 27.39 26.33 -4.17
C VAL H 91 27.58 25.25 -5.24
N ASP H 92 27.76 24.00 -4.86
CA ASP H 92 27.96 22.97 -5.90
C ASP H 92 26.70 22.67 -6.69
N HIS H 93 25.54 22.83 -6.04
CA HIS H 93 24.27 22.62 -6.70
C HIS H 93 24.11 23.63 -7.79
N LEU H 94 24.42 24.89 -7.46
CA LEU H 94 24.28 25.97 -8.42
C LEU H 94 25.32 25.87 -9.51
N GLU H 95 26.57 25.60 -9.14
CA GLU H 95 27.72 25.67 -10.06
C GLU H 95 27.63 24.67 -11.21
N ASN H 96 27.13 23.49 -10.88
CA ASN H 96 26.96 22.44 -11.86
C ASN H 96 25.70 21.59 -11.58
ZN ZN I . -20.94 -46.22 -24.57
ZN ZN J . -40.42 -39.79 -31.51
ZN ZN K . -28.41 -42.92 -37.70
ZN ZN L . 28.77 0.69 4.76
ZN ZN M . 19.56 6.85 -6.07
ZN ZN N . 42.48 -23.03 32.41
ZN ZN O . 3.50 -20.08 -22.69
ZN ZN P . 0.37 -4.14 -20.53
ZN ZN Q . -13.15 1.78 -24.73
ZN ZN R . 37.78 40.79 32.92
ZN ZN S . -47.56 15.23 -32.50
ZN ZN T . 39.57 45.98 19.89
ZN ZN U . 24.30 47.40 17.63
ZN ZN V . 18.01 23.21 -7.76
#